data_2CSH
#
_entry.id   2CSH
#
loop_
_entity.id
_entity.type
_entity.pdbx_description
1 polymer 'Zinc finger protein 297B'
2 non-polymer 'ZINC ION'
#
_entity_poly.entity_id   1
_entity_poly.type   'polypeptide(L)'
_entity_poly.pdbx_seq_one_letter_code
;GSSGSSGDKLYPCQCGKSFTHKSQRDRHMSMHLGLRPYGCGVCGKKFKMKHHLVGHMKIHTGIKPYECNICAKRFMWRDS
FHRHVTSCTKSYEAAKAEQNTTEASGPSSG
;
_entity_poly.pdbx_strand_id   A
#
# COMPACT_ATOMS: atom_id res chain seq x y z
N GLY A 1 39.69 -10.24 22.51
CA GLY A 1 38.92 -9.81 21.36
C GLY A 1 39.80 -9.35 20.22
N SER A 2 40.28 -10.30 19.43
CA SER A 2 41.15 -9.99 18.30
C SER A 2 40.38 -9.24 17.22
N SER A 3 39.22 -9.79 16.83
CA SER A 3 38.39 -9.17 15.81
C SER A 3 37.02 -9.85 15.75
N GLY A 4 36.09 -9.23 15.03
CA GLY A 4 34.75 -9.77 14.91
C GLY A 4 34.09 -9.41 13.60
N SER A 5 33.05 -10.14 13.24
CA SER A 5 32.33 -9.89 11.99
C SER A 5 30.85 -10.27 12.13
N SER A 6 30.00 -9.60 11.35
CA SER A 6 28.57 -9.86 11.39
C SER A 6 27.85 -9.07 10.31
N GLY A 7 26.59 -9.43 10.06
CA GLY A 7 25.81 -8.73 9.06
C GLY A 7 24.64 -7.97 9.65
N ASP A 8 23.43 -8.27 9.17
CA ASP A 8 22.23 -7.61 9.65
C ASP A 8 21.02 -8.54 9.55
N LYS A 9 20.29 -8.67 10.66
CA LYS A 9 19.11 -9.52 10.70
C LYS A 9 17.84 -8.70 10.51
N LEU A 10 16.98 -9.15 9.61
CA LEU A 10 15.73 -8.47 9.34
C LEU A 10 14.60 -9.46 9.03
N TYR A 11 13.42 -8.94 8.73
CA TYR A 11 12.27 -9.78 8.43
C TYR A 11 11.57 -9.30 7.16
N PRO A 12 11.66 -10.12 6.10
CA PRO A 12 11.04 -9.80 4.81
C PRO A 12 9.52 -9.89 4.86
N CYS A 13 8.86 -9.04 4.06
CA CYS A 13 7.40 -9.01 4.03
C CYS A 13 6.89 -9.48 2.66
N GLN A 14 5.61 -9.83 2.60
CA GLN A 14 4.99 -10.29 1.36
C GLN A 14 5.24 -9.28 0.24
N CYS A 15 5.05 -8.00 0.54
CA CYS A 15 5.26 -6.94 -0.45
C CYS A 15 6.71 -6.90 -0.91
N GLY A 16 7.63 -7.26 -0.02
CA GLY A 16 9.04 -7.25 -0.36
C GLY A 16 9.87 -6.50 0.65
N LYS A 17 9.24 -5.56 1.36
CA LYS A 17 9.93 -4.76 2.35
C LYS A 17 10.50 -5.64 3.46
N SER A 18 11.37 -5.06 4.29
CA SER A 18 11.98 -5.79 5.39
C SER A 18 11.94 -4.98 6.68
N PHE A 19 11.43 -5.59 7.74
CA PHE A 19 11.33 -4.93 9.03
C PHE A 19 12.36 -5.48 10.02
N THR A 20 12.61 -4.73 11.09
CA THR A 20 13.57 -5.15 12.10
C THR A 20 13.00 -6.24 12.98
N HIS A 21 11.68 -6.20 13.20
CA HIS A 21 11.02 -7.20 14.04
C HIS A 21 10.02 -8.01 13.22
N LYS A 22 9.60 -9.15 13.75
CA LYS A 22 8.65 -10.02 13.07
C LYS A 22 7.23 -9.46 13.19
N SER A 23 6.91 -8.90 14.36
CA SER A 23 5.60 -8.33 14.60
C SER A 23 5.33 -7.15 13.67
N GLN A 24 6.39 -6.40 13.35
CA GLN A 24 6.26 -5.24 12.47
C GLN A 24 6.05 -5.68 11.03
N ARG A 25 6.64 -6.82 10.67
CA ARG A 25 6.51 -7.35 9.32
C ARG A 25 5.19 -8.09 9.14
N ASP A 26 4.73 -8.71 10.22
CA ASP A 26 3.48 -9.46 10.18
C ASP A 26 2.29 -8.54 9.95
N ARG A 27 2.19 -7.50 10.78
CA ARG A 27 1.10 -6.54 10.66
C ARG A 27 0.98 -6.03 9.22
N HIS A 28 2.10 -5.96 8.52
CA HIS A 28 2.12 -5.48 7.14
C HIS A 28 1.64 -6.58 6.19
N MET A 29 1.74 -7.83 6.64
CA MET A 29 1.32 -8.97 5.82
C MET A 29 -0.19 -9.15 5.89
N SER A 30 -0.74 -9.07 7.10
CA SER A 30 -2.18 -9.24 7.29
C SER A 30 -2.96 -8.13 6.59
N MET A 31 -2.39 -6.93 6.60
CA MET A 31 -3.02 -5.77 5.96
C MET A 31 -3.08 -5.96 4.45
N HIS A 32 -2.04 -6.57 3.89
CA HIS A 32 -1.98 -6.81 2.45
C HIS A 32 -3.25 -7.50 1.96
N LEU A 33 -3.58 -8.63 2.58
CA LEU A 33 -4.78 -9.39 2.20
C LEU A 33 -5.97 -8.45 2.00
N GLY A 34 -7.02 -8.98 1.38
CA GLY A 34 -8.22 -8.19 1.15
C GLY A 34 -9.21 -8.26 2.30
N LEU A 35 -9.44 -7.13 2.95
CA LEU A 35 -10.37 -7.07 4.07
C LEU A 35 -11.69 -6.43 3.65
N ARG A 36 -11.60 -5.20 3.15
CA ARG A 36 -12.80 -4.47 2.72
C ARG A 36 -12.58 -3.87 1.33
N PRO A 37 -13.68 -3.77 0.56
CA PRO A 37 -13.63 -3.21 -0.79
C PRO A 37 -13.38 -1.71 -0.80
N TYR A 38 -13.67 -1.07 0.33
CA TYR A 38 -13.47 0.38 0.45
C TYR A 38 -12.31 0.69 1.40
N GLY A 39 -11.34 1.44 0.91
CA GLY A 39 -10.19 1.79 1.72
C GLY A 39 -9.82 3.26 1.59
N CYS A 40 -9.59 3.91 2.74
CA CYS A 40 -9.23 5.33 2.75
C CYS A 40 -7.75 5.50 2.41
N GLY A 41 -7.48 5.97 1.20
CA GLY A 41 -6.11 6.18 0.78
C GLY A 41 -5.54 7.50 1.27
N VAL A 42 -5.98 7.92 2.46
CA VAL A 42 -5.52 9.16 3.05
C VAL A 42 -4.90 8.93 4.43
N CYS A 43 -5.56 8.10 5.23
CA CYS A 43 -5.08 7.79 6.57
C CYS A 43 -4.72 6.30 6.69
N GLY A 44 -5.52 5.45 6.05
CA GLY A 44 -5.27 4.02 6.10
C GLY A 44 -6.42 3.26 6.71
N LYS A 45 -7.64 3.76 6.53
CA LYS A 45 -8.83 3.12 7.08
C LYS A 45 -9.54 2.29 6.01
N LYS A 46 -10.60 1.60 6.41
CA LYS A 46 -11.36 0.77 5.50
C LYS A 46 -12.80 0.59 5.99
N PHE A 47 -13.70 0.30 5.07
CA PHE A 47 -15.11 0.10 5.41
C PHE A 47 -15.75 -0.92 4.48
N LYS A 48 -16.67 -1.72 5.03
CA LYS A 48 -17.37 -2.73 4.24
C LYS A 48 -18.30 -2.09 3.23
N MET A 49 -19.06 -1.09 3.66
CA MET A 49 -19.99 -0.40 2.79
C MET A 49 -19.36 0.89 2.25
N LYS A 50 -19.98 1.44 1.21
CA LYS A 50 -19.50 2.68 0.60
C LYS A 50 -19.89 3.89 1.43
N HIS A 51 -21.08 3.85 2.01
CA HIS A 51 -21.57 4.94 2.84
C HIS A 51 -20.82 5.01 4.16
N HIS A 52 -20.33 3.86 4.62
CA HIS A 52 -19.59 3.78 5.87
C HIS A 52 -18.24 4.48 5.75
N LEU A 53 -17.73 4.56 4.53
CA LEU A 53 -16.44 5.20 4.27
C LEU A 53 -16.61 6.71 4.14
N VAL A 54 -17.67 7.13 3.46
CA VAL A 54 -17.95 8.55 3.27
C VAL A 54 -18.01 9.29 4.59
N GLY A 55 -18.80 8.75 5.52
CA GLY A 55 -18.94 9.37 6.83
C GLY A 55 -17.60 9.60 7.51
N HIS A 56 -16.55 8.97 6.96
CA HIS A 56 -15.21 9.11 7.52
C HIS A 56 -14.34 9.98 6.63
N MET A 57 -14.49 9.82 5.32
CA MET A 57 -13.71 10.59 4.35
C MET A 57 -13.94 12.09 4.54
N LYS A 58 -15.09 12.44 5.10
CA LYS A 58 -15.43 13.84 5.35
C LYS A 58 -14.42 14.49 6.28
N ILE A 59 -13.54 13.68 6.86
CA ILE A 59 -12.52 14.17 7.77
C ILE A 59 -11.26 14.60 7.02
N HIS A 60 -11.12 14.11 5.79
CA HIS A 60 -9.96 14.43 4.97
C HIS A 60 -10.34 15.42 3.86
N THR A 61 -11.57 15.28 3.36
CA THR A 61 -12.06 16.16 2.30
C THR A 61 -11.54 17.58 2.47
N GLY A 62 -11.35 18.28 1.36
CA GLY A 62 -10.86 19.64 1.40
C GLY A 62 -10.06 20.02 0.18
N ILE A 63 -10.26 21.23 -0.32
CA ILE A 63 -9.55 21.70 -1.50
C ILE A 63 -8.09 21.99 -1.18
N LYS A 64 -7.21 21.73 -2.14
CA LYS A 64 -5.79 21.96 -1.97
C LYS A 64 -5.34 23.17 -2.77
N PRO A 65 -5.29 24.34 -2.11
CA PRO A 65 -4.87 25.59 -2.74
C PRO A 65 -3.38 25.61 -3.07
N TYR A 66 -2.61 24.82 -2.32
CA TYR A 66 -1.16 24.75 -2.54
C TYR A 66 -0.78 23.45 -3.24
N GLU A 67 -0.04 23.57 -4.33
CA GLU A 67 0.40 22.41 -5.09
C GLU A 67 1.86 22.54 -5.51
N CYS A 68 2.57 21.43 -5.51
CA CYS A 68 3.98 21.41 -5.89
C CYS A 68 4.16 21.79 -7.35
N ASN A 69 5.41 21.88 -7.79
CA ASN A 69 5.71 22.25 -9.17
C ASN A 69 6.33 21.06 -9.91
N ILE A 70 7.14 20.28 -9.21
CA ILE A 70 7.79 19.12 -9.80
C ILE A 70 6.84 17.93 -9.87
N CYS A 71 6.40 17.47 -8.70
CA CYS A 71 5.49 16.34 -8.61
C CYS A 71 4.04 16.81 -8.69
N ALA A 72 3.84 18.12 -8.65
CA ALA A 72 2.50 18.70 -8.72
C ALA A 72 1.61 18.13 -7.63
N LYS A 73 2.21 17.76 -6.50
CA LYS A 73 1.47 17.19 -5.38
C LYS A 73 0.54 18.24 -4.77
N ARG A 74 -0.50 17.77 -4.08
CA ARG A 74 -1.46 18.67 -3.44
C ARG A 74 -1.32 18.62 -1.92
N PHE A 75 -1.35 19.78 -1.29
CA PHE A 75 -1.24 19.87 0.16
C PHE A 75 -2.20 20.91 0.73
N MET A 76 -2.94 20.53 1.76
CA MET A 76 -3.89 21.44 2.39
C MET A 76 -3.18 22.39 3.35
N TRP A 77 -2.19 21.87 4.06
CA TRP A 77 -1.44 22.67 5.02
C TRP A 77 -0.37 23.51 4.32
N ARG A 78 0.00 24.63 4.92
CA ARG A 78 1.01 25.51 4.35
C ARG A 78 2.41 25.05 4.73
N ASP A 79 2.67 24.96 6.02
CA ASP A 79 3.98 24.54 6.52
C ASP A 79 4.46 23.30 5.77
N SER A 80 3.58 22.31 5.66
CA SER A 80 3.91 21.06 4.98
C SER A 80 4.08 21.29 3.49
N PHE A 81 3.21 22.11 2.92
CA PHE A 81 3.25 22.41 1.50
C PHE A 81 4.63 22.95 1.09
N HIS A 82 5.03 24.05 1.72
CA HIS A 82 6.32 24.65 1.43
C HIS A 82 7.47 23.77 1.92
N ARG A 83 7.30 23.21 3.11
CA ARG A 83 8.32 22.35 3.70
C ARG A 83 8.70 21.23 2.73
N HIS A 84 7.72 20.70 2.03
CA HIS A 84 7.94 19.63 1.06
C HIS A 84 8.51 20.17 -0.24
N VAL A 85 7.78 21.08 -0.87
CA VAL A 85 8.21 21.68 -2.12
C VAL A 85 9.66 22.14 -2.04
N THR A 86 10.03 22.73 -0.90
CA THR A 86 11.39 23.21 -0.69
C THR A 86 12.41 22.14 -1.07
N SER A 87 12.19 20.93 -0.60
CA SER A 87 13.10 19.82 -0.88
C SER A 87 12.82 19.22 -2.25
N CYS A 88 11.55 18.97 -2.53
CA CYS A 88 11.14 18.40 -3.81
C CYS A 88 11.90 19.04 -4.96
N THR A 89 12.26 20.32 -4.79
CA THR A 89 12.98 21.05 -5.81
C THR A 89 14.49 20.84 -5.67
N LYS A 90 14.98 20.92 -4.44
CA LYS A 90 16.40 20.73 -4.17
C LYS A 90 17.00 19.69 -5.12
N SER A 91 16.36 18.53 -5.19
CA SER A 91 16.84 17.46 -6.06
C SER A 91 16.66 17.82 -7.53
N TYR A 92 15.48 18.33 -7.86
CA TYR A 92 15.19 18.72 -9.24
C TYR A 92 16.26 19.65 -9.78
N GLU A 93 16.70 20.59 -8.96
CA GLU A 93 17.73 21.54 -9.36
C GLU A 93 18.99 20.82 -9.79
N ALA A 94 19.42 19.85 -9.00
CA ALA A 94 20.62 19.08 -9.30
C ALA A 94 20.59 18.55 -10.73
N ALA A 95 19.41 18.10 -11.16
CA ALA A 95 19.24 17.56 -12.51
C ALA A 95 19.11 18.69 -13.53
N LYS A 96 18.50 19.79 -13.12
CA LYS A 96 18.30 20.94 -14.00
C LYS A 96 19.54 21.16 -14.87
N ALA A 97 20.71 21.06 -14.26
CA ALA A 97 21.97 21.25 -14.99
C ALA A 97 21.84 22.36 -16.02
N GLU A 98 21.13 23.42 -15.67
CA GLU A 98 20.94 24.55 -16.57
C GLU A 98 22.22 24.86 -17.34
N GLN A 99 23.33 24.93 -16.61
CA GLN A 99 24.62 25.22 -17.22
C GLN A 99 25.69 24.26 -16.72
N ASN A 100 25.33 22.98 -16.59
CA ASN A 100 26.26 21.96 -16.12
C ASN A 100 26.46 20.88 -17.18
N THR A 101 27.51 21.04 -17.98
CA THR A 101 27.82 20.08 -19.03
C THR A 101 28.39 18.78 -18.44
N THR A 102 27.87 17.65 -18.90
CA THR A 102 28.33 16.35 -18.43
C THR A 102 29.55 15.88 -19.20
N GLU A 103 30.74 16.24 -18.69
CA GLU A 103 31.98 15.86 -19.34
C GLU A 103 32.41 14.47 -18.90
N ALA A 104 32.79 13.64 -19.87
CA ALA A 104 33.23 12.27 -19.59
C ALA A 104 34.11 12.23 -18.36
N SER A 105 34.25 11.04 -17.77
CA SER A 105 35.06 10.85 -16.58
C SER A 105 36.45 10.35 -16.94
N GLY A 106 37.39 10.51 -16.01
CA GLY A 106 38.75 10.07 -16.25
C GLY A 106 38.93 8.58 -16.02
N PRO A 107 39.51 7.88 -17.02
CA PRO A 107 39.74 6.44 -16.94
C PRO A 107 40.82 6.08 -15.93
N SER A 108 41.08 4.79 -15.77
CA SER A 108 42.09 4.30 -14.84
C SER A 108 43.02 3.30 -15.51
N SER A 109 44.31 3.62 -15.51
CA SER A 109 45.31 2.75 -16.12
C SER A 109 45.72 1.64 -15.15
N GLY A 110 45.12 1.63 -13.97
CA GLY A 110 45.44 0.62 -12.97
C GLY A 110 46.29 1.16 -11.85
N GLY A 1 39.75 -4.24 6.52
CA GLY A 1 38.84 -4.60 7.60
C GLY A 1 39.55 -5.29 8.74
N SER A 2 39.06 -5.07 9.95
CA SER A 2 39.67 -5.67 11.14
C SER A 2 38.71 -6.67 11.79
N SER A 3 37.48 -6.23 12.04
CA SER A 3 36.47 -7.08 12.66
C SER A 3 35.09 -6.44 12.57
N GLY A 4 34.06 -7.21 12.93
CA GLY A 4 32.71 -6.70 12.88
C GLY A 4 32.17 -6.34 14.25
N SER A 5 31.69 -5.12 14.39
CA SER A 5 31.14 -4.65 15.67
C SER A 5 29.94 -5.48 16.08
N SER A 6 28.93 -5.53 15.21
CA SER A 6 27.72 -6.29 15.49
C SER A 6 26.88 -6.45 14.23
N GLY A 7 26.10 -7.53 14.17
CA GLY A 7 25.26 -7.78 13.03
C GLY A 7 23.80 -7.50 13.29
N ASP A 8 22.98 -7.51 12.25
CA ASP A 8 21.56 -7.26 12.38
C ASP A 8 20.74 -8.23 11.54
N LYS A 9 19.44 -8.27 11.78
CA LYS A 9 18.55 -9.16 11.04
C LYS A 9 17.20 -8.49 10.77
N LEU A 10 16.50 -8.98 9.75
CA LEU A 10 15.20 -8.43 9.40
C LEU A 10 14.26 -9.53 8.91
N TYR A 11 13.02 -9.16 8.63
CA TYR A 11 12.02 -10.11 8.16
C TYR A 11 11.44 -9.68 6.82
N PRO A 12 11.56 -10.57 5.81
CA PRO A 12 11.05 -10.30 4.47
C PRO A 12 9.53 -10.30 4.41
N CYS A 13 8.97 -9.19 3.93
CA CYS A 13 7.53 -9.05 3.83
C CYS A 13 7.05 -9.42 2.43
N GLN A 14 5.77 -9.77 2.32
CA GLN A 14 5.17 -10.15 1.04
C GLN A 14 5.38 -9.06 0.00
N CYS A 15 5.19 -7.80 0.43
CA CYS A 15 5.35 -6.67 -0.48
C CYS A 15 6.79 -6.56 -0.97
N GLY A 16 7.73 -7.03 -0.14
CA GLY A 16 9.13 -6.98 -0.51
C GLY A 16 9.98 -6.29 0.53
N LYS A 17 9.36 -5.39 1.29
CA LYS A 17 10.07 -4.66 2.34
C LYS A 17 10.56 -5.61 3.43
N SER A 18 11.43 -5.11 4.30
CA SER A 18 11.97 -5.91 5.40
C SER A 18 11.96 -5.13 6.71
N PHE A 19 11.32 -5.70 7.72
CA PHE A 19 11.24 -5.05 9.03
C PHE A 19 12.18 -5.72 10.03
N THR A 20 12.68 -4.94 10.97
CA THR A 20 13.60 -5.45 11.99
C THR A 20 12.86 -6.29 13.02
N HIS A 21 11.56 -6.00 13.20
CA HIS A 21 10.74 -6.72 14.16
C HIS A 21 9.71 -7.59 13.44
N LYS A 22 9.58 -8.83 13.87
CA LYS A 22 8.63 -9.77 13.27
C LYS A 22 7.20 -9.21 13.39
N SER A 23 6.91 -8.55 14.50
CA SER A 23 5.59 -7.99 14.72
C SER A 23 5.26 -6.94 13.67
N GLN A 24 6.26 -6.14 13.31
CA GLN A 24 6.07 -5.08 12.31
C GLN A 24 5.88 -5.69 10.93
N ARG A 25 6.50 -6.83 10.69
CA ARG A 25 6.40 -7.51 9.40
C ARG A 25 5.06 -8.22 9.27
N ASP A 26 4.63 -8.88 10.34
CA ASP A 26 3.36 -9.60 10.34
C ASP A 26 2.19 -8.64 10.08
N ARG A 27 2.12 -7.58 10.87
CA ARG A 27 1.06 -6.60 10.72
C ARG A 27 0.99 -6.06 9.29
N HIS A 28 2.16 -5.99 8.66
CA HIS A 28 2.24 -5.49 7.29
C HIS A 28 1.83 -6.57 6.29
N MET A 29 1.98 -7.83 6.68
CA MET A 29 1.62 -8.95 5.82
C MET A 29 0.13 -9.23 5.91
N SER A 30 -0.42 -9.13 7.11
CA SER A 30 -1.84 -9.37 7.32
C SER A 30 -2.69 -8.28 6.68
N MET A 31 -2.19 -7.06 6.71
CA MET A 31 -2.90 -5.92 6.13
C MET A 31 -2.96 -6.03 4.62
N HIS A 32 -1.94 -6.65 4.03
CA HIS A 32 -1.88 -6.83 2.58
C HIS A 32 -3.15 -7.52 2.07
N LEU A 33 -3.52 -8.62 2.70
CA LEU A 33 -4.71 -9.37 2.31
C LEU A 33 -5.97 -8.55 2.54
N GLY A 34 -7.07 -8.98 1.94
CA GLY A 34 -8.33 -8.27 2.09
C GLY A 34 -8.45 -7.08 1.15
N LEU A 35 -7.35 -6.35 1.00
CA LEU A 35 -7.34 -5.17 0.12
C LEU A 35 -7.00 -5.57 -1.31
N ARG A 36 -7.04 -4.61 -2.21
CA ARG A 36 -6.74 -4.86 -3.62
C ARG A 36 -5.76 -3.82 -4.16
N PRO A 37 -5.07 -4.17 -5.26
CA PRO A 37 -4.10 -3.27 -5.89
C PRO A 37 -4.75 -2.07 -6.56
N TYR A 38 -6.03 -2.20 -6.87
CA TYR A 38 -6.78 -1.13 -7.51
C TYR A 38 -7.71 -0.43 -6.52
N GLY A 39 -7.27 0.73 -6.03
CA GLY A 39 -8.08 1.47 -5.08
C GLY A 39 -8.52 2.82 -5.62
N CYS A 40 -9.78 3.16 -5.39
CA CYS A 40 -10.31 4.44 -5.86
C CYS A 40 -9.94 5.58 -4.90
N GLY A 41 -8.97 6.39 -5.31
CA GLY A 41 -8.54 7.49 -4.48
C GLY A 41 -9.47 8.69 -4.58
N VAL A 42 -10.77 8.42 -4.64
CA VAL A 42 -11.76 9.48 -4.73
C VAL A 42 -12.87 9.30 -3.69
N CYS A 43 -13.35 8.06 -3.57
CA CYS A 43 -14.40 7.76 -2.61
C CYS A 43 -13.90 6.80 -1.53
N GLY A 44 -13.03 5.88 -1.93
CA GLY A 44 -12.47 4.92 -0.99
C GLY A 44 -12.87 3.49 -1.32
N LYS A 45 -13.04 3.21 -2.60
CA LYS A 45 -13.42 1.87 -3.05
C LYS A 45 -12.18 1.08 -3.48
N LYS A 46 -12.40 -0.15 -3.92
CA LYS A 46 -11.32 -1.01 -4.36
C LYS A 46 -11.83 -2.10 -5.31
N PHE A 47 -10.93 -2.64 -6.12
CA PHE A 47 -11.29 -3.69 -7.07
C PHE A 47 -10.10 -4.60 -7.36
N LYS A 48 -10.39 -5.86 -7.68
CA LYS A 48 -9.34 -6.82 -7.97
C LYS A 48 -8.76 -6.60 -9.37
N MET A 49 -9.63 -6.36 -10.33
CA MET A 49 -9.20 -6.12 -11.71
C MET A 49 -9.19 -4.63 -12.02
N LYS A 50 -8.36 -4.23 -12.98
CA LYS A 50 -8.25 -2.83 -13.37
C LYS A 50 -9.53 -2.36 -14.05
N HIS A 51 -10.18 -3.27 -14.76
CA HIS A 51 -11.42 -2.95 -15.46
C HIS A 51 -12.59 -2.80 -14.48
N HIS A 52 -12.55 -3.60 -13.41
CA HIS A 52 -13.59 -3.56 -12.40
C HIS A 52 -13.63 -2.21 -11.70
N LEU A 53 -12.49 -1.52 -11.70
CA LEU A 53 -12.40 -0.21 -11.06
C LEU A 53 -12.93 0.89 -11.99
N VAL A 54 -12.57 0.79 -13.27
CA VAL A 54 -13.01 1.77 -14.26
C VAL A 54 -14.53 1.92 -14.24
N GLY A 55 -15.23 0.82 -14.55
CA GLY A 55 -16.68 0.85 -14.57
C GLY A 55 -17.26 1.67 -13.43
N HIS A 56 -16.52 1.76 -12.33
CA HIS A 56 -16.97 2.51 -11.16
C HIS A 56 -16.41 3.93 -11.19
N MET A 57 -15.14 4.05 -11.58
CA MET A 57 -14.49 5.35 -11.65
C MET A 57 -15.33 6.34 -12.46
N LYS A 58 -16.12 5.82 -13.39
CA LYS A 58 -16.97 6.66 -14.22
C LYS A 58 -17.90 7.52 -13.36
N ILE A 59 -18.08 7.12 -12.11
CA ILE A 59 -18.93 7.85 -11.19
C ILE A 59 -18.24 9.11 -10.68
N HIS A 60 -16.92 9.14 -10.81
CA HIS A 60 -16.14 10.29 -10.36
C HIS A 60 -15.62 11.10 -11.56
N THR A 61 -15.18 10.39 -12.59
CA THR A 61 -14.66 11.04 -13.79
C THR A 61 -15.44 12.30 -14.10
N GLY A 62 -14.70 13.36 -14.42
CA GLY A 62 -15.34 14.64 -14.74
C GLY A 62 -15.65 14.77 -16.22
N ILE A 63 -16.72 15.49 -16.53
CA ILE A 63 -17.13 15.69 -17.91
C ILE A 63 -15.92 15.80 -18.83
N LYS A 64 -15.95 15.07 -19.94
CA LYS A 64 -14.86 15.09 -20.90
C LYS A 64 -15.23 15.90 -22.13
N PRO A 65 -14.84 17.19 -22.13
CA PRO A 65 -15.13 18.10 -23.25
C PRO A 65 -14.33 17.76 -24.50
N TYR A 66 -13.50 16.71 -24.40
CA TYR A 66 -12.68 16.29 -25.53
C TYR A 66 -12.82 14.79 -25.76
N GLU A 67 -12.80 14.39 -27.03
CA GLU A 67 -12.92 12.98 -27.38
C GLU A 67 -12.15 12.67 -28.66
N CYS A 68 -11.61 11.46 -28.74
CA CYS A 68 -10.84 11.03 -29.90
C CYS A 68 -11.76 10.82 -31.11
N ASN A 69 -11.15 10.54 -32.26
CA ASN A 69 -11.91 10.31 -33.48
C ASN A 69 -11.83 8.85 -33.91
N ILE A 70 -10.65 8.26 -33.74
CA ILE A 70 -10.45 6.86 -34.11
C ILE A 70 -11.11 5.93 -33.10
N CYS A 71 -10.64 5.97 -31.86
CA CYS A 71 -11.18 5.13 -30.80
C CYS A 71 -12.34 5.84 -30.10
N ALA A 72 -12.48 7.13 -30.34
CA ALA A 72 -13.54 7.92 -29.74
C ALA A 72 -13.40 7.95 -28.21
N LYS A 73 -12.16 7.84 -27.74
CA LYS A 73 -11.90 7.86 -26.31
C LYS A 73 -12.25 9.21 -25.70
N ARG A 74 -12.48 9.23 -24.39
CA ARG A 74 -12.83 10.45 -23.69
C ARG A 74 -11.72 10.85 -22.72
N PHE A 75 -11.34 12.12 -22.75
CA PHE A 75 -10.30 12.64 -21.88
C PHE A 75 -10.77 13.89 -21.14
N MET A 76 -10.65 13.87 -19.82
CA MET A 76 -11.06 15.01 -19.01
C MET A 76 -10.15 16.22 -19.25
N TRP A 77 -8.85 15.96 -19.34
CA TRP A 77 -7.88 17.03 -19.58
C TRP A 77 -7.57 17.15 -21.06
N ARG A 78 -7.54 18.39 -21.55
CA ARG A 78 -7.25 18.64 -22.97
C ARG A 78 -5.86 18.14 -23.33
N ASP A 79 -4.85 18.61 -22.62
CA ASP A 79 -3.48 18.21 -22.86
C ASP A 79 -3.40 16.73 -23.23
N SER A 80 -4.13 15.90 -22.49
CA SER A 80 -4.13 14.47 -22.73
C SER A 80 -4.89 14.14 -24.02
N PHE A 81 -5.97 14.87 -24.27
CA PHE A 81 -6.78 14.66 -25.46
C PHE A 81 -5.94 14.81 -26.72
N HIS A 82 -5.48 16.04 -26.97
CA HIS A 82 -4.66 16.32 -28.15
C HIS A 82 -3.41 15.45 -28.16
N ARG A 83 -2.78 15.31 -27.00
CA ARG A 83 -1.57 14.50 -26.88
C ARG A 83 -1.81 13.08 -27.37
N HIS A 84 -2.91 12.48 -26.93
CA HIS A 84 -3.26 11.12 -27.33
C HIS A 84 -3.67 11.08 -28.80
N VAL A 85 -4.78 11.76 -29.12
CA VAL A 85 -5.28 11.79 -30.48
C VAL A 85 -4.14 11.90 -31.48
N THR A 86 -3.25 12.88 -31.27
CA THR A 86 -2.12 13.10 -32.16
C THR A 86 -1.44 11.77 -32.51
N SER A 87 -1.31 10.89 -31.52
CA SER A 87 -0.67 9.60 -31.73
C SER A 87 -1.69 8.58 -32.25
N CYS A 88 -2.89 8.60 -31.68
CA CYS A 88 -3.95 7.69 -32.09
C CYS A 88 -4.24 7.81 -33.58
N THR A 89 -3.92 8.98 -34.14
CA THR A 89 -4.15 9.22 -35.56
C THR A 89 -3.03 8.63 -36.41
N LYS A 90 -1.79 8.94 -36.05
CA LYS A 90 -0.63 8.44 -36.78
C LYS A 90 -0.89 7.04 -37.30
N SER A 91 -1.43 6.17 -36.44
CA SER A 91 -1.72 4.79 -36.83
C SER A 91 -2.83 4.75 -37.87
N TYR A 92 -3.92 5.45 -37.61
CA TYR A 92 -5.05 5.49 -38.53
C TYR A 92 -4.61 5.96 -39.91
N GLU A 93 -3.80 7.00 -39.93
CA GLU A 93 -3.30 7.56 -41.19
C GLU A 93 -2.60 6.49 -42.02
N ALA A 94 -1.71 5.74 -41.39
CA ALA A 94 -0.98 4.68 -42.08
C ALA A 94 -1.93 3.74 -42.80
N ALA A 95 -3.00 3.34 -42.11
CA ALA A 95 -3.99 2.43 -42.69
C ALA A 95 -4.72 3.09 -43.86
N LYS A 96 -5.09 4.35 -43.68
CA LYS A 96 -5.80 5.09 -44.73
C LYS A 96 -5.20 4.80 -46.10
N ALA A 97 -6.03 4.93 -47.13
CA ALA A 97 -5.58 4.67 -48.49
C ALA A 97 -5.30 3.19 -48.72
N GLU A 98 -6.06 2.34 -48.04
CA GLU A 98 -5.89 0.89 -48.16
C GLU A 98 -4.45 0.54 -48.47
N GLN A 99 -3.53 1.04 -47.63
CA GLN A 99 -2.11 0.78 -47.81
C GLN A 99 -1.75 0.73 -49.30
N ASN A 100 -2.09 1.79 -50.02
CA ASN A 100 -1.81 1.86 -51.45
C ASN A 100 -0.36 2.27 -51.70
N THR A 101 0.52 1.29 -51.78
CA THR A 101 1.94 1.53 -52.01
C THR A 101 2.56 0.44 -52.88
N THR A 102 3.75 0.71 -53.41
CA THR A 102 4.45 -0.25 -54.25
C THR A 102 5.21 -1.26 -53.41
N GLU A 103 4.55 -1.80 -52.39
CA GLU A 103 5.17 -2.78 -51.50
C GLU A 103 4.13 -3.74 -50.94
N ALA A 104 4.59 -4.91 -50.50
CA ALA A 104 3.70 -5.91 -49.94
C ALA A 104 4.00 -6.14 -48.46
N SER A 105 3.06 -6.78 -47.75
CA SER A 105 3.23 -7.04 -46.33
C SER A 105 2.10 -7.93 -45.81
N GLY A 106 2.45 -8.86 -44.92
CA GLY A 106 1.45 -9.75 -44.36
C GLY A 106 0.52 -9.05 -43.39
N PRO A 107 -0.78 -9.35 -43.51
CA PRO A 107 -1.81 -8.75 -42.65
C PRO A 107 -1.72 -9.26 -41.21
N SER A 108 -2.65 -8.80 -40.37
CA SER A 108 -2.67 -9.20 -38.97
C SER A 108 -4.10 -9.27 -38.45
N SER A 109 -4.34 -10.18 -37.51
CA SER A 109 -5.67 -10.36 -36.94
C SER A 109 -5.59 -11.09 -35.61
N GLY A 110 -6.65 -10.97 -34.81
CA GLY A 110 -6.67 -11.62 -33.51
C GLY A 110 -8.07 -11.70 -32.93
N GLY A 1 44.30 -19.66 9.85
CA GLY A 1 42.88 -19.92 9.75
C GLY A 1 42.04 -18.83 10.37
N SER A 2 40.72 -19.04 10.40
CA SER A 2 39.80 -18.07 10.97
C SER A 2 38.37 -18.60 10.99
N SER A 3 37.46 -17.82 11.55
CA SER A 3 36.06 -18.22 11.62
C SER A 3 35.19 -17.05 12.10
N GLY A 4 33.89 -17.12 11.79
CA GLY A 4 32.98 -16.08 12.19
C GLY A 4 31.76 -16.00 11.29
N SER A 5 30.82 -15.12 11.64
CA SER A 5 29.60 -14.96 10.87
C SER A 5 28.76 -13.80 11.41
N SER A 6 28.38 -12.90 10.53
CA SER A 6 27.57 -11.73 10.92
C SER A 6 26.69 -11.28 9.77
N GLY A 7 25.88 -10.25 10.02
CA GLY A 7 24.99 -9.73 8.99
C GLY A 7 23.63 -9.36 9.54
N ASP A 8 23.33 -8.06 9.54
CA ASP A 8 22.05 -7.58 10.04
C ASP A 8 20.92 -8.52 9.64
N LYS A 9 20.02 -8.80 10.59
CA LYS A 9 18.90 -9.68 10.34
C LYS A 9 17.60 -8.89 10.19
N LEU A 10 16.74 -9.34 9.28
CA LEU A 10 15.47 -8.67 9.04
C LEU A 10 14.40 -9.66 8.60
N TYR A 11 13.15 -9.23 8.61
CA TYR A 11 12.04 -10.08 8.21
C TYR A 11 11.44 -9.61 6.90
N PRO A 12 11.56 -10.45 5.85
CA PRO A 12 11.05 -10.14 4.52
C PRO A 12 9.52 -10.17 4.48
N CYS A 13 8.91 -9.10 3.97
CA CYS A 13 7.46 -9.00 3.88
C CYS A 13 6.98 -9.44 2.49
N GLN A 14 5.70 -9.76 2.40
CA GLN A 14 5.11 -10.19 1.13
C GLN A 14 5.25 -9.11 0.07
N CYS A 15 5.08 -7.86 0.48
CA CYS A 15 5.17 -6.73 -0.44
C CYS A 15 6.62 -6.56 -0.93
N GLY A 16 7.57 -6.92 -0.08
CA GLY A 16 8.97 -6.80 -0.45
C GLY A 16 9.80 -6.12 0.63
N LYS A 17 9.17 -5.23 1.37
CA LYS A 17 9.85 -4.50 2.45
C LYS A 17 10.32 -5.48 3.54
N SER A 18 11.27 -5.02 4.35
CA SER A 18 11.81 -5.84 5.43
C SER A 18 11.89 -5.05 6.72
N PHE A 19 11.37 -5.64 7.80
CA PHE A 19 11.38 -4.98 9.11
C PHE A 19 12.41 -5.63 10.03
N THR A 20 12.64 -5.00 11.18
CA THR A 20 13.60 -5.51 12.15
C THR A 20 12.98 -6.59 13.03
N HIS A 21 11.70 -6.43 13.33
CA HIS A 21 10.98 -7.38 14.17
C HIS A 21 9.98 -8.18 13.35
N LYS A 22 9.46 -9.25 13.93
CA LYS A 22 8.48 -10.10 13.25
C LYS A 22 7.09 -9.47 13.32
N SER A 23 6.76 -8.87 14.45
CA SER A 23 5.46 -8.24 14.64
C SER A 23 5.27 -7.09 13.65
N GLN A 24 6.27 -6.22 13.57
CA GLN A 24 6.21 -5.07 12.66
C GLN A 24 5.96 -5.52 11.23
N ARG A 25 6.56 -6.64 10.85
CA ARG A 25 6.40 -7.18 9.50
C ARG A 25 5.04 -7.87 9.36
N ASP A 26 4.62 -8.56 10.40
CA ASP A 26 3.34 -9.27 10.39
C ASP A 26 2.19 -8.30 10.15
N ARG A 27 2.11 -7.27 10.99
CA ARG A 27 1.05 -6.27 10.87
C ARG A 27 0.99 -5.71 9.46
N HIS A 28 2.14 -5.64 8.79
CA HIS A 28 2.21 -5.13 7.43
C HIS A 28 1.72 -6.16 6.43
N MET A 29 2.02 -7.43 6.70
CA MET A 29 1.61 -8.52 5.83
C MET A 29 0.09 -8.65 5.80
N SER A 30 -0.53 -8.64 6.98
CA SER A 30 -1.97 -8.77 7.10
C SER A 30 -2.67 -7.79 6.16
N MET A 31 -2.10 -6.60 6.02
CA MET A 31 -2.67 -5.57 5.15
C MET A 31 -2.90 -6.11 3.75
N HIS A 32 -1.95 -6.89 3.26
CA HIS A 32 -2.05 -7.48 1.93
C HIS A 32 -3.15 -8.54 1.88
N LEU A 33 -3.26 -9.33 2.94
CA LEU A 33 -4.27 -10.38 3.03
C LEU A 33 -5.53 -9.87 3.72
N GLY A 34 -6.50 -10.76 3.88
CA GLY A 34 -7.74 -10.37 4.53
C GLY A 34 -8.21 -11.41 5.55
N LEU A 35 -9.47 -11.30 5.96
CA LEU A 35 -10.03 -12.23 6.94
C LEU A 35 -11.23 -12.96 6.35
N ARG A 36 -10.95 -13.97 5.52
CA ARG A 36 -12.01 -14.76 4.89
C ARG A 36 -11.58 -16.22 4.75
N PRO A 37 -12.54 -17.14 4.90
CA PRO A 37 -12.29 -18.58 4.79
C PRO A 37 -11.98 -19.00 3.35
N TYR A 38 -12.43 -18.19 2.40
CA TYR A 38 -12.20 -18.49 0.98
C TYR A 38 -11.16 -17.54 0.39
N GLY A 39 -10.33 -18.06 -0.50
CA GLY A 39 -9.31 -17.26 -1.13
C GLY A 39 -8.98 -17.72 -2.54
N CYS A 40 -9.02 -16.78 -3.49
CA CYS A 40 -8.73 -17.10 -4.88
C CYS A 40 -7.23 -17.25 -5.11
N GLY A 41 -6.78 -18.49 -5.26
CA GLY A 41 -5.37 -18.76 -5.47
C GLY A 41 -4.96 -18.54 -6.92
N VAL A 42 -5.59 -17.57 -7.58
CA VAL A 42 -5.28 -17.27 -8.98
C VAL A 42 -4.93 -15.80 -9.16
N CYS A 43 -5.71 -14.93 -8.52
CA CYS A 43 -5.48 -13.49 -8.61
C CYS A 43 -5.10 -12.91 -7.25
N GLY A 44 -5.74 -13.42 -6.20
CA GLY A 44 -5.46 -12.94 -4.86
C GLY A 44 -6.66 -12.31 -4.20
N LYS A 45 -7.85 -12.78 -4.55
CA LYS A 45 -9.09 -12.25 -3.98
C LYS A 45 -9.59 -13.13 -2.85
N LYS A 46 -10.67 -12.71 -2.21
CA LYS A 46 -11.26 -13.46 -1.10
C LYS A 46 -12.75 -13.16 -0.98
N PHE A 47 -13.49 -14.10 -0.38
CA PHE A 47 -14.92 -13.94 -0.20
C PHE A 47 -15.37 -14.57 1.12
N LYS A 48 -16.41 -13.99 1.72
CA LYS A 48 -16.93 -14.49 2.98
C LYS A 48 -17.64 -15.83 2.78
N MET A 49 -18.46 -15.91 1.74
CA MET A 49 -19.20 -17.12 1.43
C MET A 49 -18.53 -17.90 0.31
N LYS A 50 -18.95 -19.15 0.11
CA LYS A 50 -18.38 -19.99 -0.93
C LYS A 50 -18.86 -19.56 -2.31
N HIS A 51 -20.18 -19.39 -2.44
CA HIS A 51 -20.76 -18.97 -3.71
C HIS A 51 -20.26 -17.59 -4.11
N HIS A 52 -20.05 -16.73 -3.13
CA HIS A 52 -19.57 -15.38 -3.37
C HIS A 52 -18.24 -15.40 -4.13
N LEU A 53 -17.46 -16.45 -3.89
CA LEU A 53 -16.16 -16.59 -4.55
C LEU A 53 -16.32 -17.21 -5.94
N VAL A 54 -17.25 -18.16 -6.05
CA VAL A 54 -17.50 -18.82 -7.33
C VAL A 54 -17.75 -17.81 -8.44
N GLY A 55 -18.79 -17.01 -8.28
CA GLY A 55 -19.12 -16.01 -9.28
C GLY A 55 -17.90 -15.28 -9.80
N HIS A 56 -16.85 -15.22 -8.98
CA HIS A 56 -15.61 -14.56 -9.36
C HIS A 56 -14.64 -15.54 -9.99
N MET A 57 -14.56 -16.74 -9.42
CA MET A 57 -13.66 -17.77 -9.92
C MET A 57 -13.94 -18.07 -11.39
N LYS A 58 -15.18 -17.79 -11.82
CA LYS A 58 -15.58 -18.04 -13.20
C LYS A 58 -14.70 -17.25 -14.17
N ILE A 59 -13.98 -16.27 -13.64
CA ILE A 59 -13.10 -15.44 -14.44
C ILE A 59 -11.74 -16.10 -14.64
N HIS A 60 -11.46 -17.10 -13.82
CA HIS A 60 -10.20 -17.83 -13.89
C HIS A 60 -10.41 -19.25 -14.41
N THR A 61 -11.54 -19.46 -15.09
CA THR A 61 -11.86 -20.78 -15.63
C THR A 61 -12.23 -20.68 -17.12
N GLY A 62 -11.72 -21.62 -17.91
CA GLY A 62 -12.00 -21.63 -19.33
C GLY A 62 -13.27 -22.39 -19.67
N ILE A 63 -14.02 -21.90 -20.63
CA ILE A 63 -15.26 -22.54 -21.05
C ILE A 63 -15.00 -23.58 -22.14
N LYS A 64 -15.53 -24.79 -21.94
CA LYS A 64 -15.36 -25.87 -22.91
C LYS A 64 -16.62 -26.05 -23.74
N PRO A 65 -16.62 -25.46 -24.95
CA PRO A 65 -17.75 -25.55 -25.88
C PRO A 65 -17.92 -26.96 -26.44
N TYR A 66 -17.08 -27.88 -26.00
CA TYR A 66 -17.14 -29.26 -26.47
C TYR A 66 -16.97 -30.24 -25.31
N GLU A 67 -17.81 -31.27 -25.29
CA GLU A 67 -17.75 -32.27 -24.23
C GLU A 67 -18.09 -33.65 -24.78
N CYS A 68 -17.30 -34.65 -24.39
CA CYS A 68 -17.52 -36.02 -24.85
C CYS A 68 -18.91 -36.51 -24.46
N ASN A 69 -19.27 -37.69 -24.94
CA ASN A 69 -20.57 -38.27 -24.65
C ASN A 69 -20.43 -39.50 -23.74
N ILE A 70 -19.32 -40.20 -23.88
CA ILE A 70 -19.06 -41.39 -23.07
C ILE A 70 -18.51 -41.01 -21.70
N CYS A 71 -17.31 -40.44 -21.69
CA CYS A 71 -16.66 -40.03 -20.45
C CYS A 71 -17.15 -38.66 -20.01
N ALA A 72 -17.85 -37.98 -20.90
CA ALA A 72 -18.38 -36.64 -20.61
C ALA A 72 -17.25 -35.67 -20.30
N LYS A 73 -16.08 -35.92 -20.88
CA LYS A 73 -14.92 -35.06 -20.68
C LYS A 73 -15.10 -33.72 -21.39
N ARG A 74 -14.38 -32.71 -20.92
CA ARG A 74 -14.46 -31.38 -21.52
C ARG A 74 -13.13 -31.00 -22.18
N PHE A 75 -13.22 -30.37 -23.35
CA PHE A 75 -12.03 -29.96 -24.07
C PHE A 75 -12.16 -28.53 -24.57
N MET A 76 -11.26 -27.66 -24.12
CA MET A 76 -11.28 -26.26 -24.52
C MET A 76 -11.12 -26.12 -26.03
N TRP A 77 -10.21 -26.89 -26.60
CA TRP A 77 -9.97 -26.86 -28.03
C TRP A 77 -10.99 -27.70 -28.78
N ARG A 78 -11.25 -27.34 -30.04
CA ARG A 78 -12.20 -28.08 -30.85
C ARG A 78 -11.60 -29.37 -31.40
N ASP A 79 -10.45 -29.25 -32.05
CA ASP A 79 -9.76 -30.40 -32.61
C ASP A 79 -9.50 -31.45 -31.53
N SER A 80 -9.20 -31.00 -30.32
CA SER A 80 -8.93 -31.90 -29.21
C SER A 80 -10.18 -32.68 -28.83
N PHE A 81 -11.35 -32.08 -29.06
CA PHE A 81 -12.61 -32.72 -28.75
C PHE A 81 -12.89 -33.89 -29.68
N HIS A 82 -13.03 -33.58 -30.97
CA HIS A 82 -13.30 -34.60 -31.98
C HIS A 82 -12.17 -35.64 -32.02
N ARG A 83 -10.93 -35.15 -31.98
CA ARG A 83 -9.77 -36.03 -32.02
C ARG A 83 -9.89 -37.13 -30.96
N HIS A 84 -10.30 -36.75 -29.76
CA HIS A 84 -10.46 -37.69 -28.66
C HIS A 84 -11.77 -38.45 -28.79
N VAL A 85 -12.87 -37.72 -28.81
CA VAL A 85 -14.19 -38.32 -28.92
C VAL A 85 -14.21 -39.41 -29.97
N THR A 86 -13.71 -39.09 -31.17
CA THR A 86 -13.67 -40.05 -32.26
C THR A 86 -13.24 -41.43 -31.78
N SER A 87 -12.24 -41.44 -30.91
CA SER A 87 -11.72 -42.70 -30.36
C SER A 87 -12.56 -43.17 -29.18
N CYS A 88 -12.72 -42.29 -28.19
CA CYS A 88 -13.51 -42.61 -27.01
C CYS A 88 -14.74 -43.44 -27.38
N THR A 89 -15.32 -43.14 -28.54
CA THR A 89 -16.50 -43.86 -29.01
C THR A 89 -16.12 -45.17 -29.66
N LYS A 90 -15.10 -45.14 -30.52
CA LYS A 90 -14.64 -46.34 -31.22
C LYS A 90 -14.79 -47.57 -30.33
N SER A 91 -14.20 -47.51 -29.14
CA SER A 91 -14.26 -48.62 -28.21
C SER A 91 -15.67 -48.81 -27.67
N TYR A 92 -16.34 -47.69 -27.37
CA TYR A 92 -17.70 -47.74 -26.85
C TYR A 92 -18.61 -48.54 -27.77
N GLU A 93 -18.59 -48.21 -29.06
CA GLU A 93 -19.42 -48.90 -30.04
C GLU A 93 -19.18 -50.41 -29.98
N ALA A 94 -17.92 -50.81 -29.93
CA ALA A 94 -17.56 -52.22 -29.87
C ALA A 94 -18.33 -52.93 -28.76
N ALA A 95 -18.39 -52.31 -27.60
CA ALA A 95 -19.10 -52.88 -26.46
C ALA A 95 -20.62 -52.73 -26.62
N LYS A 96 -21.08 -51.48 -26.68
CA LYS A 96 -22.50 -51.20 -26.83
C LYS A 96 -23.14 -52.17 -27.83
N ALA A 97 -22.50 -52.34 -28.98
CA ALA A 97 -23.01 -53.24 -30.01
C ALA A 97 -22.53 -54.67 -29.77
N GLU A 98 -22.68 -55.13 -28.53
CA GLU A 98 -22.27 -56.49 -28.16
C GLU A 98 -23.12 -57.52 -28.90
N GLN A 99 -24.42 -57.30 -28.91
CA GLN A 99 -25.34 -58.22 -29.58
C GLN A 99 -24.96 -58.43 -31.04
N ASN A 100 -24.66 -57.33 -31.72
CA ASN A 100 -24.27 -57.38 -33.12
C ASN A 100 -23.37 -58.58 -33.40
N THR A 101 -23.96 -59.66 -33.90
CA THR A 101 -23.20 -60.87 -34.20
C THR A 101 -22.15 -60.61 -35.29
N THR A 102 -21.01 -61.27 -35.16
CA THR A 102 -19.92 -61.10 -36.12
C THR A 102 -19.92 -62.25 -37.14
N GLU A 103 -19.41 -61.96 -38.33
CA GLU A 103 -19.35 -62.96 -39.39
C GLU A 103 -19.08 -64.35 -38.82
N ALA A 104 -19.64 -65.37 -39.46
CA ALA A 104 -19.46 -66.74 -39.02
C ALA A 104 -18.29 -67.41 -39.74
N SER A 105 -17.67 -68.38 -39.09
CA SER A 105 -16.54 -69.09 -39.68
C SER A 105 -16.95 -70.50 -40.09
N GLY A 106 -16.10 -71.13 -40.91
CA GLY A 106 -16.38 -72.48 -41.37
C GLY A 106 -15.47 -73.52 -40.73
N PRO A 107 -15.72 -74.80 -41.04
CA PRO A 107 -14.93 -75.91 -40.51
C PRO A 107 -13.53 -75.95 -41.09
N SER A 108 -12.78 -77.00 -40.77
CA SER A 108 -11.42 -77.15 -41.27
C SER A 108 -11.41 -77.82 -42.65
N SER A 109 -10.37 -77.54 -43.42
CA SER A 109 -10.25 -78.09 -44.76
C SER A 109 -8.85 -78.67 -44.98
N GLY A 110 -8.67 -79.36 -46.11
CA GLY A 110 -7.39 -79.95 -46.42
C GLY A 110 -6.28 -78.91 -46.55
N GLY A 1 42.77 -7.06 23.32
CA GLY A 1 41.86 -6.18 22.61
C GLY A 1 40.48 -6.80 22.43
N SER A 2 39.56 -6.04 21.86
CA SER A 2 38.20 -6.52 21.65
C SER A 2 37.42 -5.56 20.76
N SER A 3 37.03 -6.03 19.58
CA SER A 3 36.28 -5.21 18.63
C SER A 3 35.76 -6.06 17.47
N GLY A 4 34.54 -5.77 17.04
CA GLY A 4 33.95 -6.52 15.94
C GLY A 4 32.62 -5.94 15.50
N SER A 5 31.92 -6.66 14.62
CA SER A 5 30.63 -6.21 14.13
C SER A 5 29.50 -7.04 14.73
N SER A 6 28.27 -6.69 14.38
CA SER A 6 27.10 -7.40 14.89
C SER A 6 26.15 -7.77 13.75
N GLY A 7 25.94 -6.83 12.83
CA GLY A 7 25.06 -7.08 11.71
C GLY A 7 23.70 -6.42 11.89
N ASP A 8 22.66 -7.06 11.37
CA ASP A 8 21.30 -6.54 11.48
C ASP A 8 20.28 -7.58 11.07
N LYS A 9 19.33 -7.84 11.96
CA LYS A 9 18.28 -8.83 11.70
C LYS A 9 17.04 -8.17 11.11
N LEU A 10 16.51 -8.76 10.05
CA LEU A 10 15.31 -8.23 9.40
C LEU A 10 14.41 -9.35 8.92
N TYR A 11 13.15 -9.02 8.66
CA TYR A 11 12.18 -10.01 8.20
C TYR A 11 11.56 -9.57 6.87
N PRO A 12 11.71 -10.43 5.84
CA PRO A 12 11.18 -10.17 4.50
C PRO A 12 9.66 -10.23 4.46
N CYS A 13 9.03 -9.17 3.97
CA CYS A 13 7.57 -9.11 3.89
C CYS A 13 7.10 -9.49 2.48
N GLN A 14 5.84 -9.89 2.38
CA GLN A 14 5.27 -10.29 1.11
C GLN A 14 5.46 -9.19 0.06
N CYS A 15 5.14 -7.96 0.44
CA CYS A 15 5.28 -6.82 -0.46
C CYS A 15 6.73 -6.67 -0.93
N GLY A 16 7.65 -7.13 -0.11
CA GLY A 16 9.06 -7.03 -0.46
C GLY A 16 9.87 -6.30 0.59
N LYS A 17 9.22 -5.42 1.34
CA LYS A 17 9.88 -4.65 2.38
C LYS A 17 10.49 -5.57 3.43
N SER A 18 11.22 -4.99 4.38
CA SER A 18 11.84 -5.76 5.44
C SER A 18 11.81 -5.00 6.76
N PHE A 19 11.33 -5.67 7.81
CA PHE A 19 11.23 -5.05 9.13
C PHE A 19 12.22 -5.69 10.10
N THR A 20 12.79 -4.88 10.98
CA THR A 20 13.76 -5.37 11.96
C THR A 20 13.09 -6.32 12.95
N HIS A 21 11.78 -6.14 13.15
CA HIS A 21 11.03 -6.98 14.07
C HIS A 21 10.02 -7.85 13.32
N LYS A 22 9.74 -9.03 13.86
CA LYS A 22 8.80 -9.95 13.23
C LYS A 22 7.38 -9.42 13.32
N SER A 23 7.05 -8.80 14.45
CA SER A 23 5.71 -8.25 14.66
C SER A 23 5.42 -7.15 13.63
N GLN A 24 6.41 -6.32 13.37
CA GLN A 24 6.26 -5.22 12.41
C GLN A 24 5.98 -5.77 11.01
N ARG A 25 6.55 -6.93 10.72
CA ARG A 25 6.36 -7.56 9.41
C ARG A 25 5.03 -8.29 9.34
N ASP A 26 4.60 -8.83 10.47
CA ASP A 26 3.33 -9.56 10.54
C ASP A 26 2.15 -8.62 10.29
N ARG A 27 2.07 -7.54 11.07
CA ARG A 27 1.00 -6.58 10.93
C ARG A 27 0.92 -6.05 9.50
N HIS A 28 2.08 -5.95 8.86
CA HIS A 28 2.14 -5.46 7.48
C HIS A 28 1.62 -6.49 6.51
N MET A 29 1.85 -7.77 6.82
CA MET A 29 1.39 -8.86 5.96
C MET A 29 -0.14 -8.90 5.89
N SER A 30 -0.77 -8.85 7.06
CA SER A 30 -2.23 -8.87 7.13
C SER A 30 -2.85 -7.84 6.21
N MET A 31 -2.28 -6.64 6.22
CA MET A 31 -2.77 -5.54 5.38
C MET A 31 -2.98 -6.02 3.95
N HIS A 32 -1.95 -6.61 3.37
CA HIS A 32 -2.02 -7.12 2.01
C HIS A 32 -3.31 -7.89 1.77
N LEU A 33 -3.67 -8.74 2.73
CA LEU A 33 -4.88 -9.53 2.63
C LEU A 33 -6.11 -8.72 3.04
N GLY A 34 -7.29 -9.30 2.89
CA GLY A 34 -8.52 -8.62 3.25
C GLY A 34 -9.75 -9.30 2.68
N LEU A 35 -10.12 -10.43 3.26
CA LEU A 35 -11.27 -11.18 2.80
C LEU A 35 -12.21 -11.50 3.98
N ARG A 36 -13.21 -10.66 4.16
CA ARG A 36 -14.18 -10.85 5.25
C ARG A 36 -15.50 -11.37 4.71
N PRO A 37 -15.96 -12.50 5.28
CA PRO A 37 -17.22 -13.13 4.88
C PRO A 37 -18.44 -12.31 5.27
N TYR A 38 -18.25 -11.41 6.23
CA TYR A 38 -19.34 -10.57 6.71
C TYR A 38 -19.28 -9.19 6.06
N GLY A 39 -20.28 -8.88 5.24
CA GLY A 39 -20.32 -7.59 4.56
C GLY A 39 -21.67 -6.91 4.70
N CYS A 40 -21.64 -5.61 4.97
CA CYS A 40 -22.87 -4.84 5.13
C CYS A 40 -23.41 -4.41 3.77
N GLY A 41 -24.49 -5.06 3.34
CA GLY A 41 -25.09 -4.74 2.07
C GLY A 41 -26.02 -3.54 2.15
N VAL A 42 -25.73 -2.63 3.07
CA VAL A 42 -26.54 -1.43 3.26
C VAL A 42 -25.73 -0.18 3.02
N CYS A 43 -24.50 -0.16 3.52
CA CYS A 43 -23.62 0.99 3.36
C CYS A 43 -22.37 0.61 2.57
N GLY A 44 -21.88 -0.61 2.79
CA GLY A 44 -20.70 -1.07 2.08
C GLY A 44 -19.55 -1.36 3.01
N LYS A 45 -19.85 -1.79 4.23
CA LYS A 45 -18.83 -2.10 5.22
C LYS A 45 -18.55 -3.60 5.26
N LYS A 46 -17.62 -4.00 6.11
CA LYS A 46 -17.25 -5.41 6.25
C LYS A 46 -16.58 -5.67 7.59
N PHE A 47 -16.70 -6.90 8.08
CA PHE A 47 -16.11 -7.28 9.36
C PHE A 47 -15.64 -8.72 9.32
N LYS A 48 -14.58 -9.01 10.06
CA LYS A 48 -14.02 -10.36 10.12
C LYS A 48 -14.93 -11.29 10.92
N MET A 49 -15.42 -10.79 12.06
CA MET A 49 -16.30 -11.57 12.92
C MET A 49 -17.76 -11.26 12.63
N LYS A 50 -18.64 -12.16 13.03
CA LYS A 50 -20.08 -11.96 12.81
C LYS A 50 -20.63 -10.86 13.70
N HIS A 51 -20.31 -10.92 14.99
CA HIS A 51 -20.76 -9.91 15.94
C HIS A 51 -20.20 -8.54 15.60
N HIS A 52 -18.98 -8.53 15.04
CA HIS A 52 -18.33 -7.28 14.67
C HIS A 52 -19.18 -6.50 13.67
N LEU A 53 -20.01 -7.22 12.93
CA LEU A 53 -20.89 -6.59 11.93
C LEU A 53 -22.20 -6.15 12.55
N VAL A 54 -22.72 -6.97 13.47
CA VAL A 54 -23.98 -6.67 14.15
C VAL A 54 -23.93 -5.30 14.80
N GLY A 55 -22.97 -5.12 15.71
CA GLY A 55 -22.84 -3.85 16.41
C GLY A 55 -22.90 -2.67 15.46
N HIS A 56 -22.66 -2.92 14.18
CA HIS A 56 -22.69 -1.87 13.17
C HIS A 56 -24.02 -1.89 12.40
N MET A 57 -24.53 -3.08 12.16
CA MET A 57 -25.79 -3.23 11.43
C MET A 57 -26.92 -2.49 12.16
N LYS A 58 -26.79 -2.35 13.47
CA LYS A 58 -27.80 -1.67 14.27
C LYS A 58 -28.03 -0.26 13.75
N ILE A 59 -27.02 0.31 13.10
CA ILE A 59 -27.13 1.65 12.55
C ILE A 59 -28.07 1.69 11.35
N HIS A 60 -28.34 0.52 10.79
CA HIS A 60 -29.22 0.41 9.64
C HIS A 60 -30.55 -0.23 10.02
N THR A 61 -30.78 -0.38 11.32
CA THR A 61 -32.00 -0.98 11.82
C THR A 61 -32.81 0.02 12.63
N GLY A 62 -33.95 0.42 12.10
CA GLY A 62 -34.80 1.38 12.79
C GLY A 62 -34.59 2.80 12.32
N ILE A 63 -35.41 3.72 12.82
CA ILE A 63 -35.31 5.12 12.44
C ILE A 63 -34.77 5.97 13.58
N LYS A 64 -33.88 6.90 13.26
CA LYS A 64 -33.28 7.78 14.26
C LYS A 64 -34.03 9.10 14.32
N PRO A 65 -34.57 9.42 15.51
CA PRO A 65 -35.32 10.66 15.73
C PRO A 65 -34.42 11.90 15.71
N TYR A 66 -33.10 11.66 15.72
CA TYR A 66 -32.14 12.75 15.70
C TYR A 66 -31.30 12.70 14.43
N GLU A 67 -30.68 13.83 14.09
CA GLU A 67 -29.85 13.92 12.91
C GLU A 67 -29.11 15.26 12.86
N CYS A 68 -27.85 15.22 12.41
CA CYS A 68 -27.03 16.42 12.32
C CYS A 68 -27.48 17.30 11.16
N ASN A 69 -26.91 18.49 11.07
CA ASN A 69 -27.24 19.42 10.00
C ASN A 69 -26.10 19.55 9.01
N ILE A 70 -24.88 19.61 9.52
CA ILE A 70 -23.69 19.73 8.68
C ILE A 70 -23.45 18.44 7.89
N CYS A 71 -23.14 17.37 8.61
CA CYS A 71 -22.88 16.08 7.99
C CYS A 71 -24.18 15.31 7.76
N ALA A 72 -25.28 15.84 8.31
CA ALA A 72 -26.57 15.20 8.17
C ALA A 72 -26.57 13.79 8.74
N LYS A 73 -25.68 13.55 9.71
CA LYS A 73 -25.56 12.24 10.33
C LYS A 73 -26.84 11.89 11.09
N ARG A 74 -26.96 10.63 11.49
CA ARG A 74 -28.13 10.17 12.23
C ARG A 74 -27.71 9.50 13.54
N PHE A 75 -28.47 9.77 14.60
CA PHE A 75 -28.19 9.18 15.90
C PHE A 75 -29.48 8.77 16.61
N MET A 76 -29.45 7.60 17.23
CA MET A 76 -30.62 7.08 17.94
C MET A 76 -30.71 7.67 19.34
N TRP A 77 -29.57 7.73 20.02
CA TRP A 77 -29.52 8.28 21.37
C TRP A 77 -29.43 9.80 21.34
N ARG A 78 -30.00 10.44 22.36
CA ARG A 78 -29.97 11.90 22.45
C ARG A 78 -28.61 12.40 22.92
N ASP A 79 -28.18 11.90 24.08
CA ASP A 79 -26.89 12.31 24.65
C ASP A 79 -25.82 12.37 23.56
N SER A 80 -25.63 11.25 22.86
CA SER A 80 -24.64 11.18 21.81
C SER A 80 -24.94 12.19 20.70
N PHE A 81 -26.22 12.36 20.40
CA PHE A 81 -26.65 13.30 19.37
C PHE A 81 -26.23 14.72 19.72
N HIS A 82 -26.89 15.30 20.72
CA HIS A 82 -26.58 16.66 21.15
C HIS A 82 -25.08 16.84 21.35
N ARG A 83 -24.43 15.82 21.88
CA ARG A 83 -22.99 15.87 22.13
C ARG A 83 -22.22 15.97 20.82
N HIS A 84 -22.68 15.23 19.81
CA HIS A 84 -22.03 15.24 18.50
C HIS A 84 -22.33 16.54 17.76
N VAL A 85 -23.61 16.78 17.50
CA VAL A 85 -24.03 17.99 16.80
C VAL A 85 -23.27 19.21 17.29
N THR A 86 -23.29 19.42 18.60
CA THR A 86 -22.60 20.56 19.21
C THR A 86 -21.14 20.61 18.76
N SER A 87 -20.46 19.47 18.83
CA SER A 87 -19.06 19.39 18.45
C SER A 87 -18.93 19.12 16.94
N CYS A 88 -19.90 19.61 16.18
CA CYS A 88 -19.89 19.43 14.73
C CYS A 88 -20.04 20.78 14.02
N THR A 89 -20.67 21.73 14.69
CA THR A 89 -20.87 23.06 14.12
C THR A 89 -19.70 23.98 14.46
N LYS A 90 -18.86 23.55 15.39
CA LYS A 90 -17.70 24.34 15.80
C LYS A 90 -16.79 24.62 14.60
N SER A 91 -16.40 23.57 13.90
CA SER A 91 -15.52 23.72 12.74
C SER A 91 -16.28 24.31 11.56
N TYR A 92 -17.44 23.74 11.25
CA TYR A 92 -18.27 24.21 10.15
C TYR A 92 -18.29 25.75 10.10
N GLU A 93 -18.55 26.36 11.25
CA GLU A 93 -18.60 27.81 11.34
C GLU A 93 -17.30 28.43 10.85
N ALA A 94 -16.19 27.80 11.19
CA ALA A 94 -14.87 28.28 10.79
C ALA A 94 -14.64 28.07 9.30
N ALA A 95 -15.10 26.92 8.79
CA ALA A 95 -14.94 26.60 7.38
C ALA A 95 -15.65 27.62 6.50
N LYS A 96 -16.85 28.02 6.91
CA LYS A 96 -17.63 28.99 6.15
C LYS A 96 -16.75 30.12 5.65
N ALA A 97 -17.26 30.89 4.69
CA ALA A 97 -16.52 32.00 4.12
C ALA A 97 -16.47 33.18 5.10
N GLU A 98 -15.83 32.96 6.25
CA GLU A 98 -15.71 33.99 7.27
C GLU A 98 -14.34 34.68 7.18
N GLN A 99 -13.30 33.89 6.96
CA GLN A 99 -11.95 34.42 6.86
C GLN A 99 -11.71 35.05 5.49
N ASN A 100 -12.14 34.34 4.45
CA ASN A 100 -11.98 34.83 3.08
C ASN A 100 -12.09 36.35 3.03
N THR A 101 -13.11 36.89 3.69
CA THR A 101 -13.34 38.32 3.71
C THR A 101 -12.02 39.09 3.70
N THR A 102 -11.98 40.19 2.95
CA THR A 102 -10.77 41.01 2.86
C THR A 102 -10.02 41.04 4.19
N GLU A 103 -8.94 40.27 4.27
CA GLU A 103 -8.14 40.22 5.48
C GLU A 103 -6.67 39.98 5.16
N ALA A 104 -5.85 39.85 6.19
CA ALA A 104 -4.42 39.61 6.02
C ALA A 104 -4.15 38.19 5.55
N SER A 105 -3.24 38.04 4.60
CA SER A 105 -2.90 36.72 4.07
C SER A 105 -1.56 36.77 3.33
N GLY A 106 -1.05 35.60 2.97
CA GLY A 106 0.22 35.53 2.26
C GLY A 106 0.59 34.10 1.89
N PRO A 107 1.05 33.92 0.64
CA PRO A 107 1.45 32.61 0.12
C PRO A 107 2.72 32.10 0.79
N SER A 108 3.12 30.88 0.42
CA SER A 108 4.32 30.27 0.98
C SER A 108 4.74 29.04 0.17
N SER A 109 6.04 28.79 0.11
CA SER A 109 6.56 27.65 -0.63
C SER A 109 7.98 27.32 -0.18
N GLY A 110 8.45 26.12 -0.56
CA GLY A 110 9.79 25.71 -0.19
C GLY A 110 10.61 25.27 -1.39
N GLY A 1 33.94 -23.46 26.51
CA GLY A 1 33.17 -23.05 25.35
C GLY A 1 33.20 -21.55 25.13
N SER A 2 32.88 -21.13 23.90
CA SER A 2 32.87 -19.71 23.57
C SER A 2 32.35 -19.49 22.16
N SER A 3 31.66 -18.38 21.95
CA SER A 3 31.10 -18.04 20.64
C SER A 3 30.61 -16.60 20.61
N GLY A 4 30.50 -16.05 19.41
CA GLY A 4 30.04 -14.68 19.26
C GLY A 4 29.31 -14.45 17.95
N SER A 5 28.55 -13.36 17.88
CA SER A 5 27.80 -13.03 16.67
C SER A 5 27.98 -11.56 16.31
N SER A 6 27.80 -11.26 15.02
CA SER A 6 27.95 -9.89 14.53
C SER A 6 27.17 -9.69 13.24
N GLY A 7 26.47 -8.57 13.14
CA GLY A 7 25.70 -8.27 11.95
C GLY A 7 24.28 -7.86 12.27
N ASP A 8 23.41 -7.88 11.26
CA ASP A 8 22.01 -7.52 11.44
C ASP A 8 21.11 -8.39 10.58
N LYS A 9 19.88 -8.62 11.06
CA LYS A 9 18.92 -9.44 10.35
C LYS A 9 17.56 -8.75 10.29
N LEU A 10 16.76 -9.10 9.29
CA LEU A 10 15.43 -8.53 9.13
C LEU A 10 14.43 -9.58 8.66
N TYR A 11 13.17 -9.18 8.55
CA TYR A 11 12.12 -10.09 8.11
C TYR A 11 11.54 -9.65 6.78
N PRO A 12 11.70 -10.51 5.75
CA PRO A 12 11.21 -10.24 4.40
C PRO A 12 9.69 -10.29 4.32
N CYS A 13 9.08 -9.20 3.89
CA CYS A 13 7.63 -9.12 3.76
C CYS A 13 7.17 -9.53 2.36
N GLN A 14 5.91 -9.92 2.24
CA GLN A 14 5.36 -10.34 0.96
C GLN A 14 5.53 -9.24 -0.08
N CYS A 15 5.22 -8.00 0.31
CA CYS A 15 5.34 -6.86 -0.59
C CYS A 15 6.79 -6.65 -1.02
N GLY A 16 7.72 -7.01 -0.13
CA GLY A 16 9.13 -6.86 -0.44
C GLY A 16 9.88 -6.13 0.67
N LYS A 17 9.17 -5.32 1.44
CA LYS A 17 9.77 -4.56 2.53
C LYS A 17 10.32 -5.50 3.59
N SER A 18 11.23 -4.98 4.42
CA SER A 18 11.84 -5.76 5.48
C SER A 18 11.84 -5.00 6.80
N PHE A 19 11.33 -5.63 7.85
CA PHE A 19 11.28 -5.00 9.17
C PHE A 19 12.29 -5.65 10.11
N THR A 20 12.63 -4.92 11.17
CA THR A 20 13.59 -5.42 12.16
C THR A 20 12.91 -6.33 13.17
N HIS A 21 11.59 -6.17 13.32
CA HIS A 21 10.83 -6.98 14.26
C HIS A 21 9.81 -7.85 13.52
N LYS A 22 9.64 -9.08 14.01
CA LYS A 22 8.70 -10.01 13.41
C LYS A 22 7.29 -9.44 13.39
N SER A 23 6.93 -8.73 14.45
CA SER A 23 5.61 -8.13 14.56
C SER A 23 5.39 -7.08 13.48
N GLN A 24 6.31 -6.12 13.40
CA GLN A 24 6.22 -5.06 12.41
C GLN A 24 6.01 -5.63 11.02
N ARG A 25 6.55 -6.82 10.77
CA ARG A 25 6.42 -7.48 9.49
C ARG A 25 5.05 -8.14 9.34
N ASP A 26 4.55 -8.68 10.44
CA ASP A 26 3.25 -9.35 10.45
C ASP A 26 2.14 -8.35 10.14
N ARG A 27 2.08 -7.28 10.92
CA ARG A 27 1.06 -6.25 10.74
C ARG A 27 1.01 -5.80 9.28
N HIS A 28 2.16 -5.82 8.62
CA HIS A 28 2.24 -5.41 7.22
C HIS A 28 1.81 -6.53 6.29
N MET A 29 1.81 -7.76 6.81
CA MET A 29 1.42 -8.93 6.02
C MET A 29 -0.09 -9.15 6.10
N SER A 30 -0.66 -8.86 7.27
CA SER A 30 -2.09 -9.03 7.48
C SER A 30 -2.89 -7.99 6.69
N MET A 31 -2.28 -6.82 6.50
CA MET A 31 -2.93 -5.74 5.77
C MET A 31 -3.00 -6.05 4.28
N HIS A 32 -2.01 -6.79 3.79
CA HIS A 32 -1.96 -7.16 2.38
C HIS A 32 -3.22 -7.90 1.96
N LEU A 33 -3.62 -8.88 2.77
CA LEU A 33 -4.82 -9.67 2.49
C LEU A 33 -5.99 -8.76 2.17
N GLY A 34 -7.13 -9.37 1.82
CA GLY A 34 -8.32 -8.60 1.49
C GLY A 34 -8.47 -7.38 2.37
N LEU A 35 -9.23 -6.39 1.89
CA LEU A 35 -9.46 -5.17 2.63
C LEU A 35 -10.60 -5.35 3.64
N ARG A 36 -10.97 -4.26 4.30
CA ARG A 36 -12.04 -4.30 5.29
C ARG A 36 -13.24 -3.48 4.80
N PRO A 37 -14.45 -4.03 5.04
CA PRO A 37 -15.70 -3.37 4.64
C PRO A 37 -15.99 -2.12 5.46
N TYR A 38 -15.33 -2.01 6.60
CA TYR A 38 -15.52 -0.86 7.48
C TYR A 38 -14.41 0.17 7.28
N GLY A 39 -14.77 1.36 6.82
CA GLY A 39 -13.80 2.40 6.60
C GLY A 39 -14.22 3.73 7.21
N CYS A 40 -13.45 4.19 8.19
CA CYS A 40 -13.74 5.46 8.86
C CYS A 40 -13.62 6.64 7.90
N GLY A 41 -14.76 7.20 7.50
CA GLY A 41 -14.75 8.32 6.60
C GLY A 41 -14.45 9.64 7.29
N VAL A 42 -13.67 9.57 8.37
CA VAL A 42 -13.31 10.76 9.13
C VAL A 42 -11.80 10.95 9.17
N CYS A 43 -11.07 9.85 9.40
CA CYS A 43 -9.63 9.90 9.47
C CYS A 43 -9.00 9.06 8.35
N GLY A 44 -9.62 7.92 8.06
CA GLY A 44 -9.12 7.05 7.01
C GLY A 44 -8.70 5.70 7.55
N LYS A 45 -9.35 5.25 8.61
CA LYS A 45 -9.04 3.96 9.22
C LYS A 45 -9.98 2.87 8.69
N LYS A 46 -9.83 1.67 9.24
CA LYS A 46 -10.66 0.54 8.83
C LYS A 46 -10.65 -0.56 9.89
N PHE A 47 -11.64 -1.44 9.84
CA PHE A 47 -11.74 -2.54 10.79
C PHE A 47 -12.47 -3.73 10.18
N LYS A 48 -12.13 -4.93 10.64
CA LYS A 48 -12.75 -6.14 10.13
C LYS A 48 -14.20 -6.25 10.59
N MET A 49 -14.44 -6.00 11.88
CA MET A 49 -15.79 -6.06 12.44
C MET A 49 -16.33 -4.67 12.69
N LYS A 50 -17.64 -4.57 12.90
CA LYS A 50 -18.29 -3.30 13.15
C LYS A 50 -17.90 -2.74 14.52
N HIS A 51 -17.99 -3.58 15.54
CA HIS A 51 -17.64 -3.18 16.90
C HIS A 51 -16.21 -2.63 16.95
N HIS A 52 -15.32 -3.26 16.20
CA HIS A 52 -13.92 -2.84 16.16
C HIS A 52 -13.80 -1.40 15.66
N LEU A 53 -14.72 -1.00 14.79
CA LEU A 53 -14.71 0.35 14.24
C LEU A 53 -15.29 1.35 15.23
N VAL A 54 -16.37 0.95 15.91
CA VAL A 54 -17.02 1.80 16.89
C VAL A 54 -16.02 2.30 17.93
N GLY A 55 -15.41 1.36 18.65
CA GLY A 55 -14.45 1.73 19.67
C GLY A 55 -13.49 2.82 19.20
N HIS A 56 -13.33 2.93 17.89
CA HIS A 56 -12.44 3.93 17.31
C HIS A 56 -13.21 5.19 16.93
N MET A 57 -14.37 4.99 16.31
CA MET A 57 -15.21 6.11 15.90
C MET A 57 -15.48 7.06 17.06
N LYS A 58 -15.42 6.53 18.27
CA LYS A 58 -15.66 7.34 19.48
C LYS A 58 -14.66 8.48 19.55
N ILE A 59 -13.60 8.40 18.76
CA ILE A 59 -12.56 9.43 18.74
C ILE A 59 -13.01 10.62 17.88
N HIS A 60 -14.00 10.40 17.04
CA HIS A 60 -14.50 11.45 16.16
C HIS A 60 -15.92 11.87 16.57
N THR A 61 -16.81 10.88 16.68
CA THR A 61 -18.19 11.15 17.07
C THR A 61 -18.26 11.88 18.40
N GLY A 62 -19.48 12.11 18.89
CA GLY A 62 -19.66 12.79 20.15
C GLY A 62 -19.77 14.30 19.98
N ILE A 63 -20.70 14.72 19.14
CA ILE A 63 -20.91 16.15 18.89
C ILE A 63 -21.91 16.73 19.87
N LYS A 64 -21.45 17.70 20.68
CA LYS A 64 -22.31 18.34 21.67
C LYS A 64 -22.57 19.80 21.29
N PRO A 65 -23.85 20.21 21.35
CA PRO A 65 -24.25 21.57 21.02
C PRO A 65 -23.77 22.59 22.05
N TYR A 66 -23.92 22.25 23.33
CA TYR A 66 -23.51 23.14 24.41
C TYR A 66 -22.83 22.34 25.52
N GLU A 67 -22.30 23.06 26.51
CA GLU A 67 -21.63 22.43 27.64
C GLU A 67 -21.50 23.40 28.81
N CYS A 68 -21.66 22.89 30.02
CA CYS A 68 -21.56 23.71 31.22
C CYS A 68 -20.12 24.19 31.43
N ASN A 69 -19.93 25.05 32.42
CA ASN A 69 -18.62 25.60 32.73
C ASN A 69 -18.07 25.02 34.03
N ILE A 70 -18.95 24.82 35.00
CA ILE A 70 -18.57 24.27 36.29
C ILE A 70 -18.38 22.76 36.21
N CYS A 71 -19.47 22.04 35.97
CA CYS A 71 -19.42 20.59 35.86
C CYS A 71 -19.03 20.16 34.45
N ALA A 72 -19.09 21.09 33.51
CA ALA A 72 -18.73 20.82 32.13
C ALA A 72 -19.68 19.78 31.51
N LYS A 73 -20.89 19.71 32.04
CA LYS A 73 -21.89 18.78 31.55
C LYS A 73 -22.26 19.07 30.10
N ARG A 74 -22.73 18.06 29.39
CA ARG A 74 -23.12 18.22 27.99
C ARG A 74 -24.63 18.13 27.85
N PHE A 75 -25.20 19.02 27.04
CA PHE A 75 -26.64 19.04 26.81
C PHE A 75 -26.95 18.82 25.34
N MET A 76 -28.23 18.92 24.99
CA MET A 76 -28.67 18.73 23.60
C MET A 76 -29.30 20.01 23.06
N TRP A 77 -29.95 20.76 23.93
CA TRP A 77 -30.59 22.02 23.52
C TRP A 77 -30.14 23.17 24.41
N ARG A 78 -30.02 24.35 23.82
CA ARG A 78 -29.60 25.54 24.55
C ARG A 78 -30.45 25.73 25.81
N ASP A 79 -31.77 25.80 25.61
CA ASP A 79 -32.69 25.98 26.73
C ASP A 79 -32.32 25.08 27.90
N SER A 80 -32.01 23.82 27.59
CA SER A 80 -31.65 22.85 28.61
C SER A 80 -30.29 23.21 29.24
N PHE A 81 -29.35 23.62 28.40
CA PHE A 81 -28.02 23.99 28.86
C PHE A 81 -28.08 25.17 29.83
N HIS A 82 -28.59 26.30 29.36
CA HIS A 82 -28.70 27.49 30.18
C HIS A 82 -29.63 27.24 31.36
N ARG A 83 -30.71 26.50 31.12
CA ARG A 83 -31.67 26.19 32.18
C ARG A 83 -30.97 25.58 33.39
N HIS A 84 -29.92 24.82 33.14
CA HIS A 84 -29.16 24.18 34.21
C HIS A 84 -28.00 25.05 34.65
N VAL A 85 -27.22 25.51 33.69
CA VAL A 85 -26.06 26.36 33.97
C VAL A 85 -26.46 27.55 34.86
N THR A 86 -27.62 28.12 34.57
CA THR A 86 -28.11 29.26 35.34
C THR A 86 -28.07 28.98 36.83
N SER A 87 -28.18 27.70 37.20
CA SER A 87 -28.15 27.29 38.59
C SER A 87 -26.79 26.73 38.98
N CYS A 88 -26.23 25.89 38.10
CA CYS A 88 -24.93 25.29 38.34
C CYS A 88 -23.89 26.35 38.66
N THR A 89 -24.18 27.60 38.29
CA THR A 89 -23.27 28.71 38.53
C THR A 89 -23.55 29.37 39.88
N LYS A 90 -24.82 29.62 40.15
CA LYS A 90 -25.23 30.24 41.41
C LYS A 90 -24.34 29.77 42.56
N SER A 91 -24.29 28.47 42.77
CA SER A 91 -23.48 27.88 43.84
C SER A 91 -22.02 28.30 43.70
N TYR A 92 -21.50 28.17 42.48
CA TYR A 92 -20.11 28.52 42.20
C TYR A 92 -19.83 29.97 42.59
N GLU A 93 -20.78 30.85 42.34
CA GLU A 93 -20.64 32.27 42.66
C GLU A 93 -20.54 32.46 44.17
N ALA A 94 -21.23 31.61 44.93
CA ALA A 94 -21.21 31.70 46.38
C ALA A 94 -19.92 31.09 46.95
N ALA A 95 -19.33 30.17 46.21
CA ALA A 95 -18.10 29.52 46.64
C ALA A 95 -16.91 30.46 46.50
N LYS A 96 -16.63 30.88 45.27
CA LYS A 96 -15.52 31.79 45.00
C LYS A 96 -15.52 32.96 45.97
N ALA A 97 -14.42 33.70 46.01
CA ALA A 97 -14.30 34.85 46.90
C ALA A 97 -14.33 34.42 48.35
N GLU A 98 -13.70 33.28 48.65
CA GLU A 98 -13.65 32.77 50.01
C GLU A 98 -13.00 33.77 50.96
N GLN A 99 -11.86 34.30 50.55
CA GLN A 99 -11.13 35.27 51.36
C GLN A 99 -11.77 36.65 51.26
N ASN A 100 -12.10 37.05 50.03
CA ASN A 100 -12.72 38.35 49.79
C ASN A 100 -13.92 38.56 50.71
N THR A 101 -14.79 37.55 50.78
CA THR A 101 -15.97 37.62 51.61
C THR A 101 -15.79 36.83 52.90
N THR A 102 -16.35 37.34 53.99
CA THR A 102 -16.25 36.67 55.29
C THR A 102 -16.85 35.27 55.23
N GLU A 103 -16.04 34.30 54.82
CA GLU A 103 -16.50 32.92 54.73
C GLU A 103 -15.47 31.96 55.32
N ALA A 104 -15.73 31.50 56.54
CA ALA A 104 -14.83 30.58 57.20
C ALA A 104 -15.07 29.14 56.76
N SER A 105 -13.99 28.36 56.63
CA SER A 105 -14.09 26.98 56.21
C SER A 105 -13.62 26.04 57.32
N GLY A 106 -13.57 24.75 57.01
CA GLY A 106 -13.14 23.76 57.98
C GLY A 106 -12.85 22.42 57.36
N PRO A 107 -13.88 21.77 56.79
CA PRO A 107 -13.75 20.47 56.16
C PRO A 107 -12.97 20.54 54.85
N SER A 108 -12.40 21.70 54.58
CA SER A 108 -11.62 21.91 53.35
C SER A 108 -10.99 20.59 52.88
N SER A 109 -11.15 20.30 51.59
CA SER A 109 -10.61 19.07 51.02
C SER A 109 -9.82 19.37 49.74
N GLY A 110 -8.61 18.86 49.67
CA GLY A 110 -7.77 19.08 48.50
C GLY A 110 -8.08 18.12 47.38
N GLY A 1 42.51 -5.54 25.04
CA GLY A 1 41.25 -5.94 24.44
C GLY A 1 40.87 -5.09 23.24
N SER A 2 40.24 -5.72 22.26
CA SER A 2 39.83 -5.01 21.05
C SER A 2 39.00 -5.92 20.14
N SER A 3 37.98 -5.35 19.52
CA SER A 3 37.11 -6.11 18.62
C SER A 3 36.13 -5.19 17.91
N GLY A 4 35.33 -5.77 17.02
CA GLY A 4 34.36 -4.98 16.27
C GLY A 4 33.74 -5.76 15.12
N SER A 5 32.48 -5.45 14.81
CA SER A 5 31.77 -6.13 13.74
C SER A 5 30.49 -5.40 13.38
N SER A 6 29.80 -5.88 12.36
CA SER A 6 28.56 -5.26 11.91
C SER A 6 27.49 -6.31 11.62
N GLY A 7 26.24 -5.88 11.55
CA GLY A 7 25.16 -6.80 11.29
C GLY A 7 23.79 -6.16 11.46
N ASP A 8 22.74 -6.84 11.02
CA ASP A 8 21.38 -6.33 11.13
C ASP A 8 20.37 -7.41 10.76
N LYS A 9 19.41 -7.65 11.66
CA LYS A 9 18.39 -8.65 11.44
C LYS A 9 17.13 -8.01 10.88
N LEU A 10 16.48 -8.71 9.95
CA LEU A 10 15.25 -8.21 9.33
C LEU A 10 14.36 -9.36 8.89
N TYR A 11 13.13 -9.03 8.50
CA TYR A 11 12.17 -10.04 8.05
C TYR A 11 11.55 -9.64 6.72
N PRO A 12 11.64 -10.54 5.73
CA PRO A 12 11.09 -10.31 4.39
C PRO A 12 9.56 -10.31 4.39
N CYS A 13 8.98 -9.19 3.98
CA CYS A 13 7.53 -9.06 3.92
C CYS A 13 6.99 -9.47 2.55
N GLN A 14 5.69 -9.72 2.49
CA GLN A 14 5.05 -10.12 1.24
C GLN A 14 5.28 -9.08 0.15
N CYS A 15 5.09 -7.81 0.49
CA CYS A 15 5.27 -6.72 -0.45
C CYS A 15 6.72 -6.64 -0.91
N GLY A 16 7.63 -7.11 -0.07
CA GLY A 16 9.05 -7.08 -0.41
C GLY A 16 9.87 -6.33 0.61
N LYS A 17 9.22 -5.47 1.39
CA LYS A 17 9.89 -4.69 2.41
C LYS A 17 10.52 -5.59 3.46
N SER A 18 11.35 -5.01 4.32
CA SER A 18 12.02 -5.77 5.38
C SER A 18 11.96 -5.02 6.70
N PHE A 19 11.47 -5.69 7.73
CA PHE A 19 11.36 -5.09 9.06
C PHE A 19 12.31 -5.75 10.05
N THR A 20 12.79 -4.98 11.01
CA THR A 20 13.72 -5.49 12.01
C THR A 20 12.99 -6.38 13.02
N HIS A 21 11.70 -6.12 13.20
CA HIS A 21 10.90 -6.90 14.15
C HIS A 21 9.90 -7.78 13.41
N LYS A 22 9.62 -8.95 13.98
CA LYS A 22 8.68 -9.89 13.36
C LYS A 22 7.27 -9.32 13.37
N SER A 23 6.87 -8.72 14.49
CA SER A 23 5.55 -8.14 14.61
C SER A 23 5.30 -7.08 13.54
N GLN A 24 6.28 -6.20 13.34
CA GLN A 24 6.18 -5.14 12.35
C GLN A 24 5.90 -5.72 10.97
N ARG A 25 6.54 -6.84 10.66
CA ARG A 25 6.37 -7.50 9.37
C ARG A 25 5.01 -8.20 9.30
N ASP A 26 4.60 -8.82 10.39
CA ASP A 26 3.33 -9.51 10.45
C ASP A 26 2.18 -8.56 10.18
N ARG A 27 2.14 -7.46 10.93
CA ARG A 27 1.08 -6.46 10.77
C ARG A 27 1.04 -5.95 9.33
N HIS A 28 2.18 -5.94 8.67
CA HIS A 28 2.27 -5.48 7.29
C HIS A 28 1.89 -6.58 6.32
N MET A 29 1.83 -7.82 6.83
CA MET A 29 1.48 -8.96 6.01
C MET A 29 -0.04 -9.17 5.97
N SER A 30 -0.67 -9.05 7.14
CA SER A 30 -2.12 -9.22 7.23
C SER A 30 -2.85 -8.10 6.50
N MET A 31 -2.29 -6.90 6.56
CA MET A 31 -2.89 -5.74 5.90
C MET A 31 -2.98 -5.95 4.40
N HIS A 32 -1.97 -6.61 3.83
CA HIS A 32 -1.93 -6.88 2.41
C HIS A 32 -3.17 -7.64 1.96
N LEU A 33 -3.44 -8.77 2.63
CA LEU A 33 -4.60 -9.59 2.30
C LEU A 33 -5.84 -8.73 2.12
N GLY A 34 -6.91 -9.35 1.63
CA GLY A 34 -8.15 -8.62 1.42
C GLY A 34 -8.64 -7.93 2.67
N LEU A 35 -9.87 -7.41 2.61
CA LEU A 35 -10.45 -6.71 3.75
C LEU A 35 -11.07 -7.71 4.73
N ARG A 36 -11.65 -7.18 5.81
CA ARG A 36 -12.28 -8.02 6.82
C ARG A 36 -13.80 -8.02 6.66
N PRO A 37 -14.45 -9.07 7.17
CA PRO A 37 -15.91 -9.22 7.09
C PRO A 37 -16.63 -8.22 7.99
N TYR A 38 -15.92 -7.67 8.96
CA TYR A 38 -16.50 -6.71 9.89
C TYR A 38 -16.09 -5.28 9.50
N GLY A 39 -17.02 -4.55 8.90
CA GLY A 39 -16.75 -3.18 8.50
C GLY A 39 -17.77 -2.21 9.04
N CYS A 40 -17.30 -1.03 9.46
CA CYS A 40 -18.17 -0.01 10.00
C CYS A 40 -18.74 0.88 8.89
N GLY A 41 -20.02 0.67 8.57
CA GLY A 41 -20.66 1.44 7.52
C GLY A 41 -21.13 2.80 8.02
N VAL A 42 -20.50 3.30 9.09
CA VAL A 42 -20.87 4.58 9.66
C VAL A 42 -19.75 5.60 9.47
N CYS A 43 -18.51 5.17 9.70
CA CYS A 43 -17.36 6.05 9.56
C CYS A 43 -16.44 5.55 8.44
N GLY A 44 -16.31 4.23 8.33
CA GLY A 44 -15.46 3.65 7.31
C GLY A 44 -14.32 2.85 7.90
N LYS A 45 -14.56 2.24 9.06
CA LYS A 45 -13.53 1.44 9.73
C LYS A 45 -13.71 -0.04 9.42
N LYS A 46 -12.85 -0.87 9.98
CA LYS A 46 -12.91 -2.31 9.77
C LYS A 46 -12.20 -3.05 10.89
N PHE A 47 -12.59 -4.31 11.10
CA PHE A 47 -11.98 -5.13 12.14
C PHE A 47 -12.01 -6.61 11.75
N LYS A 48 -11.13 -7.40 12.35
CA LYS A 48 -11.05 -8.82 12.07
C LYS A 48 -12.05 -9.61 12.93
N MET A 49 -12.13 -9.25 14.20
CA MET A 49 -13.05 -9.91 15.12
C MET A 49 -14.35 -9.12 15.25
N LYS A 50 -15.42 -9.82 15.64
CA LYS A 50 -16.72 -9.19 15.80
C LYS A 50 -16.74 -8.29 17.02
N HIS A 51 -15.96 -8.66 18.04
CA HIS A 51 -15.88 -7.87 19.27
C HIS A 51 -15.00 -6.65 19.08
N HIS A 52 -14.00 -6.77 18.20
CA HIS A 52 -13.09 -5.66 17.93
C HIS A 52 -13.83 -4.49 17.28
N LEU A 53 -14.91 -4.80 16.60
CA LEU A 53 -15.71 -3.78 15.92
C LEU A 53 -16.68 -3.11 16.90
N VAL A 54 -17.27 -3.91 17.78
CA VAL A 54 -18.21 -3.40 18.76
C VAL A 54 -17.59 -2.27 19.58
N GLY A 55 -16.51 -2.59 20.30
CA GLY A 55 -15.84 -1.59 21.12
C GLY A 55 -15.71 -0.25 20.40
N HIS A 56 -15.75 -0.28 19.08
CA HIS A 56 -15.64 0.93 18.28
C HIS A 56 -17.01 1.47 17.90
N MET A 57 -17.89 0.58 17.47
CA MET A 57 -19.24 0.97 17.08
C MET A 57 -19.91 1.79 18.18
N LYS A 58 -19.47 1.57 19.42
CA LYS A 58 -20.03 2.30 20.56
C LYS A 58 -19.85 3.80 20.39
N ILE A 59 -19.03 4.19 19.42
CA ILE A 59 -18.78 5.60 19.15
C ILE A 59 -19.85 6.19 18.26
N HIS A 60 -20.62 5.32 17.60
CA HIS A 60 -21.68 5.76 16.70
C HIS A 60 -23.05 5.49 17.33
N THR A 61 -23.13 4.46 18.16
CA THR A 61 -24.39 4.10 18.82
C THR A 61 -25.14 5.34 19.26
N GLY A 62 -26.37 5.49 18.78
CA GLY A 62 -27.18 6.64 19.15
C GLY A 62 -26.61 7.95 18.63
N ILE A 63 -27.38 8.63 17.80
CA ILE A 63 -26.94 9.90 17.23
C ILE A 63 -26.52 10.89 18.33
N LYS A 64 -25.26 11.29 18.30
CA LYS A 64 -24.72 12.22 19.28
C LYS A 64 -24.82 13.66 18.78
N PRO A 65 -25.70 14.45 19.39
CA PRO A 65 -25.91 15.85 19.01
C PRO A 65 -24.71 16.73 19.40
N TYR A 66 -24.28 16.62 20.65
CA TYR A 66 -23.15 17.40 21.13
C TYR A 66 -21.83 16.69 20.85
N GLU A 67 -20.74 17.44 20.88
CA GLU A 67 -19.42 16.88 20.63
C GLU A 67 -18.33 17.89 20.96
N CYS A 68 -17.37 17.48 21.80
CA CYS A 68 -16.28 18.35 22.20
C CYS A 68 -15.56 18.92 20.99
N ASN A 69 -14.66 19.87 21.22
CA ASN A 69 -13.91 20.49 20.14
C ASN A 69 -12.44 20.14 20.23
N ILE A 70 -11.93 20.01 21.45
CA ILE A 70 -10.53 19.67 21.67
C ILE A 70 -10.28 18.19 21.39
N CYS A 71 -10.89 17.32 22.19
CA CYS A 71 -10.74 15.88 22.03
C CYS A 71 -11.72 15.34 20.98
N ALA A 72 -12.66 16.18 20.58
CA ALA A 72 -13.65 15.79 19.58
C ALA A 72 -14.51 14.63 20.09
N LYS A 73 -14.72 14.59 21.41
CA LYS A 73 -15.52 13.53 22.01
C LYS A 73 -17.01 13.78 21.78
N ARG A 74 -17.81 12.73 21.94
CA ARG A 74 -19.25 12.84 21.75
C ARG A 74 -19.99 12.57 23.06
N PHE A 75 -21.16 13.18 23.21
CA PHE A 75 -21.96 13.01 24.41
C PHE A 75 -23.45 13.10 24.09
N MET A 76 -24.27 12.43 24.90
CA MET A 76 -25.72 12.44 24.72
C MET A 76 -26.38 13.50 25.58
N TRP A 77 -25.69 13.90 26.65
CA TRP A 77 -26.22 14.92 27.56
C TRP A 77 -25.70 16.30 27.20
N ARG A 78 -26.43 17.33 27.60
CA ARG A 78 -26.03 18.70 27.32
C ARG A 78 -25.15 19.26 28.43
N ASP A 79 -25.64 19.16 29.67
CA ASP A 79 -24.89 19.65 30.82
C ASP A 79 -23.49 19.06 30.86
N SER A 80 -23.41 17.73 30.77
CA SER A 80 -22.12 17.04 30.80
C SER A 80 -21.24 17.49 29.64
N PHE A 81 -21.87 17.77 28.50
CA PHE A 81 -21.15 18.20 27.31
C PHE A 81 -20.40 19.50 27.58
N HIS A 82 -21.14 20.57 27.83
CA HIS A 82 -20.55 21.87 28.10
C HIS A 82 -19.58 21.79 29.27
N ARG A 83 -20.01 21.15 30.35
CA ARG A 83 -19.19 21.01 31.54
C ARG A 83 -17.89 20.27 31.22
N HIS A 84 -18.00 19.24 30.39
CA HIS A 84 -16.82 18.45 29.99
C HIS A 84 -15.87 19.29 29.14
N VAL A 85 -16.40 19.91 28.09
CA VAL A 85 -15.60 20.74 27.20
C VAL A 85 -14.88 21.85 27.97
N THR A 86 -15.54 22.35 29.02
CA THR A 86 -14.97 23.41 29.84
C THR A 86 -13.56 23.05 30.30
N SER A 87 -13.38 21.79 30.69
CA SER A 87 -12.07 21.32 31.16
C SER A 87 -11.13 21.09 29.97
N CYS A 88 -11.69 20.70 28.84
CA CYS A 88 -10.90 20.45 27.64
C CYS A 88 -10.37 21.75 27.05
N THR A 89 -11.10 22.83 27.29
CA THR A 89 -10.71 24.15 26.78
C THR A 89 -9.76 24.84 27.75
N LYS A 90 -10.18 24.97 29.00
CA LYS A 90 -9.37 25.62 30.02
C LYS A 90 -7.88 25.35 29.79
N SER A 91 -7.57 24.14 29.36
CA SER A 91 -6.18 23.75 29.11
C SER A 91 -5.75 24.17 27.71
N TYR A 92 -6.57 23.82 26.71
CA TYR A 92 -6.27 24.15 25.32
C TYR A 92 -5.91 25.62 25.18
N GLU A 93 -6.64 26.48 25.89
CA GLU A 93 -6.41 27.91 25.85
C GLU A 93 -4.94 28.23 26.14
N ALA A 94 -4.30 27.37 26.93
CA ALA A 94 -2.89 27.56 27.28
C ALA A 94 -1.98 26.92 26.24
N ALA A 95 -2.52 25.96 25.49
CA ALA A 95 -1.76 25.28 24.46
C ALA A 95 -1.62 26.14 23.22
N LYS A 96 -2.74 26.64 22.72
CA LYS A 96 -2.74 27.49 21.53
C LYS A 96 -1.79 28.67 21.69
N ALA A 97 -1.29 29.17 20.57
CA ALA A 97 -0.36 30.30 20.59
C ALA A 97 0.90 29.97 21.39
N GLU A 98 1.37 28.73 21.24
CA GLU A 98 2.57 28.28 21.94
C GLU A 98 3.83 28.84 21.29
N GLN A 99 3.85 28.81 19.96
CA GLN A 99 5.00 29.30 19.21
C GLN A 99 4.68 30.65 18.56
N ASN A 100 4.02 31.52 19.32
CA ASN A 100 3.66 32.84 18.83
C ASN A 100 4.88 33.74 18.72
N THR A 101 4.80 34.76 17.88
CA THR A 101 5.89 35.70 17.68
C THR A 101 7.20 34.96 17.38
N THR A 102 7.09 33.90 16.60
CA THR A 102 8.26 33.10 16.23
C THR A 102 8.43 33.04 14.71
N GLU A 103 9.59 33.47 14.24
CA GLU A 103 9.88 33.48 12.81
C GLU A 103 10.58 32.18 12.40
N ALA A 104 9.82 31.09 12.34
CA ALA A 104 10.37 29.80 11.95
C ALA A 104 10.36 29.62 10.44
N SER A 105 11.02 28.58 9.97
CA SER A 105 11.09 28.29 8.54
C SER A 105 9.87 27.49 8.08
N GLY A 106 8.96 28.16 7.38
CA GLY A 106 7.77 27.49 6.90
C GLY A 106 7.89 27.05 5.45
N PRO A 107 7.43 25.84 5.15
CA PRO A 107 7.47 25.27 3.81
C PRO A 107 6.53 25.98 2.84
N SER A 108 6.54 25.55 1.58
CA SER A 108 5.68 26.16 0.57
C SER A 108 5.14 25.08 -0.38
N SER A 109 4.01 25.37 -1.00
CA SER A 109 3.38 24.43 -1.93
C SER A 109 3.00 23.14 -1.23
N GLY A 110 2.45 23.26 -0.03
CA GLY A 110 2.05 22.09 0.73
C GLY A 110 0.68 21.58 0.32
N GLY A 1 38.16 11.87 18.54
CA GLY A 1 36.88 11.20 18.48
C GLY A 1 36.99 9.73 18.17
N SER A 2 35.86 9.09 17.90
CA SER A 2 35.85 7.66 17.58
C SER A 2 34.48 7.23 17.05
N SER A 3 34.43 6.03 16.50
CA SER A 3 33.18 5.51 15.94
C SER A 3 33.32 4.02 15.61
N GLY A 4 32.20 3.41 15.21
CA GLY A 4 32.22 1.99 14.87
C GLY A 4 31.03 1.59 14.03
N SER A 5 30.86 0.29 13.84
CA SER A 5 29.75 -0.23 13.05
C SER A 5 29.62 -1.75 13.21
N SER A 6 28.61 -2.32 12.58
CA SER A 6 28.37 -3.76 12.67
C SER A 6 27.22 -4.17 11.74
N GLY A 7 27.00 -5.48 11.64
CA GLY A 7 25.94 -5.98 10.80
C GLY A 7 24.57 -5.86 11.44
N ASP A 8 23.54 -6.32 10.73
CA ASP A 8 22.18 -6.25 11.24
C ASP A 8 21.26 -7.18 10.47
N LYS A 9 20.24 -7.69 11.13
CA LYS A 9 19.28 -8.61 10.51
C LYS A 9 17.91 -7.95 10.38
N LEU A 10 17.09 -8.49 9.49
CA LEU A 10 15.74 -7.96 9.27
C LEU A 10 14.76 -9.07 8.94
N TYR A 11 13.51 -8.70 8.70
CA TYR A 11 12.47 -9.67 8.38
C TYR A 11 11.74 -9.30 7.10
N PRO A 12 11.87 -10.16 6.07
CA PRO A 12 11.23 -9.93 4.77
C PRO A 12 9.70 -10.06 4.84
N CYS A 13 9.00 -9.18 4.14
CA CYS A 13 7.54 -9.19 4.12
C CYS A 13 7.02 -9.71 2.79
N GLN A 14 5.75 -10.09 2.76
CA GLN A 14 5.13 -10.59 1.54
C GLN A 14 5.26 -9.58 0.41
N CYS A 15 5.04 -8.31 0.73
CA CYS A 15 5.14 -7.24 -0.27
C CYS A 15 6.57 -7.10 -0.79
N GLY A 16 7.53 -7.39 0.08
CA GLY A 16 8.93 -7.29 -0.31
C GLY A 16 9.75 -6.50 0.68
N LYS A 17 9.10 -5.58 1.39
CA LYS A 17 9.78 -4.74 2.37
C LYS A 17 10.42 -5.61 3.46
N SER A 18 11.16 -4.96 4.36
CA SER A 18 11.83 -5.68 5.44
C SER A 18 11.69 -4.90 6.75
N PHE A 19 11.33 -5.62 7.81
CA PHE A 19 11.17 -5.00 9.13
C PHE A 19 12.18 -5.57 10.13
N THR A 20 12.66 -4.71 11.02
CA THR A 20 13.63 -5.12 12.02
C THR A 20 13.07 -6.20 12.94
N HIS A 21 11.75 -6.18 13.12
CA HIS A 21 11.08 -7.16 13.97
C HIS A 21 10.13 -8.02 13.15
N LYS A 22 9.72 -9.16 13.72
CA LYS A 22 8.81 -10.08 13.05
C LYS A 22 7.37 -9.61 13.18
N SER A 23 7.03 -9.08 14.35
CA SER A 23 5.68 -8.59 14.61
C SER A 23 5.31 -7.47 13.64
N GLN A 24 6.26 -6.56 13.42
CA GLN A 24 6.04 -5.44 12.52
C GLN A 24 5.84 -5.91 11.08
N ARG A 25 6.59 -6.95 10.70
CA ARG A 25 6.49 -7.51 9.36
C ARG A 25 5.17 -8.24 9.16
N ASP A 26 4.72 -8.93 10.20
CA ASP A 26 3.48 -9.67 10.14
C ASP A 26 2.28 -8.73 10.02
N ARG A 27 2.19 -7.77 10.95
CA ARG A 27 1.10 -6.80 10.94
C ARG A 27 0.96 -6.16 9.57
N HIS A 28 2.07 -6.01 8.86
CA HIS A 28 2.07 -5.41 7.53
C HIS A 28 1.58 -6.41 6.49
N MET A 29 1.83 -7.69 6.73
CA MET A 29 1.42 -8.74 5.80
C MET A 29 -0.10 -8.80 5.69
N SER A 30 -0.78 -8.72 6.83
CA SER A 30 -2.24 -8.76 6.86
C SER A 30 -2.83 -7.65 5.99
N MET A 31 -2.24 -6.47 6.06
CA MET A 31 -2.71 -5.34 5.28
C MET A 31 -2.96 -5.73 3.83
N HIS A 32 -2.00 -6.43 3.24
CA HIS A 32 -2.12 -6.87 1.85
C HIS A 32 -3.39 -7.69 1.65
N LEU A 33 -3.83 -8.35 2.72
CA LEU A 33 -5.04 -9.17 2.66
C LEU A 33 -6.27 -8.34 3.01
N GLY A 34 -6.37 -7.15 2.43
CA GLY A 34 -7.50 -6.28 2.68
C GLY A 34 -8.77 -6.78 2.02
N LEU A 35 -9.91 -6.28 2.48
CA LEU A 35 -11.20 -6.68 1.91
C LEU A 35 -11.68 -5.65 0.89
N ARG A 36 -10.77 -5.23 0.01
CA ARG A 36 -11.11 -4.27 -1.02
C ARG A 36 -10.44 -4.62 -2.35
N PRO A 37 -11.25 -5.02 -3.34
CA PRO A 37 -10.76 -5.40 -4.67
C PRO A 37 -10.23 -4.21 -5.45
N TYR A 38 -10.58 -3.01 -5.00
CA TYR A 38 -10.15 -1.79 -5.67
C TYR A 38 -8.94 -1.19 -4.96
N GLY A 39 -7.77 -1.33 -5.58
CA GLY A 39 -6.54 -0.80 -4.99
C GLY A 39 -5.91 0.27 -5.86
N CYS A 40 -5.46 1.34 -5.23
CA CYS A 40 -4.83 2.44 -5.96
C CYS A 40 -3.36 2.13 -6.25
N GLY A 41 -3.07 1.87 -7.51
CA GLY A 41 -1.70 1.56 -7.90
C GLY A 41 -0.85 2.80 -8.10
N VAL A 42 -1.14 3.83 -7.30
CA VAL A 42 -0.39 5.08 -7.39
C VAL A 42 0.23 5.45 -6.04
N CYS A 43 -0.57 5.35 -4.99
CA CYS A 43 -0.11 5.67 -3.64
C CYS A 43 -0.08 4.43 -2.76
N GLY A 44 -1.05 3.54 -2.96
CA GLY A 44 -1.11 2.32 -2.18
C GLY A 44 -2.37 2.24 -1.33
N LYS A 45 -3.45 2.84 -1.80
CA LYS A 45 -4.71 2.84 -1.07
C LYS A 45 -5.63 1.72 -1.57
N LYS A 46 -6.82 1.65 -0.99
CA LYS A 46 -7.79 0.62 -1.38
C LYS A 46 -9.20 1.04 -0.97
N PHE A 47 -10.19 0.52 -1.69
CA PHE A 47 -11.59 0.83 -1.40
C PHE A 47 -12.49 -0.35 -1.73
N LYS A 48 -13.49 -0.57 -0.90
CA LYS A 48 -14.43 -1.67 -1.10
C LYS A 48 -15.27 -1.45 -2.35
N MET A 49 -15.75 -0.22 -2.52
CA MET A 49 -16.56 0.13 -3.69
C MET A 49 -15.70 0.74 -4.78
N LYS A 50 -16.20 0.69 -6.02
CA LYS A 50 -15.48 1.24 -7.15
C LYS A 50 -15.48 2.77 -7.11
N HIS A 51 -16.66 3.34 -6.86
CA HIS A 51 -16.80 4.80 -6.79
C HIS A 51 -15.96 5.36 -5.65
N HIS A 52 -15.83 4.59 -4.58
CA HIS A 52 -15.05 5.02 -3.42
C HIS A 52 -13.60 5.28 -3.79
N LEU A 53 -13.13 4.59 -4.83
CA LEU A 53 -11.76 4.75 -5.31
C LEU A 53 -11.61 5.97 -6.20
N VAL A 54 -12.60 6.16 -7.08
CA VAL A 54 -12.58 7.30 -8.00
C VAL A 54 -12.45 8.61 -7.24
N GLY A 55 -13.30 8.81 -6.23
CA GLY A 55 -13.26 10.02 -5.44
C GLY A 55 -11.88 10.29 -4.87
N HIS A 56 -11.00 9.29 -4.93
CA HIS A 56 -9.65 9.43 -4.41
C HIS A 56 -8.64 9.50 -5.55
N MET A 57 -8.87 8.72 -6.60
CA MET A 57 -7.98 8.69 -7.75
C MET A 57 -7.84 10.08 -8.36
N LYS A 58 -8.86 10.91 -8.18
CA LYS A 58 -8.86 12.26 -8.72
C LYS A 58 -7.71 13.07 -8.12
N ILE A 59 -7.05 12.51 -7.11
CA ILE A 59 -5.93 13.17 -6.46
C ILE A 59 -4.62 12.89 -7.19
N HIS A 60 -4.62 11.86 -8.03
CA HIS A 60 -3.44 11.49 -8.79
C HIS A 60 -3.59 11.86 -10.25
N THR A 61 -4.79 11.70 -10.79
CA THR A 61 -5.08 12.03 -12.17
C THR A 61 -4.39 13.32 -12.58
N GLY A 62 -4.05 13.44 -13.86
CA GLY A 62 -3.40 14.63 -14.36
C GLY A 62 -2.08 14.34 -15.03
N ILE A 63 -1.52 15.32 -15.72
CA ILE A 63 -0.26 15.16 -16.41
C ILE A 63 0.89 14.97 -15.42
N LYS A 64 1.83 14.10 -15.78
CA LYS A 64 2.98 13.82 -14.93
C LYS A 64 4.27 14.31 -15.57
N PRO A 65 4.44 15.64 -15.64
CA PRO A 65 5.62 16.26 -16.23
C PRO A 65 6.88 16.05 -15.38
N TYR A 66 6.73 16.22 -14.08
CA TYR A 66 7.84 16.06 -13.16
C TYR A 66 7.56 14.95 -12.14
N GLU A 67 8.62 14.28 -11.71
CA GLU A 67 8.48 13.18 -10.75
C GLU A 67 9.76 13.02 -9.93
N CYS A 68 9.60 12.90 -8.61
CA CYS A 68 10.74 12.73 -7.71
C CYS A 68 11.54 11.49 -8.09
N ASN A 69 12.73 11.37 -7.48
CA ASN A 69 13.60 10.22 -7.75
C ASN A 69 13.62 9.27 -6.55
N ILE A 70 13.48 9.83 -5.35
CA ILE A 70 13.50 9.03 -4.14
C ILE A 70 12.15 8.34 -3.93
N CYS A 71 11.12 9.13 -3.64
CA CYS A 71 9.78 8.59 -3.42
C CYS A 71 9.07 8.36 -4.75
N ALA A 72 9.54 9.02 -5.80
CA ALA A 72 8.94 8.88 -7.13
C ALA A 72 7.59 9.58 -7.20
N LYS A 73 7.42 10.60 -6.36
CA LYS A 73 6.17 11.36 -6.33
C LYS A 73 5.94 12.08 -7.66
N ARG A 74 4.74 12.59 -7.85
CA ARG A 74 4.38 13.31 -9.07
C ARG A 74 3.81 14.68 -8.76
N PHE A 75 4.26 15.69 -9.49
CA PHE A 75 3.79 17.05 -9.30
C PHE A 75 3.27 17.65 -10.60
N MET A 76 2.55 18.76 -10.49
CA MET A 76 2.00 19.43 -11.67
C MET A 76 2.62 20.81 -11.85
N TRP A 77 3.75 21.04 -11.19
CA TRP A 77 4.45 22.31 -11.29
C TRP A 77 5.95 22.13 -11.09
N ARG A 78 6.74 22.76 -11.96
CA ARG A 78 8.19 22.67 -11.88
C ARG A 78 8.69 23.17 -10.52
N ASP A 79 8.18 24.32 -10.09
CA ASP A 79 8.59 24.90 -8.82
C ASP A 79 8.42 23.89 -7.68
N SER A 80 7.22 23.33 -7.57
CA SER A 80 6.93 22.35 -6.53
C SER A 80 7.85 21.14 -6.65
N PHE A 81 8.06 20.68 -7.88
CA PHE A 81 8.91 19.53 -8.13
C PHE A 81 10.27 19.70 -7.44
N HIS A 82 10.98 20.76 -7.81
CA HIS A 82 12.30 21.03 -7.23
C HIS A 82 12.17 21.37 -5.75
N ARG A 83 11.20 22.20 -5.42
CA ARG A 83 10.97 22.61 -4.03
C ARG A 83 10.88 21.39 -3.12
N HIS A 84 10.35 20.29 -3.65
CA HIS A 84 10.21 19.06 -2.88
C HIS A 84 11.45 18.18 -3.03
N VAL A 85 11.78 17.84 -4.28
CA VAL A 85 12.94 17.01 -4.55
C VAL A 85 14.18 17.50 -3.81
N THR A 86 14.42 18.80 -3.91
CA THR A 86 15.57 19.41 -3.24
C THR A 86 15.68 18.94 -1.79
N SER A 87 14.54 18.64 -1.19
CA SER A 87 14.51 18.17 0.20
C SER A 87 14.48 16.65 0.26
N CYS A 88 13.64 16.04 -0.57
CA CYS A 88 13.51 14.59 -0.60
C CYS A 88 14.87 13.93 -0.85
N THR A 89 15.83 14.73 -1.33
CA THR A 89 17.17 14.23 -1.61
C THR A 89 18.08 14.39 -0.39
N LYS A 90 18.10 15.60 0.17
CA LYS A 90 18.91 15.90 1.34
C LYS A 90 18.98 14.70 2.27
N SER A 91 17.82 14.30 2.79
CA SER A 91 17.74 13.17 3.71
C SER A 91 18.34 11.92 3.07
N TYR A 92 17.91 11.62 1.86
CA TYR A 92 18.40 10.44 1.14
C TYR A 92 19.93 10.39 1.15
N GLU A 93 20.54 11.45 0.60
CA GLU A 93 21.99 11.52 0.54
C GLU A 93 22.62 11.09 1.86
N ALA A 94 22.07 11.59 2.97
CA ALA A 94 22.57 11.25 4.29
C ALA A 94 22.38 9.77 4.59
N ALA A 95 21.27 9.21 4.11
CA ALA A 95 20.97 7.80 4.32
C ALA A 95 22.04 6.90 3.71
N LYS A 96 22.54 7.30 2.53
CA LYS A 96 23.57 6.54 1.85
C LYS A 96 24.71 6.18 2.80
N ALA A 97 25.64 5.38 2.31
CA ALA A 97 26.78 4.95 3.12
C ALA A 97 28.08 5.56 2.60
N GLU A 98 28.26 6.85 2.87
CA GLU A 98 29.46 7.56 2.42
C GLU A 98 30.59 7.39 3.44
N GLN A 99 30.26 7.52 4.71
CA GLN A 99 31.24 7.39 5.78
C GLN A 99 31.15 6.01 6.44
N ASN A 100 29.93 5.59 6.74
CA ASN A 100 29.71 4.29 7.36
C ASN A 100 30.38 3.17 6.57
N THR A 101 30.99 2.22 7.28
CA THR A 101 31.66 1.11 6.63
C THR A 101 30.65 0.11 6.08
N THR A 102 29.72 -0.33 6.93
CA THR A 102 28.70 -1.28 6.51
C THR A 102 28.14 -0.93 5.15
N GLU A 103 28.04 -1.93 4.28
CA GLU A 103 27.51 -1.72 2.93
C GLU A 103 26.49 -2.81 2.57
N ALA A 104 25.88 -2.67 1.41
CA ALA A 104 24.89 -3.64 0.94
C ALA A 104 25.46 -4.53 -0.16
N SER A 105 25.69 -5.80 0.17
CA SER A 105 26.24 -6.74 -0.79
C SER A 105 25.22 -7.09 -1.87
N GLY A 106 25.66 -7.80 -2.90
CA GLY A 106 24.77 -8.18 -3.98
C GLY A 106 24.30 -9.62 -3.88
N PRO A 107 23.03 -9.85 -4.23
CA PRO A 107 22.43 -11.19 -4.18
C PRO A 107 23.01 -12.12 -5.24
N SER A 108 22.48 -13.34 -5.29
CA SER A 108 22.94 -14.33 -6.26
C SER A 108 21.77 -15.04 -6.92
N SER A 109 22.02 -15.71 -8.04
CA SER A 109 20.99 -16.43 -8.76
C SER A 109 21.17 -17.94 -8.61
N GLY A 110 20.16 -18.70 -9.05
CA GLY A 110 20.23 -20.14 -8.96
C GLY A 110 18.94 -20.75 -8.44
N GLY A 1 29.80 -30.92 14.76
CA GLY A 1 28.61 -30.17 15.10
C GLY A 1 28.03 -29.43 13.91
N SER A 2 27.54 -28.22 14.14
CA SER A 2 26.95 -27.42 13.08
C SER A 2 26.68 -25.99 13.56
N SER A 3 27.28 -25.03 12.88
CA SER A 3 27.11 -23.62 13.24
C SER A 3 26.99 -22.75 12.00
N GLY A 4 26.62 -21.49 12.19
CA GLY A 4 26.48 -20.57 11.08
C GLY A 4 27.30 -19.31 11.26
N SER A 5 27.14 -18.36 10.33
CA SER A 5 27.88 -17.11 10.39
C SER A 5 27.12 -16.00 9.67
N SER A 6 26.95 -14.87 10.34
CA SER A 6 26.24 -13.73 9.77
C SER A 6 26.36 -12.51 10.68
N GLY A 7 25.82 -11.39 10.21
CA GLY A 7 25.88 -10.16 10.99
C GLY A 7 24.53 -9.77 11.56
N ASP A 8 23.68 -9.19 10.73
CA ASP A 8 22.35 -8.77 11.15
C ASP A 8 21.26 -9.51 10.37
N LYS A 9 20.09 -9.64 10.98
CA LYS A 9 18.97 -10.33 10.35
C LYS A 9 17.73 -9.44 10.31
N LEU A 10 16.91 -9.62 9.29
CA LEU A 10 15.69 -8.84 9.15
C LEU A 10 14.50 -9.73 8.81
N TYR A 11 13.33 -9.12 8.67
CA TYR A 11 12.11 -9.86 8.35
C TYR A 11 11.41 -9.27 7.14
N PRO A 12 11.63 -9.88 5.97
CA PRO A 12 11.02 -9.44 4.70
C PRO A 12 9.52 -9.67 4.67
N CYS A 13 8.78 -8.68 4.19
CA CYS A 13 7.33 -8.78 4.09
C CYS A 13 6.91 -9.29 2.71
N GLN A 14 5.66 -9.74 2.62
CA GLN A 14 5.13 -10.25 1.36
C GLN A 14 5.35 -9.24 0.22
N CYS A 15 5.02 -7.99 0.49
CA CYS A 15 5.18 -6.93 -0.50
C CYS A 15 6.63 -6.81 -0.94
N GLY A 16 7.55 -7.14 -0.03
CA GLY A 16 8.97 -7.06 -0.35
C GLY A 16 9.76 -6.31 0.71
N LYS A 17 9.07 -5.45 1.45
CA LYS A 17 9.72 -4.67 2.50
C LYS A 17 10.49 -5.57 3.45
N SER A 18 11.03 -4.98 4.52
CA SER A 18 11.80 -5.73 5.50
C SER A 18 11.83 -4.99 6.84
N PHE A 19 11.37 -5.66 7.89
CA PHE A 19 11.34 -5.07 9.22
C PHE A 19 12.30 -5.80 10.16
N THR A 20 12.90 -5.06 11.09
CA THR A 20 13.84 -5.63 12.04
C THR A 20 13.17 -6.67 12.93
N HIS A 21 11.89 -6.44 13.22
CA HIS A 21 11.12 -7.36 14.05
C HIS A 21 10.10 -8.13 13.23
N LYS A 22 9.62 -9.24 13.78
CA LYS A 22 8.64 -10.07 13.10
C LYS A 22 7.23 -9.49 13.24
N SER A 23 6.96 -8.92 14.40
CA SER A 23 5.65 -8.32 14.67
C SER A 23 5.39 -7.15 13.73
N GLN A 24 6.41 -6.34 13.50
CA GLN A 24 6.28 -5.18 12.62
C GLN A 24 6.00 -5.63 11.18
N ARG A 25 6.59 -6.74 10.78
CA ARG A 25 6.40 -7.27 9.44
C ARG A 25 5.04 -7.93 9.30
N ASP A 26 4.54 -8.49 10.40
CA ASP A 26 3.24 -9.16 10.40
C ASP A 26 2.12 -8.15 10.13
N ARG A 27 2.12 -7.06 10.88
CA ARG A 27 1.11 -6.03 10.72
C ARG A 27 1.05 -5.53 9.28
N HIS A 28 2.18 -5.64 8.58
CA HIS A 28 2.26 -5.20 7.20
C HIS A 28 1.97 -6.36 6.24
N MET A 29 1.86 -7.55 6.78
CA MET A 29 1.57 -8.74 5.98
C MET A 29 0.07 -8.92 5.77
N SER A 30 -0.68 -8.95 6.87
CA SER A 30 -2.13 -9.12 6.80
C SER A 30 -2.76 -8.02 5.94
N MET A 31 -2.30 -6.78 6.15
CA MET A 31 -2.83 -5.65 5.41
C MET A 31 -3.00 -6.00 3.93
N HIS A 32 -2.12 -6.85 3.42
CA HIS A 32 -2.18 -7.27 2.03
C HIS A 32 -3.38 -8.19 1.79
N LEU A 33 -3.52 -9.20 2.63
CA LEU A 33 -4.62 -10.15 2.50
C LEU A 33 -5.83 -9.68 3.30
N GLY A 34 -5.69 -9.62 4.61
CA GLY A 34 -6.78 -9.18 5.46
C GLY A 34 -7.54 -10.34 6.09
N LEU A 35 -8.62 -10.75 5.45
CA LEU A 35 -9.44 -11.85 5.94
C LEU A 35 -9.57 -12.95 4.89
N ARG A 36 -9.47 -12.56 3.63
CA ARG A 36 -9.57 -13.51 2.53
C ARG A 36 -8.21 -13.76 1.89
N PRO A 37 -7.57 -14.88 2.25
CA PRO A 37 -6.27 -15.26 1.72
C PRO A 37 -6.33 -15.65 0.25
N TYR A 38 -7.53 -15.83 -0.27
CA TYR A 38 -7.72 -16.20 -1.67
C TYR A 38 -8.25 -15.02 -2.47
N GLY A 39 -7.89 -14.98 -3.76
CA GLY A 39 -8.33 -13.91 -4.62
C GLY A 39 -8.27 -14.28 -6.09
N CYS A 40 -9.22 -13.78 -6.87
CA CYS A 40 -9.28 -14.07 -8.29
C CYS A 40 -8.51 -13.01 -9.09
N GLY A 41 -7.31 -13.37 -9.54
CA GLY A 41 -6.49 -12.45 -10.31
C GLY A 41 -6.91 -12.38 -11.75
N VAL A 42 -8.21 -12.45 -12.00
CA VAL A 42 -8.74 -12.39 -13.37
C VAL A 42 -9.84 -11.33 -13.49
N CYS A 43 -10.75 -11.33 -12.52
CA CYS A 43 -11.86 -10.38 -12.51
C CYS A 43 -11.73 -9.40 -11.35
N GLY A 44 -11.26 -9.91 -10.21
CA GLY A 44 -11.10 -9.07 -9.03
C GLY A 44 -11.98 -9.51 -7.88
N LYS A 45 -12.23 -10.82 -7.80
CA LYS A 45 -13.06 -11.36 -6.73
C LYS A 45 -12.20 -11.93 -5.60
N LYS A 46 -12.86 -12.44 -4.57
CA LYS A 46 -12.16 -13.01 -3.43
C LYS A 46 -13.04 -13.98 -2.66
N PHE A 47 -12.42 -14.91 -1.96
CA PHE A 47 -13.17 -15.91 -1.18
C PHE A 47 -12.37 -16.34 0.04
N LYS A 48 -13.10 -16.64 1.13
CA LYS A 48 -12.45 -17.07 2.37
C LYS A 48 -11.94 -18.49 2.26
N MET A 49 -12.72 -19.35 1.59
CA MET A 49 -12.33 -20.74 1.40
C MET A 49 -11.70 -20.96 0.03
N LYS A 50 -10.74 -21.88 -0.04
CA LYS A 50 -10.07 -22.19 -1.30
C LYS A 50 -11.04 -22.78 -2.31
N HIS A 51 -12.04 -23.52 -1.81
CA HIS A 51 -13.03 -24.14 -2.67
C HIS A 51 -14.05 -23.12 -3.15
N HIS A 52 -14.36 -22.14 -2.30
CA HIS A 52 -15.32 -21.10 -2.64
C HIS A 52 -14.84 -20.29 -3.84
N LEU A 53 -13.52 -20.25 -4.04
CA LEU A 53 -12.94 -19.52 -5.15
C LEU A 53 -12.96 -20.34 -6.43
N VAL A 54 -12.73 -21.64 -6.29
CA VAL A 54 -12.73 -22.54 -7.44
C VAL A 54 -14.06 -22.47 -8.19
N GLY A 55 -15.14 -22.84 -7.52
CA GLY A 55 -16.45 -22.80 -8.15
C GLY A 55 -16.64 -21.56 -9.01
N HIS A 56 -15.93 -20.50 -8.69
CA HIS A 56 -16.03 -19.25 -9.43
C HIS A 56 -14.96 -19.19 -10.53
N MET A 57 -13.74 -19.57 -10.18
CA MET A 57 -12.64 -19.56 -11.15
C MET A 57 -13.03 -20.30 -12.42
N LYS A 58 -13.94 -21.26 -12.30
CA LYS A 58 -14.40 -22.04 -13.45
C LYS A 58 -14.98 -21.13 -14.52
N ILE A 59 -15.22 -19.87 -14.17
CA ILE A 59 -15.77 -18.90 -15.10
C ILE A 59 -14.68 -18.28 -15.97
N HIS A 60 -13.43 -18.40 -15.51
CA HIS A 60 -12.30 -17.85 -16.24
C HIS A 60 -11.43 -18.97 -16.82
N THR A 61 -11.21 -20.00 -16.01
CA THR A 61 -10.40 -21.14 -16.43
C THR A 61 -11.06 -21.89 -17.58
N GLY A 62 -10.41 -21.89 -18.75
CA GLY A 62 -10.96 -22.57 -19.91
C GLY A 62 -12.04 -21.77 -20.60
N ILE A 63 -12.42 -22.20 -21.80
CA ILE A 63 -13.46 -21.51 -22.56
C ILE A 63 -14.76 -22.28 -22.52
N LYS A 64 -15.86 -21.56 -22.33
CA LYS A 64 -17.19 -22.17 -22.28
C LYS A 64 -18.03 -21.77 -23.49
N PRO A 65 -17.76 -22.40 -24.63
CA PRO A 65 -18.48 -22.11 -25.88
C PRO A 65 -19.92 -22.61 -25.84
N TYR A 66 -20.26 -23.36 -24.80
CA TYR A 66 -21.60 -23.89 -24.64
C TYR A 66 -22.27 -23.32 -23.39
N GLU A 67 -23.60 -23.36 -23.36
CA GLU A 67 -24.36 -22.85 -22.24
C GLU A 67 -25.78 -23.42 -22.22
N CYS A 68 -26.28 -23.71 -21.03
CA CYS A 68 -27.61 -24.27 -20.87
C CYS A 68 -28.68 -23.27 -21.33
N ASN A 69 -29.93 -23.71 -21.33
CA ASN A 69 -31.04 -22.84 -21.75
C ASN A 69 -31.93 -22.50 -20.56
N ILE A 70 -32.04 -23.43 -19.62
CA ILE A 70 -32.87 -23.22 -18.43
C ILE A 70 -32.12 -22.44 -17.37
N CYS A 71 -31.04 -23.02 -16.87
CA CYS A 71 -30.22 -22.37 -15.84
C CYS A 71 -29.15 -21.49 -16.47
N ALA A 72 -29.13 -21.45 -17.80
CA ALA A 72 -28.17 -20.64 -18.53
C ALA A 72 -26.75 -20.88 -18.02
N LYS A 73 -26.50 -22.09 -17.53
CA LYS A 73 -25.19 -22.45 -17.01
C LYS A 73 -24.15 -22.49 -18.14
N ARG A 74 -22.88 -22.44 -17.77
CA ARG A 74 -21.80 -22.48 -18.73
C ARG A 74 -20.94 -23.72 -18.55
N PHE A 75 -20.57 -24.36 -19.67
CA PHE A 75 -19.75 -25.56 -19.63
C PHE A 75 -18.59 -25.46 -20.61
N MET A 76 -17.53 -26.21 -20.36
CA MET A 76 -16.36 -26.21 -21.22
C MET A 76 -16.36 -27.44 -22.14
N TRP A 77 -16.66 -28.60 -21.58
CA TRP A 77 -16.69 -29.83 -22.34
C TRP A 77 -18.06 -30.03 -23.00
N ARG A 78 -18.05 -30.42 -24.27
CA ARG A 78 -19.28 -30.65 -25.01
C ARG A 78 -20.09 -31.78 -24.41
N ASP A 79 -19.42 -32.91 -24.16
CA ASP A 79 -20.07 -34.07 -23.58
C ASP A 79 -20.81 -33.70 -22.29
N SER A 80 -20.19 -32.85 -21.49
CA SER A 80 -20.79 -32.42 -20.23
C SER A 80 -21.95 -31.47 -20.47
N PHE A 81 -21.75 -30.52 -21.39
CA PHE A 81 -22.79 -29.55 -21.71
C PHE A 81 -24.11 -30.24 -22.03
N HIS A 82 -24.08 -31.14 -23.02
CA HIS A 82 -25.27 -31.87 -23.42
C HIS A 82 -25.71 -32.83 -22.32
N ARG A 83 -24.74 -33.50 -21.70
CA ARG A 83 -25.03 -34.44 -20.63
C ARG A 83 -25.92 -33.82 -19.57
N HIS A 84 -25.54 -32.63 -19.11
CA HIS A 84 -26.31 -31.92 -18.09
C HIS A 84 -27.61 -31.38 -18.67
N VAL A 85 -27.48 -30.52 -19.68
CA VAL A 85 -28.65 -29.92 -20.33
C VAL A 85 -29.75 -30.97 -20.56
N THR A 86 -29.34 -32.15 -21.01
CA THR A 86 -30.29 -33.23 -21.27
C THR A 86 -31.25 -33.41 -20.10
N SER A 87 -30.70 -33.44 -18.89
CA SER A 87 -31.51 -33.61 -17.69
C SER A 87 -32.12 -32.30 -17.25
N CYS A 88 -31.29 -31.26 -17.15
CA CYS A 88 -31.75 -29.94 -16.75
C CYS A 88 -33.08 -29.60 -17.42
N THR A 89 -33.29 -30.13 -18.62
CA THR A 89 -34.52 -29.88 -19.37
C THR A 89 -35.65 -30.78 -18.88
N LYS A 90 -35.35 -32.07 -18.72
CA LYS A 90 -36.33 -33.03 -18.27
C LYS A 90 -37.30 -32.40 -17.27
N SER A 91 -36.75 -31.85 -16.19
CA SER A 91 -37.56 -31.21 -15.16
C SER A 91 -38.41 -30.09 -15.75
N TYR A 92 -37.76 -29.19 -16.48
CA TYR A 92 -38.45 -28.06 -17.10
C TYR A 92 -39.64 -28.55 -17.92
N GLU A 93 -39.37 -29.36 -18.94
CA GLU A 93 -40.43 -29.89 -19.79
C GLU A 93 -41.59 -30.42 -18.97
N ALA A 94 -41.27 -31.15 -17.89
CA ALA A 94 -42.27 -31.72 -17.01
C ALA A 94 -43.12 -30.62 -16.38
N ALA A 95 -42.47 -29.55 -15.95
CA ALA A 95 -43.16 -28.43 -15.32
C ALA A 95 -44.16 -27.79 -16.28
N LYS A 96 -43.71 -27.53 -17.50
CA LYS A 96 -44.57 -26.92 -18.51
C LYS A 96 -45.57 -27.93 -19.06
N ALA A 97 -46.58 -27.44 -19.77
CA ALA A 97 -47.60 -28.29 -20.34
C ALA A 97 -48.34 -29.08 -19.27
N GLU A 98 -48.54 -28.43 -18.12
CA GLU A 98 -49.23 -29.08 -17.00
C GLU A 98 -50.63 -29.50 -17.40
N GLN A 99 -50.73 -30.65 -18.08
CA GLN A 99 -52.02 -31.16 -18.52
C GLN A 99 -52.92 -30.04 -19.00
N ASN A 100 -52.34 -29.08 -19.72
CA ASN A 100 -53.08 -27.95 -20.24
C ASN A 100 -54.37 -28.40 -20.91
N THR A 101 -55.31 -27.47 -21.09
CA THR A 101 -56.59 -27.79 -21.73
C THR A 101 -56.38 -28.52 -23.05
N THR A 102 -57.17 -29.56 -23.27
CA THR A 102 -57.07 -30.35 -24.49
C THR A 102 -58.46 -30.71 -25.02
N GLU A 103 -58.73 -30.35 -26.27
CA GLU A 103 -60.02 -30.64 -26.89
C GLU A 103 -60.01 -32.03 -27.52
N ALA A 104 -60.33 -33.03 -26.72
CA ALA A 104 -60.37 -34.42 -27.20
C ALA A 104 -61.33 -35.26 -26.38
N SER A 105 -61.97 -36.24 -27.03
CA SER A 105 -62.92 -37.11 -26.35
C SER A 105 -62.77 -38.55 -26.85
N GLY A 106 -63.11 -39.50 -25.98
CA GLY A 106 -63.01 -40.90 -26.35
C GLY A 106 -62.61 -41.78 -25.18
N PRO A 107 -63.50 -41.92 -24.20
CA PRO A 107 -63.26 -42.74 -23.01
C PRO A 107 -63.22 -44.22 -23.32
N SER A 108 -62.28 -44.93 -22.70
CA SER A 108 -62.15 -46.37 -22.92
C SER A 108 -62.59 -47.15 -21.68
N SER A 109 -63.16 -48.33 -21.91
CA SER A 109 -63.63 -49.17 -20.82
C SER A 109 -62.48 -49.51 -19.86
N GLY A 110 -62.84 -49.95 -18.66
CA GLY A 110 -61.84 -50.31 -17.67
C GLY A 110 -62.11 -51.64 -17.03
N GLY A 1 45.90 -3.27 22.26
CA GLY A 1 44.67 -4.02 22.14
C GLY A 1 44.01 -3.84 20.80
N SER A 2 42.92 -4.57 20.57
CA SER A 2 42.19 -4.50 19.31
C SER A 2 40.92 -5.32 19.37
N SER A 3 39.78 -4.65 19.18
CA SER A 3 38.49 -5.31 19.21
C SER A 3 37.57 -4.79 18.11
N GLY A 4 36.39 -5.39 17.99
CA GLY A 4 35.45 -4.97 16.98
C GLY A 4 34.40 -6.02 16.69
N SER A 5 33.20 -5.58 16.30
CA SER A 5 32.11 -6.49 16.00
C SER A 5 30.90 -5.73 15.45
N SER A 6 30.05 -6.44 14.72
CA SER A 6 28.86 -5.84 14.13
C SER A 6 27.93 -6.90 13.57
N GLY A 7 26.66 -6.54 13.37
CA GLY A 7 25.69 -7.47 12.85
C GLY A 7 24.27 -6.94 12.92
N ASP A 8 23.39 -7.50 12.11
CA ASP A 8 21.99 -7.07 12.07
C ASP A 8 21.12 -8.11 11.38
N LYS A 9 19.81 -7.88 11.39
CA LYS A 9 18.86 -8.79 10.77
C LYS A 9 17.54 -8.10 10.48
N LEU A 10 16.76 -8.68 9.58
CA LEU A 10 15.47 -8.11 9.20
C LEU A 10 14.46 -9.22 8.89
N TYR A 11 13.23 -8.82 8.60
CA TYR A 11 12.17 -9.78 8.29
C TYR A 11 11.52 -9.44 6.96
N PRO A 12 11.59 -10.40 6.02
CA PRO A 12 11.01 -10.25 4.68
C PRO A 12 9.49 -10.24 4.71
N CYS A 13 8.89 -9.29 4.00
CA CYS A 13 7.43 -9.18 3.94
C CYS A 13 6.92 -9.50 2.55
N GLN A 14 5.69 -9.99 2.47
CA GLN A 14 5.08 -10.33 1.19
C GLN A 14 5.29 -9.23 0.17
N CYS A 15 5.02 -7.99 0.58
CA CYS A 15 5.18 -6.84 -0.31
C CYS A 15 6.59 -6.78 -0.88
N GLY A 16 7.55 -7.28 -0.10
CA GLY A 16 8.93 -7.28 -0.54
C GLY A 16 9.81 -6.37 0.30
N LYS A 17 9.26 -5.90 1.42
CA LYS A 17 10.00 -5.02 2.32
C LYS A 17 10.74 -5.81 3.39
N SER A 18 11.44 -5.12 4.26
CA SER A 18 12.20 -5.75 5.33
C SER A 18 12.14 -4.92 6.61
N PHE A 19 11.53 -5.49 7.65
CA PHE A 19 11.40 -4.79 8.92
C PHE A 19 12.47 -5.28 9.91
N THR A 20 12.53 -4.64 11.07
CA THR A 20 13.50 -5.01 12.09
C THR A 20 12.89 -5.98 13.09
N HIS A 21 11.58 -5.93 13.25
CA HIS A 21 10.89 -6.81 14.18
C HIS A 21 9.96 -7.77 13.42
N LYS A 22 9.62 -8.88 14.06
CA LYS A 22 8.74 -9.87 13.45
C LYS A 22 7.30 -9.37 13.41
N SER A 23 6.79 -8.93 14.55
CA SER A 23 5.42 -8.43 14.63
C SER A 23 5.18 -7.35 13.57
N GLN A 24 6.12 -6.43 13.44
CA GLN A 24 6.01 -5.35 12.46
C GLN A 24 5.79 -5.92 11.05
N ARG A 25 6.57 -6.91 10.70
CA ARG A 25 6.47 -7.54 9.38
C ARG A 25 5.17 -8.34 9.26
N ASP A 26 4.81 -9.03 10.34
CA ASP A 26 3.59 -9.83 10.35
C ASP A 26 2.36 -8.96 10.14
N ARG A 27 2.23 -7.91 10.95
CA ARG A 27 1.10 -6.99 10.85
C ARG A 27 1.01 -6.39 9.45
N HIS A 28 2.17 -6.15 8.84
CA HIS A 28 2.21 -5.58 7.50
C HIS A 28 1.67 -6.57 6.46
N MET A 29 1.99 -7.84 6.64
CA MET A 29 1.54 -8.88 5.73
C MET A 29 0.01 -8.98 5.74
N SER A 30 -0.57 -9.00 6.93
CA SER A 30 -2.01 -9.10 7.08
C SER A 30 -2.72 -7.98 6.30
N MET A 31 -2.18 -6.77 6.42
CA MET A 31 -2.75 -5.62 5.73
C MET A 31 -3.00 -5.94 4.26
N HIS A 32 -1.93 -6.25 3.53
CA HIS A 32 -2.04 -6.57 2.12
C HIS A 32 -3.34 -7.30 1.82
N LEU A 33 -3.66 -8.29 2.65
CA LEU A 33 -4.89 -9.07 2.48
C LEU A 33 -6.11 -8.21 2.73
N GLY A 34 -6.44 -7.36 1.76
CA GLY A 34 -7.60 -6.49 1.90
C GLY A 34 -7.27 -5.03 1.61
N LEU A 35 -6.76 -4.76 0.43
CA LEU A 35 -6.39 -3.40 0.04
C LEU A 35 -6.50 -3.22 -1.47
N ARG A 36 -7.03 -2.07 -1.89
CA ARG A 36 -7.18 -1.78 -3.31
C ARG A 36 -5.84 -1.43 -3.94
N PRO A 37 -5.56 -2.02 -5.11
CA PRO A 37 -4.32 -1.78 -5.84
C PRO A 37 -4.24 -0.37 -6.42
N TYR A 38 -5.36 0.35 -6.37
CA TYR A 38 -5.43 1.71 -6.90
C TYR A 38 -5.20 2.72 -5.78
N GLY A 39 -4.29 2.40 -4.87
CA GLY A 39 -3.99 3.30 -3.77
C GLY A 39 -3.27 4.56 -4.22
N CYS A 40 -3.93 5.70 -4.04
CA CYS A 40 -3.35 6.97 -4.44
C CYS A 40 -2.10 7.29 -3.62
N GLY A 41 -0.94 7.20 -4.27
CA GLY A 41 0.31 7.48 -3.57
C GLY A 41 0.60 8.96 -3.49
N VAL A 42 -0.45 9.77 -3.39
CA VAL A 42 -0.29 11.22 -3.31
C VAL A 42 -0.94 11.76 -2.03
N CYS A 43 -2.11 11.24 -1.71
CA CYS A 43 -2.84 11.67 -0.51
C CYS A 43 -3.08 10.49 0.43
N GLY A 44 -3.42 9.35 -0.14
CA GLY A 44 -3.67 8.16 0.66
C GLY A 44 -5.07 7.60 0.47
N LYS A 45 -5.61 7.78 -0.74
CA LYS A 45 -6.95 7.30 -1.05
C LYS A 45 -6.88 5.95 -1.77
N LYS A 46 -8.04 5.39 -2.07
CA LYS A 46 -8.12 4.11 -2.75
C LYS A 46 -9.35 4.05 -3.66
N PHE A 47 -9.35 3.09 -4.57
CA PHE A 47 -10.47 2.92 -5.50
C PHE A 47 -10.48 1.51 -6.10
N LYS A 48 -11.53 0.75 -5.81
CA LYS A 48 -11.66 -0.61 -6.31
C LYS A 48 -11.50 -0.65 -7.83
N MET A 49 -11.95 0.41 -8.50
CA MET A 49 -11.85 0.50 -9.95
C MET A 49 -10.71 1.43 -10.35
N LYS A 50 -10.42 1.45 -11.66
CA LYS A 50 -9.35 2.30 -12.18
C LYS A 50 -9.88 3.68 -12.54
N HIS A 51 -11.17 3.75 -12.88
CA HIS A 51 -11.80 5.01 -13.25
C HIS A 51 -12.21 5.79 -12.00
N HIS A 52 -12.51 5.07 -10.93
CA HIS A 52 -12.92 5.70 -9.67
C HIS A 52 -11.78 6.50 -9.07
N LEU A 53 -10.55 6.11 -9.40
CA LEU A 53 -9.37 6.80 -8.89
C LEU A 53 -9.05 8.04 -9.72
N VAL A 54 -9.18 7.91 -11.04
CA VAL A 54 -8.92 9.01 -11.95
C VAL A 54 -9.71 10.26 -11.54
N GLY A 55 -11.03 10.13 -11.49
CA GLY A 55 -11.88 11.24 -11.12
C GLY A 55 -11.35 11.98 -9.90
N HIS A 56 -10.54 11.30 -9.11
CA HIS A 56 -9.98 11.89 -7.90
C HIS A 56 -8.57 12.43 -8.16
N MET A 57 -7.77 11.64 -8.86
CA MET A 57 -6.40 12.05 -9.18
C MET A 57 -6.36 13.44 -9.78
N LYS A 58 -7.42 13.80 -10.51
CA LYS A 58 -7.52 15.11 -11.13
C LYS A 58 -7.25 16.22 -10.12
N ILE A 59 -7.59 15.96 -8.86
CA ILE A 59 -7.38 16.94 -7.80
C ILE A 59 -5.89 17.19 -7.56
N HIS A 60 -5.09 16.13 -7.71
CA HIS A 60 -3.65 16.23 -7.50
C HIS A 60 -2.97 16.73 -8.77
N THR A 61 -3.15 16.00 -9.87
CA THR A 61 -2.55 16.38 -11.15
C THR A 61 -3.00 17.77 -11.58
N GLY A 62 -2.03 18.64 -11.87
CA GLY A 62 -2.35 19.99 -12.29
C GLY A 62 -1.22 20.64 -13.06
N ILE A 63 -0.53 21.57 -12.43
CA ILE A 63 0.58 22.27 -13.06
C ILE A 63 1.71 21.31 -13.40
N LYS A 64 1.96 21.14 -14.70
CA LYS A 64 3.02 20.24 -15.16
C LYS A 64 4.17 21.03 -15.75
N PRO A 65 5.01 21.60 -14.89
CA PRO A 65 6.17 22.40 -15.29
C PRO A 65 7.27 21.54 -15.92
N TYR A 66 7.48 20.36 -15.34
CA TYR A 66 8.50 19.45 -15.83
C TYR A 66 7.92 18.49 -16.86
N GLU A 67 8.79 17.91 -17.69
CA GLU A 67 8.37 16.98 -18.72
C GLU A 67 9.53 16.12 -19.20
N CYS A 68 9.33 14.81 -19.23
CA CYS A 68 10.36 13.87 -19.66
C CYS A 68 10.89 14.25 -21.03
N ASN A 69 11.84 13.46 -21.54
CA ASN A 69 12.43 13.72 -22.84
C ASN A 69 12.18 12.55 -23.79
N ILE A 70 12.29 11.33 -23.25
CA ILE A 70 12.08 10.13 -24.05
C ILE A 70 10.59 9.94 -24.37
N CYS A 71 9.78 9.82 -23.32
CA CYS A 71 8.35 9.63 -23.49
C CYS A 71 7.62 10.97 -23.46
N ALA A 72 8.35 12.03 -23.15
CA ALA A 72 7.78 13.36 -23.08
C ALA A 72 6.67 13.44 -22.03
N LYS A 73 6.76 12.58 -21.03
CA LYS A 73 5.78 12.55 -19.95
C LYS A 73 5.68 13.90 -19.26
N ARG A 74 4.61 14.10 -18.51
CA ARG A 74 4.40 15.35 -17.79
C ARG A 74 4.16 15.10 -16.31
N PHE A 75 4.98 15.70 -15.47
CA PHE A 75 4.86 15.54 -14.03
C PHE A 75 4.72 16.90 -13.34
N MET A 76 4.42 16.86 -12.04
CA MET A 76 4.26 18.09 -11.26
C MET A 76 5.40 18.24 -10.26
N TRP A 77 5.68 17.18 -9.51
CA TRP A 77 6.74 17.20 -8.50
C TRP A 77 8.10 16.97 -9.15
N ARG A 78 9.09 17.75 -8.73
CA ARG A 78 10.44 17.63 -9.26
C ARG A 78 11.02 16.26 -8.97
N ASP A 79 11.06 15.90 -7.69
CA ASP A 79 11.60 14.60 -7.28
C ASP A 79 11.08 13.49 -8.18
N SER A 80 9.77 13.35 -8.25
CA SER A 80 9.15 12.31 -9.08
C SER A 80 9.55 12.47 -10.54
N PHE A 81 9.58 13.72 -11.00
CA PHE A 81 9.95 14.02 -12.39
C PHE A 81 11.34 13.47 -12.71
N HIS A 82 12.36 14.03 -12.05
CA HIS A 82 13.73 13.60 -12.27
C HIS A 82 13.88 12.10 -12.00
N ARG A 83 13.26 11.63 -10.93
CA ARG A 83 13.32 10.22 -10.56
C ARG A 83 12.93 9.33 -11.73
N HIS A 84 11.76 9.59 -12.31
CA HIS A 84 11.27 8.83 -13.44
C HIS A 84 12.16 9.02 -14.66
N VAL A 85 12.36 10.28 -15.04
CA VAL A 85 13.19 10.62 -16.19
C VAL A 85 14.51 9.86 -16.15
N THR A 86 15.13 9.83 -14.98
CA THR A 86 16.41 9.14 -14.80
C THR A 86 16.34 7.72 -15.33
N SER A 87 15.43 6.92 -14.78
CA SER A 87 15.27 5.54 -15.21
C SER A 87 14.78 5.46 -16.64
N CYS A 88 13.94 6.42 -17.02
CA CYS A 88 13.40 6.46 -18.38
C CYS A 88 14.51 6.45 -19.42
N THR A 89 15.72 6.83 -18.99
CA THR A 89 16.87 6.87 -19.88
C THR A 89 17.59 5.52 -19.88
N LYS A 90 17.88 5.01 -18.70
CA LYS A 90 18.57 3.73 -18.57
C LYS A 90 18.15 2.77 -19.68
N SER A 91 16.89 2.86 -20.09
CA SER A 91 16.37 2.00 -21.14
C SER A 91 16.66 2.58 -22.51
N TYR A 92 16.26 3.83 -22.72
CA TYR A 92 16.47 4.50 -23.99
C TYR A 92 17.91 4.35 -24.46
N GLU A 93 18.85 4.55 -23.53
CA GLU A 93 20.27 4.43 -23.85
C GLU A 93 20.53 3.23 -24.76
N ALA A 94 19.88 2.11 -24.45
CA ALA A 94 20.04 0.90 -25.24
C ALA A 94 19.59 1.12 -26.67
N ALA A 95 18.51 1.87 -26.85
CA ALA A 95 17.98 2.15 -28.19
C ALA A 95 18.86 3.16 -28.91
N LYS A 96 19.41 4.11 -28.17
CA LYS A 96 20.27 5.13 -28.75
C LYS A 96 21.19 4.53 -29.82
N ALA A 97 21.70 5.39 -30.70
CA ALA A 97 22.59 4.94 -31.76
C ALA A 97 24.04 5.26 -31.44
N GLU A 98 24.63 4.45 -30.56
CA GLU A 98 26.03 4.65 -30.16
C GLU A 98 26.97 4.10 -31.21
N GLN A 99 26.66 4.35 -32.48
CA GLN A 99 27.48 3.87 -33.59
C GLN A 99 27.67 2.36 -33.51
N ASN A 100 26.57 1.64 -33.32
CA ASN A 100 26.62 0.19 -33.22
C ASN A 100 26.79 -0.43 -34.62
N THR A 101 27.19 -1.70 -34.64
CA THR A 101 27.39 -2.41 -35.90
C THR A 101 26.17 -2.29 -36.80
N THR A 102 26.34 -1.61 -37.93
CA THR A 102 25.25 -1.43 -38.88
C THR A 102 24.49 -2.73 -39.10
N GLU A 103 23.31 -2.62 -39.71
CA GLU A 103 22.48 -3.79 -39.99
C GLU A 103 21.97 -4.42 -38.69
N ALA A 104 21.58 -3.56 -37.75
CA ALA A 104 21.07 -4.03 -36.46
C ALA A 104 19.64 -3.54 -36.22
N SER A 105 18.69 -4.26 -36.79
CA SER A 105 17.27 -3.89 -36.65
C SER A 105 16.37 -5.00 -37.19
N GLY A 106 15.19 -5.13 -36.59
CA GLY A 106 14.25 -6.14 -37.03
C GLY A 106 14.27 -6.35 -38.54
N PRO A 107 14.03 -7.59 -38.98
CA PRO A 107 14.02 -7.94 -40.40
C PRO A 107 12.82 -7.35 -41.12
N SER A 108 11.64 -7.50 -40.53
CA SER A 108 10.41 -6.98 -41.13
C SER A 108 9.25 -7.08 -40.14
N SER A 109 8.41 -6.05 -40.12
CA SER A 109 7.26 -6.02 -39.22
C SER A 109 5.97 -5.77 -40.00
N GLY A 110 4.87 -6.32 -39.50
CA GLY A 110 3.59 -6.14 -40.16
C GLY A 110 2.53 -7.10 -39.63
N GLY A 1 36.35 -2.63 31.32
CA GLY A 1 35.51 -2.28 30.20
C GLY A 1 34.47 -3.34 29.88
N SER A 2 33.75 -3.14 28.78
CA SER A 2 32.72 -4.10 28.37
C SER A 2 32.30 -3.84 26.93
N SER A 3 32.48 -4.85 26.08
CA SER A 3 32.13 -4.74 24.67
C SER A 3 30.83 -5.50 24.37
N GLY A 4 30.35 -5.38 23.14
CA GLY A 4 29.13 -6.04 22.75
C GLY A 4 29.13 -6.47 21.29
N SER A 5 27.95 -6.73 20.75
CA SER A 5 27.81 -7.15 19.36
C SER A 5 26.44 -6.81 18.81
N SER A 6 26.23 -7.07 17.53
CA SER A 6 24.96 -6.79 16.88
C SER A 6 24.86 -7.49 15.53
N GLY A 7 23.70 -7.40 14.90
CA GLY A 7 23.50 -8.02 13.61
C GLY A 7 22.58 -7.22 12.71
N ASP A 8 21.55 -6.61 13.31
CA ASP A 8 20.59 -5.82 12.56
C ASP A 8 19.73 -6.71 11.67
N LYS A 9 19.35 -7.87 12.20
CA LYS A 9 18.52 -8.81 11.47
C LYS A 9 17.26 -8.13 10.95
N LEU A 10 16.58 -8.78 10.00
CA LEU A 10 15.36 -8.23 9.42
C LEU A 10 14.40 -9.35 9.04
N TYR A 11 13.18 -8.99 8.69
CA TYR A 11 12.16 -9.95 8.30
C TYR A 11 11.50 -9.55 6.98
N PRO A 12 11.53 -10.48 6.00
CA PRO A 12 10.95 -10.25 4.68
C PRO A 12 9.42 -10.21 4.73
N CYS A 13 8.84 -9.26 4.00
CA CYS A 13 7.39 -9.12 3.95
C CYS A 13 6.86 -9.40 2.56
N GLN A 14 5.61 -9.85 2.49
CA GLN A 14 4.98 -10.17 1.21
C GLN A 14 5.21 -9.05 0.20
N CYS A 15 4.93 -7.82 0.62
CA CYS A 15 5.10 -6.67 -0.25
C CYS A 15 6.51 -6.63 -0.84
N GLY A 16 7.48 -7.14 -0.08
CA GLY A 16 8.85 -7.17 -0.55
C GLY A 16 9.77 -6.31 0.30
N LYS A 17 9.24 -5.82 1.41
CA LYS A 17 10.02 -4.98 2.32
C LYS A 17 10.68 -5.82 3.41
N SER A 18 11.50 -5.19 4.23
CA SER A 18 12.20 -5.88 5.30
C SER A 18 12.18 -5.05 6.59
N PHE A 19 11.48 -5.55 7.60
CA PHE A 19 11.37 -4.85 8.87
C PHE A 19 12.43 -5.36 9.85
N THR A 20 12.50 -4.72 11.02
CA THR A 20 13.46 -5.11 12.05
C THR A 20 12.84 -6.07 13.06
N HIS A 21 11.53 -5.96 13.25
CA HIS A 21 10.81 -6.82 14.18
C HIS A 21 9.84 -7.74 13.44
N LYS A 22 9.78 -8.99 13.87
CA LYS A 22 8.89 -9.97 13.25
C LYS A 22 7.45 -9.46 13.24
N SER A 23 7.03 -8.88 14.36
CA SER A 23 5.67 -8.35 14.48
C SER A 23 5.38 -7.34 13.38
N GLN A 24 6.16 -6.26 13.35
CA GLN A 24 5.99 -5.22 12.34
C GLN A 24 5.81 -5.82 10.95
N ARG A 25 6.57 -6.88 10.67
CA ARG A 25 6.49 -7.55 9.38
C ARG A 25 5.20 -8.36 9.26
N ASP A 26 4.78 -8.95 10.38
CA ASP A 26 3.56 -9.74 10.40
C ASP A 26 2.33 -8.87 10.20
N ARG A 27 2.19 -7.85 11.03
CA ARG A 27 1.06 -6.94 10.95
C ARG A 27 0.98 -6.30 9.57
N HIS A 28 2.14 -6.07 8.95
CA HIS A 28 2.20 -5.47 7.63
C HIS A 28 1.70 -6.44 6.57
N MET A 29 1.96 -7.72 6.77
CA MET A 29 1.54 -8.75 5.83
C MET A 29 0.02 -8.85 5.77
N SER A 30 -0.61 -8.91 6.94
CA SER A 30 -2.06 -9.00 7.03
C SER A 30 -2.73 -7.87 6.25
N MET A 31 -2.16 -6.67 6.37
CA MET A 31 -2.70 -5.50 5.68
C MET A 31 -2.94 -5.81 4.20
N HIS A 32 -1.93 -6.40 3.57
CA HIS A 32 -2.02 -6.74 2.14
C HIS A 32 -3.28 -7.55 1.86
N LEU A 33 -3.42 -8.68 2.55
CA LEU A 33 -4.58 -9.55 2.37
C LEU A 33 -5.87 -8.80 2.69
N GLY A 34 -5.97 -8.29 3.91
CA GLY A 34 -7.15 -7.56 4.31
C GLY A 34 -7.53 -6.48 3.32
N LEU A 35 -8.64 -5.79 3.59
CA LEU A 35 -9.12 -4.73 2.72
C LEU A 35 -9.36 -3.45 3.49
N ARG A 36 -9.01 -2.32 2.89
CA ARG A 36 -9.19 -1.01 3.52
C ARG A 36 -10.60 -0.47 3.27
N PRO A 37 -11.23 0.05 4.33
CA PRO A 37 -12.58 0.62 4.25
C PRO A 37 -12.61 1.92 3.46
N TYR A 38 -11.47 2.58 3.37
CA TYR A 38 -11.38 3.85 2.64
C TYR A 38 -10.80 3.62 1.25
N GLY A 39 -11.59 3.92 0.22
CA GLY A 39 -11.14 3.74 -1.15
C GLY A 39 -11.45 4.94 -2.01
N CYS A 40 -10.48 5.34 -2.83
CA CYS A 40 -10.64 6.48 -3.72
C CYS A 40 -11.37 6.09 -5.00
N GLY A 41 -12.63 6.50 -5.10
CA GLY A 41 -13.42 6.18 -6.28
C GLY A 41 -13.16 7.12 -7.44
N VAL A 42 -11.93 7.62 -7.51
CA VAL A 42 -11.55 8.55 -8.57
C VAL A 42 -10.39 8.00 -9.38
N CYS A 43 -9.39 7.46 -8.69
CA CYS A 43 -8.22 6.89 -9.34
C CYS A 43 -8.13 5.39 -9.11
N GLY A 44 -8.53 4.96 -7.91
CA GLY A 44 -8.49 3.55 -7.58
C GLY A 44 -7.52 3.25 -6.45
N LYS A 45 -7.35 4.21 -5.54
CA LYS A 45 -6.45 4.04 -4.42
C LYS A 45 -7.21 3.58 -3.17
N LYS A 46 -6.48 3.37 -2.07
CA LYS A 46 -7.08 2.93 -0.83
C LYS A 46 -6.19 3.27 0.36
N PHE A 47 -6.80 3.45 1.52
CA PHE A 47 -6.06 3.78 2.73
C PHE A 47 -6.72 3.16 3.96
N LYS A 48 -5.89 2.76 4.93
CA LYS A 48 -6.39 2.15 6.15
C LYS A 48 -7.03 3.20 7.06
N MET A 49 -6.38 4.35 7.17
CA MET A 49 -6.89 5.44 8.01
C MET A 49 -7.75 6.40 7.18
N LYS A 50 -8.59 7.16 7.87
CA LYS A 50 -9.46 8.13 7.21
C LYS A 50 -8.66 9.35 6.75
N HIS A 51 -7.84 9.88 7.65
CA HIS A 51 -7.03 11.05 7.34
C HIS A 51 -5.93 10.71 6.34
N HIS A 52 -5.75 9.41 6.09
CA HIS A 52 -4.74 8.94 5.16
C HIS A 52 -5.24 9.05 3.72
N LEU A 53 -6.55 9.05 3.55
CA LEU A 53 -7.16 9.15 2.22
C LEU A 53 -7.31 10.60 1.80
N VAL A 54 -7.74 11.45 2.74
CA VAL A 54 -7.92 12.86 2.47
C VAL A 54 -6.67 13.48 1.85
N GLY A 55 -5.56 13.38 2.56
CA GLY A 55 -4.30 13.93 2.07
C GLY A 55 -4.07 13.60 0.60
N HIS A 56 -4.71 12.53 0.12
CA HIS A 56 -4.57 12.11 -1.26
C HIS A 56 -5.71 12.64 -2.11
N MET A 57 -6.93 12.55 -1.59
CA MET A 57 -8.10 13.03 -2.30
C MET A 57 -7.91 14.46 -2.78
N LYS A 58 -7.07 15.21 -2.07
CA LYS A 58 -6.79 16.60 -2.43
C LYS A 58 -6.23 16.69 -3.84
N ILE A 59 -5.87 15.54 -4.41
CA ILE A 59 -5.31 15.50 -5.76
C ILE A 59 -6.42 15.43 -6.81
N HIS A 60 -7.62 15.07 -6.37
CA HIS A 60 -8.77 14.97 -7.26
C HIS A 60 -9.77 16.10 -7.01
N THR A 61 -9.90 16.49 -5.74
CA THR A 61 -10.82 17.56 -5.37
C THR A 61 -10.83 18.67 -6.42
N GLY A 62 -12.01 18.92 -6.99
CA GLY A 62 -12.13 19.94 -8.00
C GLY A 62 -11.17 19.75 -9.15
N ILE A 63 -11.33 20.55 -10.20
CA ILE A 63 -10.47 20.46 -11.37
C ILE A 63 -9.36 21.52 -11.32
N LYS A 64 -8.12 21.08 -11.46
CA LYS A 64 -6.98 21.99 -11.43
C LYS A 64 -6.75 22.59 -12.82
N PRO A 65 -6.78 23.94 -12.89
CA PRO A 65 -6.57 24.67 -14.13
C PRO A 65 -5.13 24.59 -14.62
N TYR A 66 -4.20 24.45 -13.68
CA TYR A 66 -2.78 24.36 -14.01
C TYR A 66 -2.26 22.94 -13.81
N GLU A 67 -1.17 22.62 -14.49
CA GLU A 67 -0.57 21.29 -14.38
C GLU A 67 0.84 21.28 -14.96
N CYS A 68 1.73 20.52 -14.33
CA CYS A 68 3.11 20.42 -14.77
C CYS A 68 3.22 19.61 -16.06
N ASN A 69 4.37 19.68 -16.72
CA ASN A 69 4.59 18.95 -17.96
C ASN A 69 5.55 17.78 -17.74
N ILE A 70 6.39 17.91 -16.72
CA ILE A 70 7.36 16.85 -16.40
C ILE A 70 6.71 15.75 -15.57
N CYS A 71 6.30 16.10 -14.36
CA CYS A 71 5.67 15.15 -13.45
C CYS A 71 4.16 15.08 -13.69
N ALA A 72 3.65 16.06 -14.44
CA ALA A 72 2.23 16.13 -14.75
C ALA A 72 1.41 16.38 -13.49
N LYS A 73 1.98 17.13 -12.55
CA LYS A 73 1.30 17.45 -11.30
C LYS A 73 0.15 18.42 -11.53
N ARG A 74 -0.72 18.55 -10.54
CA ARG A 74 -1.86 19.46 -10.64
C ARG A 74 -1.81 20.52 -9.55
N PHE A 75 -2.15 21.75 -9.91
CA PHE A 75 -2.14 22.86 -8.96
C PHE A 75 -3.45 23.65 -9.04
N MET A 76 -3.81 24.28 -7.91
CA MET A 76 -5.03 25.06 -7.85
C MET A 76 -4.72 26.56 -7.78
N TRP A 77 -3.49 26.91 -8.11
CA TRP A 77 -3.06 28.31 -8.07
C TRP A 77 -1.99 28.57 -9.12
N ARG A 78 -2.01 29.76 -9.69
CA ARG A 78 -1.04 30.15 -10.72
C ARG A 78 0.35 30.31 -10.11
N ASP A 79 0.46 31.19 -9.11
CA ASP A 79 1.73 31.45 -8.45
C ASP A 79 2.42 30.14 -8.07
N SER A 80 1.67 29.25 -7.42
CA SER A 80 2.20 27.97 -7.01
C SER A 80 2.59 27.11 -8.21
N PHE A 81 1.70 27.08 -9.21
CA PHE A 81 1.94 26.30 -10.42
C PHE A 81 3.30 26.63 -11.01
N HIS A 82 3.51 27.90 -11.33
CA HIS A 82 4.77 28.35 -11.92
C HIS A 82 5.91 28.18 -10.92
N ARG A 83 5.66 28.52 -9.67
CA ARG A 83 6.67 28.42 -8.62
C ARG A 83 7.33 27.05 -8.64
N HIS A 84 6.52 26.01 -8.88
CA HIS A 84 7.03 24.64 -8.92
C HIS A 84 7.56 24.31 -10.31
N VAL A 85 6.67 24.36 -11.30
CA VAL A 85 7.05 24.06 -12.67
C VAL A 85 8.43 24.61 -13.01
N THR A 86 8.64 25.89 -12.68
CA THR A 86 9.92 26.54 -12.94
C THR A 86 11.08 25.66 -12.50
N SER A 87 11.07 25.26 -11.23
CA SER A 87 12.13 24.43 -10.68
C SER A 87 12.08 23.02 -11.29
N CYS A 88 10.87 22.47 -11.36
CA CYS A 88 10.68 21.13 -11.92
C CYS A 88 11.33 21.01 -13.29
N THR A 89 11.35 22.12 -14.03
CA THR A 89 11.94 22.13 -15.35
C THR A 89 13.47 22.22 -15.28
N LYS A 90 13.96 23.18 -14.50
CA LYS A 90 15.40 23.37 -14.34
C LYS A 90 16.13 22.03 -14.34
N SER A 91 15.59 21.08 -13.58
CA SER A 91 16.20 19.75 -13.50
C SER A 91 16.06 18.99 -14.82
N TYR A 92 14.88 19.08 -15.42
CA TYR A 92 14.60 18.41 -16.68
C TYR A 92 15.59 18.87 -17.76
N GLU A 93 15.76 20.19 -17.87
CA GLU A 93 16.67 20.76 -18.86
C GLU A 93 18.12 20.45 -18.50
N ALA A 94 18.43 20.49 -17.21
CA ALA A 94 19.78 20.22 -16.74
C ALA A 94 20.23 18.83 -17.16
N ALA A 95 19.34 17.85 -17.04
CA ALA A 95 19.65 16.48 -17.41
C ALA A 95 20.03 16.38 -18.89
N LYS A 96 19.30 17.10 -19.73
CA LYS A 96 19.55 17.10 -21.17
C LYS A 96 20.52 18.21 -21.55
N ALA A 97 21.31 17.98 -22.60
CA ALA A 97 22.27 18.97 -23.08
C ALA A 97 22.06 19.27 -24.56
N GLU A 98 20.80 19.45 -24.94
CA GLU A 98 20.47 19.73 -26.33
C GLU A 98 20.87 21.16 -26.70
N GLN A 99 20.56 22.10 -25.81
CA GLN A 99 20.89 23.50 -26.04
C GLN A 99 22.32 23.66 -26.54
N ASN A 100 23.25 22.99 -25.86
CA ASN A 100 24.66 23.05 -26.24
C ASN A 100 24.88 22.49 -27.64
N THR A 101 26.08 22.70 -28.18
CA THR A 101 26.41 22.22 -29.51
C THR A 101 27.17 20.91 -29.45
N THR A 102 27.04 20.10 -30.50
CA THR A 102 27.72 18.81 -30.57
C THR A 102 29.13 18.90 -29.99
N GLU A 103 29.50 17.93 -29.17
CA GLU A 103 30.82 17.91 -28.55
C GLU A 103 31.88 18.42 -29.52
N ALA A 104 32.67 19.39 -29.07
CA ALA A 104 33.72 19.96 -29.90
C ALA A 104 34.86 18.96 -30.12
N SER A 105 35.77 19.30 -31.02
CA SER A 105 36.90 18.43 -31.33
C SER A 105 37.56 17.93 -30.05
N GLY A 106 37.95 18.87 -29.19
CA GLY A 106 38.60 18.50 -27.95
C GLY A 106 39.84 19.33 -27.67
N PRO A 107 39.84 20.05 -26.54
CA PRO A 107 40.95 20.90 -26.13
C PRO A 107 42.18 20.09 -25.72
N SER A 108 43.25 20.78 -25.33
CA SER A 108 44.48 20.12 -24.91
C SER A 108 44.18 18.96 -23.97
N SER A 109 44.74 17.79 -24.29
CA SER A 109 44.53 16.60 -23.48
C SER A 109 45.38 16.65 -22.21
N GLY A 110 46.68 16.92 -22.38
CA GLY A 110 47.58 17.00 -21.26
C GLY A 110 48.67 15.95 -21.31
N GLY A 1 41.46 -14.95 28.62
CA GLY A 1 41.29 -14.65 27.21
C GLY A 1 40.06 -13.80 26.93
N SER A 2 39.70 -13.68 25.67
CA SER A 2 38.54 -12.89 25.28
C SER A 2 38.20 -13.11 23.81
N SER A 3 37.00 -12.70 23.41
CA SER A 3 36.55 -12.86 22.04
C SER A 3 35.20 -12.17 21.82
N GLY A 4 34.72 -12.21 20.59
CA GLY A 4 33.44 -11.58 20.26
C GLY A 4 32.89 -12.06 18.94
N SER A 5 31.69 -11.59 18.61
CA SER A 5 31.04 -11.97 17.36
C SER A 5 30.14 -10.85 16.85
N SER A 6 29.56 -11.05 15.67
CA SER A 6 28.68 -10.05 15.06
C SER A 6 27.68 -10.72 14.14
N GLY A 7 26.77 -9.92 13.59
CA GLY A 7 25.76 -10.43 12.68
C GLY A 7 24.40 -9.79 12.89
N ASP A 8 23.74 -9.44 11.78
CA ASP A 8 22.42 -8.81 11.85
C ASP A 8 21.38 -9.67 11.15
N LYS A 9 20.12 -9.23 11.22
CA LYS A 9 19.03 -9.96 10.59
C LYS A 9 17.79 -9.07 10.45
N LEU A 10 16.93 -9.41 9.51
CA LEU A 10 15.70 -8.65 9.28
C LEU A 10 14.52 -9.57 9.00
N TYR A 11 13.36 -8.98 8.73
CA TYR A 11 12.16 -9.75 8.43
C TYR A 11 11.47 -9.23 7.17
N PRO A 12 11.65 -9.96 6.06
CA PRO A 12 11.05 -9.59 4.77
C PRO A 12 9.53 -9.76 4.78
N CYS A 13 8.84 -8.84 4.11
CA CYS A 13 7.38 -8.89 4.03
C CYS A 13 6.94 -9.37 2.65
N GLN A 14 5.67 -9.78 2.56
CA GLN A 14 5.12 -10.27 1.30
C GLN A 14 5.37 -9.27 0.18
N CYS A 15 5.10 -8.00 0.45
CA CYS A 15 5.30 -6.94 -0.55
C CYS A 15 6.75 -6.90 -1.01
N GLY A 16 7.67 -7.23 -0.10
CA GLY A 16 9.09 -7.23 -0.43
C GLY A 16 9.91 -6.46 0.57
N LYS A 17 9.26 -5.59 1.33
CA LYS A 17 9.95 -4.79 2.34
C LYS A 17 10.62 -5.68 3.38
N SER A 18 11.19 -5.06 4.41
CA SER A 18 11.86 -5.80 5.47
C SER A 18 11.89 -4.99 6.76
N PHE A 19 11.41 -5.60 7.84
CA PHE A 19 11.38 -4.94 9.14
C PHE A 19 12.38 -5.57 10.10
N THR A 20 12.71 -4.85 11.16
CA THR A 20 13.66 -5.33 12.16
C THR A 20 13.05 -6.44 13.01
N HIS A 21 11.74 -6.36 13.23
CA HIS A 21 11.04 -7.35 14.02
C HIS A 21 10.01 -8.11 13.18
N LYS A 22 9.54 -9.24 13.69
CA LYS A 22 8.56 -10.05 12.98
C LYS A 22 7.16 -9.47 13.15
N SER A 23 6.88 -8.93 14.33
CA SER A 23 5.58 -8.34 14.63
C SER A 23 5.33 -7.12 13.74
N GLN A 24 6.38 -6.39 13.44
CA GLN A 24 6.27 -5.19 12.61
C GLN A 24 6.07 -5.57 11.15
N ARG A 25 6.61 -6.72 10.76
CA ARG A 25 6.49 -7.19 9.38
C ARG A 25 5.16 -7.90 9.17
N ASP A 26 4.67 -8.56 10.22
CA ASP A 26 3.41 -9.29 10.15
C ASP A 26 2.25 -8.33 9.90
N ARG A 27 2.14 -7.31 10.72
CA ARG A 27 1.07 -6.32 10.60
C ARG A 27 0.96 -5.84 9.15
N HIS A 28 2.07 -5.84 8.45
CA HIS A 28 2.11 -5.40 7.06
C HIS A 28 1.67 -6.52 6.11
N MET A 29 1.83 -7.75 6.57
CA MET A 29 1.45 -8.91 5.77
C MET A 29 -0.05 -9.19 5.88
N SER A 30 -0.60 -8.98 7.08
CA SER A 30 -2.01 -9.21 7.32
C SER A 30 -2.86 -8.16 6.60
N MET A 31 -2.33 -6.94 6.52
CA MET A 31 -3.04 -5.85 5.86
C MET A 31 -3.11 -6.08 4.35
N HIS A 32 -2.09 -6.74 3.81
CA HIS A 32 -2.03 -7.02 2.38
C HIS A 32 -3.29 -7.78 1.93
N LEU A 33 -3.67 -8.78 2.71
CA LEU A 33 -4.84 -9.59 2.40
C LEU A 33 -6.12 -8.80 2.60
N GLY A 34 -6.74 -8.38 1.49
CA GLY A 34 -7.97 -7.62 1.57
C GLY A 34 -7.86 -6.27 0.89
N LEU A 35 -8.98 -5.78 0.36
CA LEU A 35 -9.00 -4.49 -0.32
C LEU A 35 -8.34 -3.41 0.52
N ARG A 36 -9.04 -2.95 1.55
CA ARG A 36 -8.51 -1.92 2.44
C ARG A 36 -8.86 -2.23 3.89
N PRO A 37 -7.89 -2.01 4.79
CA PRO A 37 -8.07 -2.26 6.23
C PRO A 37 -9.02 -1.25 6.87
N TYR A 38 -9.15 -0.08 6.25
CA TYR A 38 -10.02 0.96 6.76
C TYR A 38 -11.32 1.03 5.97
N GLY A 39 -12.32 1.67 6.55
CA GLY A 39 -13.61 1.79 5.89
C GLY A 39 -14.49 2.86 6.51
N CYS A 40 -15.14 3.65 5.67
CA CYS A 40 -16.00 4.73 6.14
C CYS A 40 -17.41 4.19 6.44
N GLY A 41 -17.73 4.05 7.71
CA GLY A 41 -19.03 3.56 8.11
C GLY A 41 -20.10 4.63 8.07
N VAL A 42 -20.01 5.51 7.08
CA VAL A 42 -20.97 6.60 6.93
C VAL A 42 -21.53 6.65 5.52
N CYS A 43 -20.64 6.54 4.53
CA CYS A 43 -21.05 6.57 3.13
C CYS A 43 -20.82 5.22 2.46
N GLY A 44 -19.71 4.57 2.82
CA GLY A 44 -19.41 3.28 2.24
C GLY A 44 -18.10 3.28 1.46
N LYS A 45 -17.16 4.12 1.89
CA LYS A 45 -15.86 4.22 1.23
C LYS A 45 -14.80 3.44 2.00
N LYS A 46 -13.58 3.46 1.47
CA LYS A 46 -12.47 2.75 2.10
C LYS A 46 -11.13 3.34 1.66
N PHE A 47 -10.12 3.18 2.49
CA PHE A 47 -8.78 3.68 2.18
C PHE A 47 -7.70 2.74 2.70
N LYS A 48 -6.64 2.56 1.91
CA LYS A 48 -5.54 1.69 2.28
C LYS A 48 -4.79 2.24 3.49
N MET A 49 -4.54 3.54 3.48
CA MET A 49 -3.83 4.19 4.57
C MET A 49 -4.81 4.83 5.55
N LYS A 50 -4.38 5.00 6.79
CA LYS A 50 -5.21 5.61 7.82
C LYS A 50 -5.48 7.07 7.51
N HIS A 51 -4.41 7.86 7.44
CA HIS A 51 -4.54 9.29 7.16
C HIS A 51 -5.26 9.52 5.83
N HIS A 52 -5.38 8.45 5.04
CA HIS A 52 -6.05 8.53 3.75
C HIS A 52 -7.56 8.54 3.92
N LEU A 53 -8.03 8.00 5.04
CA LEU A 53 -9.46 7.95 5.33
C LEU A 53 -9.92 9.24 6.00
N VAL A 54 -9.10 9.76 6.90
CA VAL A 54 -9.43 10.99 7.62
C VAL A 54 -9.78 12.11 6.65
N GLY A 55 -8.83 12.48 5.80
CA GLY A 55 -9.05 13.53 4.83
C GLY A 55 -10.43 13.45 4.20
N HIS A 56 -11.00 12.25 4.17
CA HIS A 56 -12.33 12.04 3.59
C HIS A 56 -13.41 12.12 4.67
N MET A 57 -13.14 11.49 5.81
CA MET A 57 -14.09 11.49 6.92
C MET A 57 -14.54 12.90 7.25
N LYS A 58 -13.68 13.88 6.96
CA LYS A 58 -13.99 15.27 7.23
C LYS A 58 -15.26 15.71 6.51
N ILE A 59 -15.70 14.89 5.56
CA ILE A 59 -16.91 15.18 4.79
C ILE A 59 -18.15 14.78 5.58
N HIS A 60 -17.98 13.94 6.59
CA HIS A 60 -19.09 13.49 7.41
C HIS A 60 -18.98 14.05 8.83
N THR A 61 -17.80 13.91 9.42
CA THR A 61 -17.57 14.41 10.78
C THR A 61 -17.77 15.92 10.85
N GLY A 62 -19.01 16.35 11.05
CA GLY A 62 -19.31 17.76 11.13
C GLY A 62 -19.09 18.48 9.82
N ILE A 63 -19.79 19.61 9.63
CA ILE A 63 -19.67 20.38 8.41
C ILE A 63 -19.38 21.85 8.71
N LYS A 64 -18.27 22.35 8.19
CA LYS A 64 -17.89 23.74 8.40
C LYS A 64 -18.19 24.59 7.17
N PRO A 65 -19.19 25.47 7.29
CA PRO A 65 -19.62 26.35 6.20
C PRO A 65 -18.58 27.44 5.91
N TYR A 66 -17.94 27.93 6.95
CA TYR A 66 -16.93 28.97 6.81
C TYR A 66 -15.53 28.36 6.71
N GLU A 67 -14.66 29.01 5.92
CA GLU A 67 -13.30 28.53 5.74
C GLU A 67 -12.37 29.69 5.38
N CYS A 68 -11.18 29.69 5.99
CA CYS A 68 -10.20 30.74 5.74
C CYS A 68 -9.79 30.74 4.27
N ASN A 69 -9.06 31.78 3.87
CA ASN A 69 -8.60 31.91 2.49
C ASN A 69 -7.08 31.72 2.41
N ILE A 70 -6.40 31.98 3.51
CA ILE A 70 -4.95 31.84 3.58
C ILE A 70 -4.56 30.42 3.95
N CYS A 71 -4.88 30.02 5.17
CA CYS A 71 -4.55 28.68 5.67
C CYS A 71 -5.62 27.68 5.23
N ALA A 72 -6.75 28.18 4.75
CA ALA A 72 -7.84 27.34 4.29
C ALA A 72 -8.39 26.49 5.43
N LYS A 73 -8.38 27.06 6.63
CA LYS A 73 -8.88 26.35 7.81
C LYS A 73 -10.42 26.34 7.83
N ARG A 74 -10.97 25.47 8.66
CA ARG A 74 -12.43 25.36 8.77
C ARG A 74 -12.90 25.81 10.15
N PHE A 75 -13.87 26.71 10.18
CA PHE A 75 -14.41 27.23 11.42
C PHE A 75 -15.95 27.24 11.39
N MET A 76 -16.55 26.32 12.12
CA MET A 76 -18.01 26.21 12.17
C MET A 76 -18.62 27.48 12.77
N TRP A 77 -17.89 28.10 13.70
CA TRP A 77 -18.36 29.32 14.34
C TRP A 77 -18.06 30.54 13.48
N ARG A 78 -19.09 31.35 13.22
CA ARG A 78 -18.94 32.55 12.41
C ARG A 78 -18.01 33.55 13.09
N ASP A 79 -18.21 33.75 14.39
CA ASP A 79 -17.39 34.68 15.15
C ASP A 79 -15.91 34.32 15.05
N SER A 80 -15.59 33.06 15.32
CA SER A 80 -14.22 32.59 15.26
C SER A 80 -13.66 32.73 13.84
N PHE A 81 -14.45 32.33 12.87
CA PHE A 81 -14.05 32.40 11.47
C PHE A 81 -13.52 33.79 11.13
N HIS A 82 -14.36 34.80 11.32
CA HIS A 82 -13.98 36.18 11.04
C HIS A 82 -12.92 36.66 12.01
N ARG A 83 -13.08 36.31 13.29
CA ARG A 83 -12.13 36.71 14.32
C ARG A 83 -10.72 36.22 13.99
N HIS A 84 -10.65 35.08 13.31
CA HIS A 84 -9.36 34.51 12.93
C HIS A 84 -8.92 35.03 11.56
N VAL A 85 -9.78 34.87 10.57
CA VAL A 85 -9.47 35.33 9.22
C VAL A 85 -8.98 36.76 9.21
N THR A 86 -9.67 37.62 9.97
CA THR A 86 -9.29 39.03 10.07
C THR A 86 -7.81 39.19 10.36
N SER A 87 -7.23 38.19 11.02
CA SER A 87 -5.81 38.22 11.36
C SER A 87 -4.99 37.42 10.37
N CYS A 88 -5.45 36.21 10.06
CA CYS A 88 -4.76 35.34 9.12
C CYS A 88 -4.43 36.08 7.83
N THR A 89 -5.20 37.13 7.55
CA THR A 89 -5.00 37.93 6.35
C THR A 89 -3.98 39.03 6.58
N LYS A 90 -4.19 39.81 7.65
CA LYS A 90 -3.28 40.90 7.99
C LYS A 90 -1.85 40.55 7.62
N SER A 91 -1.40 39.37 8.05
CA SER A 91 -0.05 38.91 7.77
C SER A 91 0.13 38.62 6.28
N TYR A 92 -0.79 37.85 5.73
CA TYR A 92 -0.73 37.48 4.31
C TYR A 92 -0.53 38.72 3.44
N GLU A 93 -1.41 39.70 3.60
CA GLU A 93 -1.33 40.94 2.83
C GLU A 93 -0.02 41.66 3.10
N ALA A 94 0.39 41.68 4.37
CA ALA A 94 1.63 42.34 4.77
C ALA A 94 2.79 41.90 3.89
N ALA A 95 2.96 40.59 3.75
CA ALA A 95 4.04 40.05 2.93
C ALA A 95 3.74 40.21 1.45
N LYS A 96 2.50 39.91 1.06
CA LYS A 96 2.09 40.03 -0.34
C LYS A 96 2.44 41.40 -0.89
N ALA A 97 2.16 42.45 -0.10
CA ALA A 97 2.44 43.81 -0.52
C ALA A 97 3.91 43.98 -0.89
N GLU A 98 4.74 43.04 -0.44
CA GLU A 98 6.17 43.07 -0.73
C GLU A 98 6.47 42.46 -2.10
N GLN A 99 5.84 41.32 -2.38
CA GLN A 99 6.04 40.63 -3.64
C GLN A 99 4.98 41.05 -4.67
N ASN A 100 4.68 42.34 -4.69
CA ASN A 100 3.68 42.87 -5.62
C ASN A 100 4.28 43.08 -7.01
N THR A 101 3.46 42.92 -8.04
CA THR A 101 3.91 43.08 -9.42
C THR A 101 3.01 44.05 -10.18
N THR A 102 3.57 44.71 -11.19
CA THR A 102 2.82 45.65 -12.00
C THR A 102 1.76 44.95 -12.83
N GLU A 103 0.49 45.23 -12.55
CA GLU A 103 -0.61 44.61 -13.27
C GLU A 103 -1.65 45.65 -13.66
N ALA A 104 -2.32 45.43 -14.78
CA ALA A 104 -3.35 46.35 -15.27
C ALA A 104 -4.73 45.71 -15.22
N SER A 105 -5.68 46.42 -14.62
CA SER A 105 -7.05 45.93 -14.50
C SER A 105 -7.73 45.90 -15.86
N GLY A 106 -7.92 44.69 -16.39
CA GLY A 106 -8.57 44.54 -17.68
C GLY A 106 -9.76 45.47 -17.85
N PRO A 107 -9.98 45.94 -19.08
CA PRO A 107 -11.09 46.84 -19.40
C PRO A 107 -12.44 46.15 -19.31
N SER A 108 -13.51 46.93 -19.39
CA SER A 108 -14.86 46.39 -19.33
C SER A 108 -15.89 47.45 -19.73
N SER A 109 -17.11 47.00 -20.01
CA SER A 109 -18.19 47.91 -20.41
C SER A 109 -19.54 47.23 -20.27
N GLY A 110 -20.61 48.02 -20.41
CA GLY A 110 -21.96 47.48 -20.29
C GLY A 110 -22.96 48.54 -19.87
N GLY A 1 44.85 1.50 21.35
CA GLY A 1 44.03 0.80 20.37
C GLY A 1 42.63 0.52 20.87
N SER A 2 41.73 0.18 19.95
CA SER A 2 40.35 -0.11 20.30
C SER A 2 39.58 -0.62 19.09
N SER A 3 38.32 -0.99 19.31
CA SER A 3 37.47 -1.51 18.24
C SER A 3 36.03 -1.68 18.73
N GLY A 4 35.15 -2.05 17.80
CA GLY A 4 33.75 -2.25 18.15
C GLY A 4 33.03 -3.14 17.16
N SER A 5 31.70 -3.14 17.23
CA SER A 5 30.89 -3.96 16.34
C SER A 5 29.40 -3.68 16.55
N SER A 6 28.61 -3.93 15.51
CA SER A 6 27.18 -3.70 15.56
C SER A 6 26.46 -4.48 14.47
N GLY A 7 25.14 -4.61 14.62
CA GLY A 7 24.35 -5.34 13.64
C GLY A 7 22.87 -5.23 13.88
N ASP A 8 22.07 -5.62 12.90
CA ASP A 8 20.62 -5.55 13.02
C ASP A 8 19.95 -6.50 12.03
N LYS A 9 19.10 -7.39 12.56
CA LYS A 9 18.40 -8.35 11.72
C LYS A 9 17.13 -7.74 11.14
N LEU A 10 16.60 -8.37 10.09
CA LEU A 10 15.38 -7.89 9.44
C LEU A 10 14.50 -9.06 9.00
N TYR A 11 13.23 -8.78 8.75
CA TYR A 11 12.29 -9.81 8.32
C TYR A 11 11.62 -9.42 7.01
N PRO A 12 11.77 -10.28 6.00
CA PRO A 12 11.18 -10.05 4.67
C PRO A 12 9.66 -10.17 4.69
N CYS A 13 8.99 -9.18 4.10
CA CYS A 13 7.54 -9.16 4.05
C CYS A 13 7.05 -9.67 2.70
N GLN A 14 5.77 -10.04 2.64
CA GLN A 14 5.17 -10.54 1.42
C GLN A 14 5.29 -9.52 0.29
N CYS A 15 5.12 -8.25 0.63
CA CYS A 15 5.20 -7.17 -0.34
C CYS A 15 6.64 -7.00 -0.85
N GLY A 16 7.60 -7.35 0.01
CA GLY A 16 9.00 -7.23 -0.37
C GLY A 16 9.80 -6.43 0.64
N LYS A 17 9.12 -5.57 1.39
CA LYS A 17 9.76 -4.74 2.40
C LYS A 17 10.42 -5.60 3.47
N SER A 18 11.11 -4.95 4.41
CA SER A 18 11.78 -5.66 5.48
C SER A 18 11.66 -4.89 6.80
N PHE A 19 11.32 -5.60 7.87
CA PHE A 19 11.17 -4.99 9.17
C PHE A 19 12.18 -5.57 10.17
N THR A 20 12.79 -4.70 10.97
CA THR A 20 13.76 -5.12 11.96
C THR A 20 13.18 -6.17 12.89
N HIS A 21 11.87 -6.10 13.11
CA HIS A 21 11.20 -7.04 13.99
C HIS A 21 10.19 -7.89 13.20
N LYS A 22 9.87 -9.06 13.74
CA LYS A 22 8.93 -9.97 13.09
C LYS A 22 7.52 -9.40 13.12
N SER A 23 7.00 -9.16 14.33
CA SER A 23 5.66 -8.62 14.49
C SER A 23 5.41 -7.49 13.49
N GLN A 24 6.39 -6.63 13.31
CA GLN A 24 6.28 -5.51 12.39
C GLN A 24 6.02 -6.00 10.97
N ARG A 25 6.62 -7.12 10.62
CA ARG A 25 6.45 -7.70 9.29
C ARG A 25 5.08 -8.35 9.15
N ASP A 26 4.65 -9.05 10.19
CA ASP A 26 3.35 -9.72 10.18
C ASP A 26 2.22 -8.71 10.02
N ARG A 27 2.17 -7.74 10.93
CA ARG A 27 1.14 -6.71 10.90
C ARG A 27 1.02 -6.10 9.50
N HIS A 28 2.16 -6.00 8.81
CA HIS A 28 2.19 -5.43 7.47
C HIS A 28 1.58 -6.40 6.45
N MET A 29 1.77 -7.69 6.70
CA MET A 29 1.25 -8.72 5.81
C MET A 29 -0.29 -8.75 5.87
N SER A 30 -0.83 -8.62 7.07
CA SER A 30 -2.27 -8.65 7.26
C SER A 30 -2.95 -7.57 6.43
N MET A 31 -2.28 -6.42 6.31
CA MET A 31 -2.81 -5.30 5.54
C MET A 31 -2.98 -5.68 4.07
N HIS A 32 -2.02 -6.44 3.55
CA HIS A 32 -2.07 -6.88 2.15
C HIS A 32 -3.38 -7.60 1.85
N LEU A 33 -3.64 -8.68 2.58
CA LEU A 33 -4.85 -9.45 2.39
C LEU A 33 -6.05 -8.54 2.16
N GLY A 34 -6.36 -8.26 0.90
CA GLY A 34 -7.49 -7.40 0.58
C GLY A 34 -7.28 -6.62 -0.70
N LEU A 35 -6.79 -7.31 -1.73
CA LEU A 35 -6.54 -6.68 -3.02
C LEU A 35 -6.33 -7.73 -4.11
N ARG A 36 -6.30 -7.28 -5.37
CA ARG A 36 -6.09 -8.18 -6.49
C ARG A 36 -4.60 -8.39 -6.75
N PRO A 37 -4.25 -9.56 -7.30
CA PRO A 37 -2.86 -9.90 -7.62
C PRO A 37 -2.31 -9.09 -8.79
N TYR A 38 -3.21 -8.58 -9.62
CA TYR A 38 -2.81 -7.78 -10.77
C TYR A 38 -2.99 -6.30 -10.49
N GLY A 39 -1.88 -5.58 -10.39
CA GLY A 39 -1.94 -4.15 -10.12
C GLY A 39 -1.16 -3.35 -11.13
N CYS A 40 -1.71 -2.21 -11.55
CA CYS A 40 -1.06 -1.35 -12.52
C CYS A 40 -0.09 -0.38 -11.83
N GLY A 41 1.20 -0.65 -11.97
CA GLY A 41 2.20 0.20 -11.35
C GLY A 41 2.50 1.44 -12.17
N VAL A 42 1.48 1.95 -12.85
CA VAL A 42 1.64 3.14 -13.68
C VAL A 42 0.67 4.24 -13.26
N CYS A 43 -0.59 3.86 -13.02
CA CYS A 43 -1.61 4.81 -12.62
C CYS A 43 -2.11 4.50 -11.20
N GLY A 44 -2.25 3.22 -10.89
CA GLY A 44 -2.71 2.83 -9.57
C GLY A 44 -4.00 2.04 -9.62
N LYS A 45 -4.19 1.28 -10.70
CA LYS A 45 -5.40 0.48 -10.86
C LYS A 45 -5.14 -0.97 -10.46
N LYS A 46 -6.16 -1.81 -10.62
CA LYS A 46 -6.04 -3.22 -10.28
C LYS A 46 -7.07 -4.06 -11.03
N PHE A 47 -6.81 -5.36 -11.15
CA PHE A 47 -7.72 -6.26 -11.85
C PHE A 47 -7.63 -7.67 -11.28
N LYS A 48 -8.74 -8.39 -11.33
CA LYS A 48 -8.79 -9.76 -10.82
C LYS A 48 -8.06 -10.71 -11.75
N MET A 49 -8.30 -10.56 -13.05
CA MET A 49 -7.66 -11.41 -14.05
C MET A 49 -6.54 -10.67 -14.75
N LYS A 50 -5.59 -11.43 -15.30
CA LYS A 50 -4.44 -10.85 -15.99
C LYS A 50 -4.91 -10.07 -17.22
N HIS A 51 -5.80 -10.66 -18.01
CA HIS A 51 -6.32 -10.02 -19.21
C HIS A 51 -7.05 -8.72 -18.86
N HIS A 52 -7.80 -8.75 -17.76
CA HIS A 52 -8.54 -7.58 -17.32
C HIS A 52 -7.61 -6.38 -17.14
N LEU A 53 -6.37 -6.65 -16.79
CA LEU A 53 -5.38 -5.59 -16.59
C LEU A 53 -4.77 -5.16 -17.92
N VAL A 54 -4.53 -6.13 -18.80
CA VAL A 54 -3.95 -5.84 -20.11
C VAL A 54 -4.78 -4.81 -20.86
N GLY A 55 -6.02 -5.17 -21.16
CA GLY A 55 -6.90 -4.26 -21.88
C GLY A 55 -6.77 -2.83 -21.40
N HIS A 56 -6.33 -2.66 -20.16
CA HIS A 56 -6.16 -1.32 -19.58
C HIS A 56 -4.72 -0.84 -19.75
N MET A 57 -3.77 -1.73 -19.49
CA MET A 57 -2.36 -1.39 -19.61
C MET A 57 -2.06 -0.76 -20.97
N LYS A 58 -2.86 -1.12 -21.97
CA LYS A 58 -2.69 -0.59 -23.32
C LYS A 58 -2.78 0.93 -23.32
N ILE A 59 -3.22 1.50 -22.21
CA ILE A 59 -3.35 2.95 -22.08
C ILE A 59 -2.03 3.57 -21.64
N HIS A 60 -1.13 2.75 -21.11
CA HIS A 60 0.17 3.24 -20.66
C HIS A 60 1.28 2.77 -21.60
N THR A 61 1.13 1.55 -22.13
CA THR A 61 2.12 1.00 -23.04
C THR A 61 2.67 2.06 -23.98
N GLY A 62 3.99 2.20 -24.00
CA GLY A 62 4.62 3.19 -24.86
C GLY A 62 5.37 2.56 -26.01
N ILE A 63 4.85 2.72 -27.22
CA ILE A 63 5.47 2.16 -28.41
C ILE A 63 6.99 2.24 -28.31
N LYS A 64 7.65 1.16 -28.73
CA LYS A 64 9.11 1.11 -28.69
C LYS A 64 9.68 0.92 -30.09
N PRO A 65 10.64 1.79 -30.47
CA PRO A 65 11.28 1.73 -31.78
C PRO A 65 12.20 0.53 -31.93
N TYR A 66 13.05 0.31 -30.94
CA TYR A 66 13.98 -0.81 -30.96
C TYR A 66 13.78 -1.71 -29.75
N GLU A 67 14.54 -2.80 -29.70
CA GLU A 67 14.45 -3.74 -28.59
C GLU A 67 15.63 -4.71 -28.58
N CYS A 68 16.12 -5.03 -27.40
CA CYS A 68 17.25 -5.95 -27.26
C CYS A 68 16.89 -7.33 -27.78
N ASN A 69 17.90 -8.20 -27.87
CA ASN A 69 17.70 -9.56 -28.36
C ASN A 69 17.83 -10.57 -27.23
N ILE A 70 18.65 -10.24 -26.24
CA ILE A 70 18.86 -11.11 -25.09
C ILE A 70 17.78 -10.91 -24.03
N CYS A 71 17.76 -9.72 -23.44
CA CYS A 71 16.78 -9.39 -22.41
C CYS A 71 15.49 -8.88 -23.04
N ALA A 72 15.49 -8.71 -24.36
CA ALA A 72 14.32 -8.24 -25.07
C ALA A 72 13.85 -6.90 -24.51
N LYS A 73 14.78 -6.12 -23.98
CA LYS A 73 14.45 -4.82 -23.41
C LYS A 73 13.99 -3.84 -24.50
N ARG A 74 13.35 -2.76 -24.08
CA ARG A 74 12.87 -1.75 -25.01
C ARG A 74 13.60 -0.43 -24.83
N PHE A 75 13.98 0.19 -25.93
CA PHE A 75 14.69 1.46 -25.90
C PHE A 75 13.99 2.51 -26.77
N MET A 76 13.98 3.75 -26.29
CA MET A 76 13.36 4.84 -27.02
C MET A 76 14.33 5.47 -28.02
N TRP A 77 15.60 5.57 -27.62
CA TRP A 77 16.62 6.15 -28.47
C TRP A 77 17.47 5.07 -29.11
N ARG A 78 17.95 5.33 -30.33
CA ARG A 78 18.77 4.37 -31.05
C ARG A 78 20.16 4.26 -30.41
N ASP A 79 20.79 5.41 -30.19
CA ASP A 79 22.12 5.43 -29.58
C ASP A 79 22.16 4.60 -28.31
N SER A 80 21.18 4.81 -27.44
CA SER A 80 21.10 4.08 -26.18
C SER A 80 20.81 2.61 -26.43
N PHE A 81 20.01 2.33 -27.45
CA PHE A 81 19.64 0.96 -27.79
C PHE A 81 20.88 0.12 -28.06
N HIS A 82 21.58 0.46 -29.15
CA HIS A 82 22.79 -0.27 -29.53
C HIS A 82 23.82 -0.23 -28.41
N ARG A 83 24.00 0.94 -27.81
CA ARG A 83 24.96 1.13 -26.72
C ARG A 83 24.82 -0.01 -25.70
N HIS A 84 23.59 -0.34 -25.35
CA HIS A 84 23.32 -1.40 -24.38
C HIS A 84 23.41 -2.77 -25.04
N VAL A 85 22.61 -2.97 -26.08
CA VAL A 85 22.60 -4.24 -26.80
C VAL A 85 24.01 -4.76 -27.01
N THR A 86 24.92 -3.86 -27.39
CA THR A 86 26.31 -4.24 -27.62
C THR A 86 26.90 -4.96 -26.42
N SER A 87 26.61 -4.46 -25.22
CA SER A 87 27.11 -5.06 -24.00
C SER A 87 26.27 -6.26 -23.59
N CYS A 88 24.94 -6.09 -23.60
CA CYS A 88 24.03 -7.16 -23.24
C CYS A 88 24.35 -8.44 -24.02
N THR A 89 25.09 -8.29 -25.11
CA THR A 89 25.46 -9.42 -25.94
C THR A 89 26.77 -10.04 -25.48
N LYS A 90 27.79 -9.20 -25.33
CA LYS A 90 29.10 -9.67 -24.88
C LYS A 90 28.96 -10.82 -23.89
N SER A 91 28.24 -10.57 -22.80
CA SER A 91 28.03 -11.58 -21.78
C SER A 91 27.44 -12.85 -22.37
N TYR A 92 26.40 -12.68 -23.18
CA TYR A 92 25.74 -13.82 -23.82
C TYR A 92 26.72 -14.61 -24.67
N GLU A 93 27.54 -13.90 -25.43
CA GLU A 93 28.53 -14.54 -26.30
C GLU A 93 29.43 -15.47 -25.50
N ALA A 94 29.97 -14.96 -24.39
CA ALA A 94 30.85 -15.74 -23.53
C ALA A 94 30.27 -17.13 -23.28
N ALA A 95 28.95 -17.24 -23.36
CA ALA A 95 28.28 -18.51 -23.14
C ALA A 95 28.16 -19.31 -24.44
N LYS A 96 28.12 -18.60 -25.56
CA LYS A 96 28.01 -19.23 -26.86
C LYS A 96 29.09 -20.30 -27.05
N ALA A 97 29.14 -20.89 -28.23
CA ALA A 97 30.12 -21.92 -28.53
C ALA A 97 31.02 -21.51 -29.70
N GLU A 98 31.95 -20.60 -29.43
CA GLU A 98 32.88 -20.12 -30.46
C GLU A 98 34.01 -21.12 -30.68
N GLN A 99 34.65 -21.54 -29.59
CA GLN A 99 35.75 -22.49 -29.66
C GLN A 99 35.35 -23.84 -29.10
N ASN A 100 34.38 -24.49 -29.75
CA ASN A 100 33.90 -25.79 -29.30
C ASN A 100 34.55 -26.91 -30.10
N THR A 101 34.85 -28.01 -29.43
CA THR A 101 35.47 -29.16 -30.08
C THR A 101 34.73 -29.54 -31.35
N THR A 102 35.12 -28.94 -32.47
CA THR A 102 34.48 -29.23 -33.75
C THR A 102 35.51 -29.57 -34.82
N GLU A 103 35.29 -30.67 -35.52
CA GLU A 103 36.20 -31.11 -36.58
C GLU A 103 36.60 -29.94 -37.47
N ALA A 104 37.87 -29.56 -37.41
CA ALA A 104 38.38 -28.46 -38.22
C ALA A 104 39.50 -28.92 -39.13
N SER A 105 39.56 -28.35 -40.33
CA SER A 105 40.59 -28.72 -41.30
C SER A 105 41.42 -27.49 -41.70
N GLY A 106 42.61 -27.75 -42.21
CA GLY A 106 43.48 -26.65 -42.62
C GLY A 106 44.26 -26.97 -43.88
N PRO A 107 44.40 -25.96 -44.76
CA PRO A 107 45.11 -26.13 -46.03
C PRO A 107 46.62 -26.29 -45.83
N SER A 108 47.35 -26.35 -46.94
CA SER A 108 48.80 -26.51 -46.88
C SER A 108 49.43 -26.23 -48.25
N SER A 109 50.56 -25.52 -48.23
CA SER A 109 51.26 -25.19 -49.46
C SER A 109 52.66 -24.66 -49.16
N GLY A 110 53.43 -24.40 -50.22
CA GLY A 110 54.78 -23.90 -50.05
C GLY A 110 55.52 -23.75 -51.37
N GLY A 1 34.83 -4.18 31.80
CA GLY A 1 35.31 -4.84 30.59
C GLY A 1 34.39 -4.61 29.41
N SER A 2 34.97 -4.57 28.21
CA SER A 2 34.20 -4.35 26.99
C SER A 2 34.96 -4.86 25.77
N SER A 3 34.22 -5.36 24.78
CA SER A 3 34.83 -5.87 23.57
C SER A 3 34.15 -5.28 22.33
N GLY A 4 32.83 -5.44 22.25
CA GLY A 4 32.09 -4.93 21.11
C GLY A 4 31.54 -6.03 20.22
N SER A 5 30.75 -5.63 19.24
CA SER A 5 30.15 -6.60 18.31
C SER A 5 29.59 -5.89 17.08
N SER A 6 29.47 -6.63 15.99
CA SER A 6 28.94 -6.08 14.74
C SER A 6 28.04 -7.08 14.03
N GLY A 7 26.77 -6.73 13.88
CA GLY A 7 25.83 -7.61 13.23
C GLY A 7 24.43 -7.02 13.15
N ASP A 8 23.68 -7.38 12.12
CA ASP A 8 22.33 -6.89 11.94
C ASP A 8 21.46 -7.91 11.22
N LYS A 9 20.14 -7.69 11.25
CA LYS A 9 19.20 -8.59 10.60
C LYS A 9 17.85 -7.92 10.41
N LEU A 10 17.06 -8.47 9.49
CA LEU A 10 15.73 -7.92 9.20
C LEU A 10 14.74 -9.03 8.88
N TYR A 11 13.49 -8.66 8.67
CA TYR A 11 12.45 -9.62 8.35
C TYR A 11 11.70 -9.22 7.09
N PRO A 12 11.84 -10.05 6.03
CA PRO A 12 11.18 -9.80 4.74
C PRO A 12 9.67 -9.99 4.81
N CYS A 13 8.93 -9.13 4.11
CA CYS A 13 7.48 -9.20 4.09
C CYS A 13 6.97 -9.67 2.73
N GLN A 14 5.73 -10.12 2.70
CA GLN A 14 5.12 -10.61 1.46
C GLN A 14 5.33 -9.61 0.33
N CYS A 15 5.10 -8.33 0.63
CA CYS A 15 5.27 -7.28 -0.36
C CYS A 15 6.72 -7.16 -0.81
N GLY A 16 7.64 -7.47 0.10
CA GLY A 16 9.06 -7.40 -0.21
C GLY A 16 9.82 -6.54 0.79
N LYS A 17 9.11 -5.69 1.51
CA LYS A 17 9.73 -4.83 2.50
C LYS A 17 10.47 -5.64 3.57
N SER A 18 11.20 -4.95 4.44
CA SER A 18 11.95 -5.62 5.50
C SER A 18 11.79 -4.87 6.82
N PHE A 19 11.39 -5.60 7.86
CA PHE A 19 11.20 -5.00 9.18
C PHE A 19 12.22 -5.55 10.17
N THR A 20 12.67 -4.69 11.08
CA THR A 20 13.65 -5.08 12.08
C THR A 20 13.09 -6.15 13.01
N HIS A 21 11.76 -6.22 13.11
CA HIS A 21 11.11 -7.20 13.95
C HIS A 21 10.13 -8.06 13.15
N LYS A 22 9.74 -9.19 13.71
CA LYS A 22 8.81 -10.10 13.04
C LYS A 22 7.37 -9.60 13.18
N SER A 23 7.02 -9.13 14.37
CA SER A 23 5.68 -8.63 14.63
C SER A 23 5.35 -7.44 13.72
N GLN A 24 6.37 -6.65 13.39
CA GLN A 24 6.19 -5.50 12.53
C GLN A 24 5.99 -5.92 11.08
N ARG A 25 6.64 -7.01 10.69
CA ARG A 25 6.53 -7.52 9.32
C ARG A 25 5.19 -8.21 9.11
N ASP A 26 4.74 -8.94 10.12
CA ASP A 26 3.47 -9.65 10.04
C ASP A 26 2.31 -8.67 9.94
N ARG A 27 2.24 -7.74 10.89
CA ARG A 27 1.17 -6.75 10.92
C ARG A 27 1.02 -6.08 9.55
N HIS A 28 2.13 -5.97 8.82
CA HIS A 28 2.11 -5.36 7.50
C HIS A 28 1.60 -6.34 6.45
N MET A 29 1.77 -7.63 6.72
CA MET A 29 1.31 -8.67 5.79
C MET A 29 -0.20 -8.71 5.73
N SER A 30 -0.85 -8.70 6.89
CA SER A 30 -2.31 -8.75 6.96
C SER A 30 -2.92 -7.69 6.05
N MET A 31 -2.37 -6.48 6.11
CA MET A 31 -2.87 -5.38 5.28
C MET A 31 -3.08 -5.83 3.83
N HIS A 32 -2.08 -6.54 3.30
CA HIS A 32 -2.16 -7.03 1.93
C HIS A 32 -3.46 -7.78 1.68
N LEU A 33 -3.99 -8.41 2.73
CA LEU A 33 -5.24 -9.15 2.63
C LEU A 33 -6.44 -8.23 2.86
N GLY A 34 -7.21 -8.02 1.80
CA GLY A 34 -8.39 -7.17 1.92
C GLY A 34 -9.67 -7.97 2.01
N LEU A 35 -9.87 -8.63 3.15
CA LEU A 35 -11.07 -9.44 3.37
C LEU A 35 -11.91 -8.86 4.51
N ARG A 36 -13.04 -8.26 4.15
CA ARG A 36 -13.94 -7.67 5.14
C ARG A 36 -15.27 -8.42 5.19
N PRO A 37 -15.55 -9.05 6.33
CA PRO A 37 -16.79 -9.81 6.53
C PRO A 37 -18.02 -8.90 6.60
N TYR A 38 -17.79 -7.63 6.83
CA TYR A 38 -18.89 -6.66 6.92
C TYR A 38 -19.00 -5.84 5.63
N GLY A 39 -20.15 -5.95 4.98
CA GLY A 39 -20.37 -5.23 3.73
C GLY A 39 -21.69 -4.48 3.73
N CYS A 40 -21.71 -3.31 3.09
CA CYS A 40 -22.91 -2.50 3.01
C CYS A 40 -23.73 -2.85 1.77
N GLY A 41 -24.86 -3.52 1.99
CA GLY A 41 -25.71 -3.90 0.88
C GLY A 41 -26.62 -2.77 0.42
N VAL A 42 -26.11 -1.54 0.53
CA VAL A 42 -26.88 -0.38 0.12
C VAL A 42 -26.14 0.44 -0.94
N CYS A 43 -24.87 0.72 -0.67
CA CYS A 43 -24.04 1.48 -1.59
C CYS A 43 -22.96 0.60 -2.22
N GLY A 44 -22.42 -0.32 -1.41
CA GLY A 44 -21.39 -1.21 -1.91
C GLY A 44 -20.08 -1.04 -1.18
N LYS A 45 -20.15 -0.68 0.10
CA LYS A 45 -18.97 -0.47 0.91
C LYS A 45 -18.63 -1.72 1.71
N LYS A 46 -17.58 -1.64 2.52
CA LYS A 46 -17.16 -2.76 3.35
C LYS A 46 -16.27 -2.30 4.50
N PHE A 47 -16.33 -3.02 5.62
CA PHE A 47 -15.53 -2.68 6.78
C PHE A 47 -15.01 -3.94 7.47
N LYS A 48 -13.85 -3.81 8.12
CA LYS A 48 -13.25 -4.94 8.83
C LYS A 48 -13.94 -5.18 10.17
N MET A 49 -14.21 -4.10 10.89
CA MET A 49 -14.87 -4.19 12.18
C MET A 49 -16.37 -3.96 12.05
N LYS A 50 -17.13 -4.49 13.00
CA LYS A 50 -18.58 -4.34 13.00
C LYS A 50 -18.99 -2.91 13.29
N HIS A 51 -18.32 -2.31 14.28
CA HIS A 51 -18.62 -0.93 14.66
C HIS A 51 -18.07 0.06 13.64
N HIS A 52 -17.31 -0.47 12.67
CA HIS A 52 -16.72 0.36 11.63
C HIS A 52 -17.70 0.55 10.48
N LEU A 53 -18.68 -0.34 10.38
CA LEU A 53 -19.69 -0.27 9.33
C LEU A 53 -20.88 0.57 9.77
N VAL A 54 -21.24 0.45 11.04
CA VAL A 54 -22.37 1.20 11.59
C VAL A 54 -22.22 2.69 11.32
N GLY A 55 -21.15 3.27 11.84
CA GLY A 55 -20.91 4.69 11.65
C GLY A 55 -21.17 5.15 10.23
N HIS A 56 -21.08 4.21 9.29
CA HIS A 56 -21.33 4.51 7.89
C HIS A 56 -22.77 4.25 7.51
N MET A 57 -23.31 3.12 7.97
CA MET A 57 -24.69 2.74 7.68
C MET A 57 -25.63 3.89 8.03
N LYS A 58 -25.23 4.71 8.98
CA LYS A 58 -26.06 5.84 9.41
C LYS A 58 -26.34 6.78 8.24
N ILE A 59 -25.64 6.56 7.13
CA ILE A 59 -25.82 7.39 5.94
C ILE A 59 -26.98 6.87 5.09
N HIS A 60 -27.38 5.63 5.33
CA HIS A 60 -28.48 5.02 4.59
C HIS A 60 -29.70 4.83 5.47
N THR A 61 -29.46 4.36 6.69
CA THR A 61 -30.55 4.14 7.65
C THR A 61 -31.24 5.45 8.02
N GLY A 62 -32.46 5.62 7.53
CA GLY A 62 -33.21 6.84 7.82
C GLY A 62 -32.75 8.02 6.98
N ILE A 63 -33.58 8.39 6.02
CA ILE A 63 -33.25 9.51 5.14
C ILE A 63 -33.11 10.81 5.92
N LYS A 64 -32.27 11.71 5.43
CA LYS A 64 -32.04 12.99 6.09
C LYS A 64 -32.76 14.10 5.35
N PRO A 65 -33.91 14.53 5.88
CA PRO A 65 -34.72 15.60 5.29
C PRO A 65 -34.06 16.97 5.42
N TYR A 66 -33.49 17.24 6.59
CA TYR A 66 -32.83 18.50 6.84
C TYR A 66 -31.73 18.35 7.89
N GLU A 67 -30.72 19.21 7.83
CA GLU A 67 -29.61 19.17 8.76
C GLU A 67 -28.97 20.54 8.92
N CYS A 68 -28.69 20.92 10.16
CA CYS A 68 -28.08 22.21 10.45
C CYS A 68 -26.74 22.36 9.72
N ASN A 69 -26.18 23.56 9.77
CA ASN A 69 -24.91 23.83 9.12
C ASN A 69 -23.80 24.04 10.15
N ILE A 70 -24.18 24.59 11.30
CA ILE A 70 -23.22 24.84 12.38
C ILE A 70 -22.93 23.57 13.17
N CYS A 71 -23.93 23.09 13.89
CA CYS A 71 -23.78 21.87 14.68
C CYS A 71 -24.01 20.63 13.84
N ALA A 72 -24.52 20.83 12.62
CA ALA A 72 -24.78 19.73 11.70
C ALA A 72 -25.84 18.79 12.27
N LYS A 73 -26.71 19.34 13.11
CA LYS A 73 -27.78 18.55 13.72
C LYS A 73 -28.77 18.07 12.66
N ARG A 74 -29.60 17.10 13.04
CA ARG A 74 -30.60 16.54 12.13
C ARG A 74 -32.01 16.84 12.63
N PHE A 75 -32.91 17.16 11.70
CA PHE A 75 -34.29 17.47 12.05
C PHE A 75 -35.26 16.76 11.11
N MET A 76 -36.11 15.91 11.66
CA MET A 76 -37.08 15.18 10.86
C MET A 76 -38.09 16.12 10.21
N TRP A 77 -38.51 17.13 10.97
CA TRP A 77 -39.47 18.11 10.46
C TRP A 77 -38.76 19.36 9.96
N ARG A 78 -39.44 20.11 9.10
CA ARG A 78 -38.85 21.33 8.54
C ARG A 78 -39.08 22.51 9.47
N ASP A 79 -40.33 22.72 9.87
CA ASP A 79 -40.68 23.82 10.77
C ASP A 79 -39.69 23.91 11.93
N SER A 80 -39.25 22.75 12.41
CA SER A 80 -38.31 22.69 13.52
C SER A 80 -36.89 22.98 13.04
N PHE A 81 -36.59 22.58 11.82
CA PHE A 81 -35.27 22.79 11.24
C PHE A 81 -34.93 24.27 11.20
N HIS A 82 -35.71 25.03 10.43
CA HIS A 82 -35.50 26.46 10.30
C HIS A 82 -35.60 27.17 11.66
N ARG A 83 -36.57 26.73 12.46
CA ARG A 83 -36.79 27.31 13.78
C ARG A 83 -35.49 27.29 14.59
N HIS A 84 -34.73 26.22 14.45
CA HIS A 84 -33.47 26.07 15.18
C HIS A 84 -32.33 26.75 14.43
N VAL A 85 -31.99 26.20 13.26
CA VAL A 85 -30.92 26.76 12.44
C VAL A 85 -30.88 28.28 12.55
N THR A 86 -32.03 28.92 12.40
CA THR A 86 -32.12 30.37 12.48
C THR A 86 -31.39 30.90 13.71
N SER A 87 -31.62 30.26 14.85
CA SER A 87 -30.98 30.67 16.10
C SER A 87 -29.55 30.16 16.17
N CYS A 88 -29.33 28.96 15.65
CA CYS A 88 -28.01 28.35 15.65
C CYS A 88 -27.01 29.20 14.86
N THR A 89 -27.53 29.89 13.84
CA THR A 89 -26.70 30.74 13.00
C THR A 89 -26.46 32.09 13.66
N LYS A 90 -27.53 32.72 14.12
CA LYS A 90 -27.45 34.02 14.77
C LYS A 90 -26.16 34.13 15.59
N SER A 91 -25.89 33.12 16.42
CA SER A 91 -24.71 33.11 17.25
C SER A 91 -23.44 33.05 16.41
N TYR A 92 -23.38 32.06 15.51
CA TYR A 92 -22.23 31.88 14.64
C TYR A 92 -21.88 33.19 13.94
N GLU A 93 -22.87 33.80 13.29
CA GLU A 93 -22.66 35.05 12.58
C GLU A 93 -22.10 36.12 13.52
N ALA A 94 -22.72 36.27 14.68
CA ALA A 94 -22.27 37.25 15.67
C ALA A 94 -20.77 37.18 15.88
N ALA A 95 -20.25 35.96 15.92
CA ALA A 95 -18.81 35.75 16.11
C ALA A 95 -18.05 35.92 14.82
N LYS A 96 -18.64 35.46 13.72
CA LYS A 96 -18.02 35.55 12.40
C LYS A 96 -17.52 36.98 12.15
N ALA A 97 -16.62 37.11 11.17
CA ALA A 97 -16.07 38.42 10.83
C ALA A 97 -17.02 39.20 9.93
N GLU A 98 -18.31 39.16 10.26
CA GLU A 98 -19.32 39.86 9.48
C GLU A 98 -18.84 41.25 9.08
N GLN A 99 -18.26 41.97 10.05
CA GLN A 99 -17.76 43.32 9.79
C GLN A 99 -16.35 43.48 10.36
N ASN A 100 -15.37 43.04 9.59
CA ASN A 100 -13.97 43.14 10.01
C ASN A 100 -13.15 43.96 9.01
N THR A 101 -11.98 44.40 9.44
CA THR A 101 -11.11 45.20 8.59
C THR A 101 -9.83 44.44 8.24
N THR A 102 -9.26 44.75 7.08
CA THR A 102 -8.05 44.09 6.63
C THR A 102 -6.88 44.40 7.55
N GLU A 103 -6.43 43.39 8.31
CA GLU A 103 -5.32 43.56 9.23
C GLU A 103 -4.11 42.77 8.77
N ALA A 104 -3.34 43.35 7.84
CA ALA A 104 -2.15 42.70 7.32
C ALA A 104 -1.38 41.98 8.42
N SER A 105 -0.57 41.01 8.03
CA SER A 105 0.22 40.23 8.99
C SER A 105 1.50 39.73 8.35
N GLY A 106 2.53 39.52 9.18
CA GLY A 106 3.80 39.03 8.68
C GLY A 106 4.47 38.07 9.64
N PRO A 107 4.74 36.84 9.17
CA PRO A 107 5.38 35.81 9.96
C PRO A 107 6.84 36.13 10.26
N SER A 108 7.50 35.25 11.03
CA SER A 108 8.90 35.44 11.38
C SER A 108 9.80 34.62 10.47
N SER A 109 10.93 35.22 10.08
CA SER A 109 11.89 34.56 9.19
C SER A 109 12.75 33.57 9.98
N GLY A 110 13.37 34.06 11.04
CA GLY A 110 14.23 33.21 11.85
C GLY A 110 15.65 33.16 11.34
N GLY A 1 46.60 -4.49 7.60
CA GLY A 1 45.39 -3.77 7.98
C GLY A 1 44.34 -4.68 8.57
N SER A 2 43.22 -4.10 9.00
CA SER A 2 42.14 -4.87 9.58
C SER A 2 40.92 -3.98 9.84
N SER A 3 39.78 -4.61 10.11
CA SER A 3 38.55 -3.88 10.38
C SER A 3 37.43 -4.84 10.79
N GLY A 4 36.26 -4.27 11.09
CA GLY A 4 35.14 -5.09 11.51
C GLY A 4 33.82 -4.35 11.37
N SER A 5 32.72 -5.11 11.31
CA SER A 5 31.39 -4.52 11.18
C SER A 5 30.32 -5.49 11.67
N SER A 6 29.19 -4.95 12.10
CA SER A 6 28.09 -5.76 12.60
C SER A 6 26.79 -5.44 11.85
N GLY A 7 25.72 -6.12 12.22
CA GLY A 7 24.44 -5.90 11.58
C GLY A 7 23.28 -6.39 12.42
N ASP A 8 22.06 -6.17 11.92
CA ASP A 8 20.86 -6.59 12.64
C ASP A 8 20.05 -7.58 11.80
N LYS A 9 18.99 -8.12 12.39
CA LYS A 9 18.13 -9.07 11.69
C LYS A 9 16.91 -8.36 11.10
N LEU A 10 16.33 -8.98 10.07
CA LEU A 10 15.16 -8.40 9.40
C LEU A 10 14.23 -9.51 8.93
N TYR A 11 13.01 -9.13 8.55
CA TYR A 11 12.02 -10.09 8.08
C TYR A 11 11.44 -9.64 6.73
N PRO A 12 11.61 -10.50 5.71
CA PRO A 12 11.11 -10.24 4.36
C PRO A 12 9.59 -10.27 4.28
N CYS A 13 8.99 -9.16 3.86
CA CYS A 13 7.54 -9.07 3.74
C CYS A 13 7.09 -9.40 2.32
N GLN A 14 5.81 -9.76 2.18
CA GLN A 14 5.26 -10.11 0.88
C GLN A 14 5.49 -8.99 -0.12
N CYS A 15 5.18 -7.77 0.29
CA CYS A 15 5.35 -6.60 -0.58
C CYS A 15 6.80 -6.47 -1.04
N GLY A 16 7.72 -6.97 -0.22
CA GLY A 16 9.12 -6.90 -0.56
C GLY A 16 9.95 -6.20 0.50
N LYS A 17 9.29 -5.36 1.30
CA LYS A 17 9.97 -4.62 2.37
C LYS A 17 10.54 -5.59 3.40
N SER A 18 11.30 -5.03 4.34
CA SER A 18 11.92 -5.84 5.39
C SER A 18 11.92 -5.09 6.72
N PHE A 19 11.36 -5.73 7.75
CA PHE A 19 11.29 -5.13 9.07
C PHE A 19 12.25 -5.82 10.04
N THR A 20 12.80 -5.05 10.96
CA THR A 20 13.74 -5.59 11.95
C THR A 20 13.02 -6.47 12.96
N HIS A 21 11.74 -6.19 13.18
CA HIS A 21 10.94 -6.96 14.13
C HIS A 21 9.90 -7.82 13.40
N LYS A 22 9.52 -8.92 14.02
CA LYS A 22 8.53 -9.82 13.43
C LYS A 22 7.13 -9.21 13.47
N SER A 23 6.82 -8.57 14.59
CA SER A 23 5.51 -7.93 14.76
C SER A 23 5.26 -6.89 13.68
N GLN A 24 6.28 -6.10 13.37
CA GLN A 24 6.18 -5.07 12.35
C GLN A 24 5.92 -5.68 10.98
N ARG A 25 6.55 -6.83 10.73
CA ARG A 25 6.40 -7.52 9.45
C ARG A 25 5.03 -8.19 9.36
N ASP A 26 4.58 -8.76 10.48
CA ASP A 26 3.29 -9.43 10.53
C ASP A 26 2.15 -8.47 10.24
N ARG A 27 2.14 -7.35 10.97
CA ARG A 27 1.10 -6.34 10.79
C ARG A 27 1.03 -5.87 9.34
N HIS A 28 2.18 -5.90 8.67
CA HIS A 28 2.25 -5.48 7.27
C HIS A 28 1.89 -6.63 6.33
N MET A 29 1.84 -7.84 6.88
CA MET A 29 1.50 -9.02 6.10
C MET A 29 -0.01 -9.25 6.08
N SER A 30 -0.64 -9.07 7.23
CA SER A 30 -2.08 -9.25 7.35
C SER A 30 -2.84 -8.15 6.61
N MET A 31 -2.27 -6.96 6.61
CA MET A 31 -2.88 -5.82 5.93
C MET A 31 -2.96 -6.05 4.44
N HIS A 32 -1.95 -6.72 3.89
CA HIS A 32 -1.91 -7.01 2.46
C HIS A 32 -3.16 -7.78 2.02
N LEU A 33 -3.43 -8.88 2.70
CA LEU A 33 -4.60 -9.71 2.38
C LEU A 33 -5.88 -8.87 2.40
N GLY A 34 -6.69 -9.04 1.37
CA GLY A 34 -7.94 -8.29 1.28
C GLY A 34 -9.07 -9.12 0.70
N LEU A 35 -9.99 -8.45 0.02
CA LEU A 35 -11.13 -9.13 -0.60
C LEU A 35 -11.32 -8.68 -2.04
N ARG A 36 -11.91 -9.54 -2.85
CA ARG A 36 -12.15 -9.23 -4.26
C ARG A 36 -13.55 -9.71 -4.69
N PRO A 37 -14.14 -9.00 -5.66
CA PRO A 37 -15.47 -9.33 -6.18
C PRO A 37 -15.46 -10.63 -6.98
N TYR A 38 -14.30 -11.01 -7.47
CA TYR A 38 -14.16 -12.23 -8.26
C TYR A 38 -13.59 -13.37 -7.41
N GLY A 39 -14.35 -14.45 -7.27
CA GLY A 39 -13.90 -15.58 -6.49
C GLY A 39 -14.12 -16.90 -7.21
N CYS A 40 -13.20 -17.84 -7.00
CA CYS A 40 -13.29 -19.15 -7.63
C CYS A 40 -14.04 -20.13 -6.75
N GLY A 41 -15.30 -20.42 -7.11
CA GLY A 41 -16.11 -21.34 -6.34
C GLY A 41 -15.81 -22.79 -6.67
N VAL A 42 -14.53 -23.07 -6.94
CA VAL A 42 -14.11 -24.44 -7.26
C VAL A 42 -12.98 -24.89 -6.36
N CYS A 43 -12.00 -24.02 -6.16
CA CYS A 43 -10.85 -24.34 -5.32
C CYS A 43 -10.83 -23.44 -4.08
N GLY A 44 -11.23 -22.18 -4.27
CA GLY A 44 -11.24 -21.25 -3.15
C GLY A 44 -10.29 -20.09 -3.36
N LYS A 45 -10.11 -19.69 -4.62
CA LYS A 45 -9.21 -18.59 -4.95
C LYS A 45 -10.00 -17.30 -5.14
N LYS A 46 -9.28 -16.21 -5.44
CA LYS A 46 -9.91 -14.91 -5.65
C LYS A 46 -8.98 -13.99 -6.43
N PHE A 47 -9.58 -13.05 -7.17
CA PHE A 47 -8.81 -12.11 -7.97
C PHE A 47 -9.52 -10.76 -8.04
N LYS A 48 -8.73 -9.69 -8.10
CA LYS A 48 -9.28 -8.34 -8.17
C LYS A 48 -9.82 -8.03 -9.57
N MET A 49 -9.11 -8.52 -10.58
CA MET A 49 -9.50 -8.30 -11.97
C MET A 49 -10.33 -9.48 -12.48
N LYS A 50 -11.23 -9.20 -13.42
CA LYS A 50 -12.09 -10.24 -13.99
C LYS A 50 -11.29 -11.13 -14.94
N HIS A 51 -10.25 -10.58 -15.54
CA HIS A 51 -9.40 -11.32 -16.46
C HIS A 51 -8.38 -12.15 -15.70
N HIS A 52 -8.11 -11.78 -14.46
CA HIS A 52 -7.14 -12.49 -13.64
C HIS A 52 -7.71 -13.82 -13.17
N LEU A 53 -9.02 -13.85 -12.93
CA LEU A 53 -9.69 -15.07 -12.48
C LEU A 53 -9.79 -16.08 -13.62
N VAL A 54 -10.10 -15.60 -14.81
CA VAL A 54 -10.23 -16.47 -15.98
C VAL A 54 -8.96 -17.31 -16.18
N GLY A 55 -7.84 -16.63 -16.41
CA GLY A 55 -6.58 -17.31 -16.61
C GLY A 55 -6.39 -18.47 -15.64
N HIS A 56 -7.06 -18.39 -14.49
CA HIS A 56 -6.95 -19.43 -13.48
C HIS A 56 -8.08 -20.45 -13.64
N MET A 57 -9.29 -19.96 -13.87
CA MET A 57 -10.45 -20.83 -14.03
C MET A 57 -10.17 -21.92 -15.06
N LYS A 58 -9.27 -21.64 -16.00
CA LYS A 58 -8.90 -22.59 -17.03
C LYS A 58 -8.41 -23.90 -16.42
N ILE A 59 -8.02 -23.84 -15.15
CA ILE A 59 -7.53 -25.02 -14.46
C ILE A 59 -8.68 -25.90 -13.98
N HIS A 60 -9.89 -25.34 -13.98
CA HIS A 60 -11.07 -26.07 -13.55
C HIS A 60 -11.99 -26.34 -14.74
N THR A 61 -11.44 -26.24 -15.95
CA THR A 61 -12.21 -26.47 -17.17
C THR A 61 -11.57 -27.58 -18.01
N GLY A 62 -11.75 -28.82 -17.59
CA GLY A 62 -11.19 -29.94 -18.32
C GLY A 62 -9.71 -30.11 -18.07
N ILE A 63 -8.90 -29.22 -18.65
CA ILE A 63 -7.46 -29.28 -18.49
C ILE A 63 -7.09 -29.47 -17.03
N LYS A 64 -6.02 -30.24 -16.79
CA LYS A 64 -5.55 -30.50 -15.44
C LYS A 64 -4.10 -30.98 -15.45
N PRO A 65 -3.27 -30.40 -14.57
CA PRO A 65 -1.86 -30.75 -14.46
C PRO A 65 -1.66 -32.14 -13.86
N TYR A 66 -2.29 -32.39 -12.73
CA TYR A 66 -2.18 -33.68 -12.06
C TYR A 66 -3.56 -34.19 -11.62
N GLU A 67 -3.59 -35.41 -11.11
CA GLU A 67 -4.84 -36.02 -10.66
C GLU A 67 -4.57 -37.33 -9.93
N CYS A 68 -5.30 -37.55 -8.84
CA CYS A 68 -5.15 -38.77 -8.05
C CYS A 68 -5.60 -40.00 -8.85
N ASN A 69 -5.29 -41.18 -8.32
CA ASN A 69 -5.67 -42.43 -8.99
C ASN A 69 -6.80 -43.12 -8.23
N ILE A 70 -6.87 -42.88 -6.92
CA ILE A 70 -7.90 -43.48 -6.09
C ILE A 70 -9.20 -42.69 -6.17
N CYS A 71 -9.18 -41.47 -5.65
CA CYS A 71 -10.36 -40.62 -5.66
C CYS A 71 -10.46 -39.85 -6.97
N ALA A 72 -9.42 -39.95 -7.79
CA ALA A 72 -9.38 -39.27 -9.08
C ALA A 72 -9.49 -37.75 -8.89
N LYS A 73 -9.08 -37.27 -7.73
CA LYS A 73 -9.11 -35.84 -7.43
C LYS A 73 -8.16 -35.06 -8.33
N ARG A 74 -8.43 -33.77 -8.50
CA ARG A 74 -7.59 -32.93 -9.33
C ARG A 74 -6.91 -31.84 -8.50
N PHE A 75 -5.61 -31.68 -8.70
CA PHE A 75 -4.84 -30.70 -7.96
C PHE A 75 -4.13 -29.73 -8.92
N MET A 76 -3.95 -28.49 -8.48
CA MET A 76 -3.29 -27.48 -9.29
C MET A 76 -1.79 -27.46 -9.02
N TRP A 77 -1.42 -27.53 -7.75
CA TRP A 77 -0.02 -27.53 -7.36
C TRP A 77 0.60 -28.91 -7.50
N ARG A 78 1.93 -28.96 -7.53
CA ARG A 78 2.64 -30.22 -7.67
C ARG A 78 2.95 -30.82 -6.30
N ASP A 79 3.48 -30.00 -5.40
CA ASP A 79 3.81 -30.46 -4.05
C ASP A 79 2.58 -31.01 -3.35
N SER A 80 1.49 -30.26 -3.40
CA SER A 80 0.24 -30.69 -2.76
C SER A 80 -0.30 -31.96 -3.40
N PHE A 81 -0.19 -32.05 -4.71
CA PHE A 81 -0.67 -33.21 -5.45
C PHE A 81 -0.03 -34.49 -4.92
N HIS A 82 1.29 -34.59 -5.07
CA HIS A 82 2.02 -35.77 -4.60
C HIS A 82 1.82 -35.97 -3.10
N ARG A 83 1.75 -34.87 -2.36
CA ARG A 83 1.56 -34.93 -0.91
C ARG A 83 0.29 -35.69 -0.57
N HIS A 84 -0.80 -35.36 -1.26
CA HIS A 84 -2.08 -36.01 -1.02
C HIS A 84 -2.06 -37.45 -1.51
N VAL A 85 -1.79 -37.63 -2.80
CA VAL A 85 -1.74 -38.96 -3.40
C VAL A 85 -0.96 -39.92 -2.51
N THR A 86 0.18 -39.47 -2.00
CA THR A 86 1.02 -40.29 -1.14
C THR A 86 0.20 -40.94 -0.03
N SER A 87 -0.70 -40.17 0.58
CA SER A 87 -1.55 -40.66 1.64
C SER A 87 -2.76 -41.41 1.09
N CYS A 88 -3.45 -40.78 0.14
CA CYS A 88 -4.62 -41.37 -0.48
C CYS A 88 -4.36 -42.84 -0.84
N THR A 89 -3.12 -43.14 -1.17
CA THR A 89 -2.74 -44.51 -1.53
C THR A 89 -2.55 -45.38 -0.29
N LYS A 90 -1.83 -44.84 0.69
CA LYS A 90 -1.57 -45.57 1.93
C LYS A 90 -2.77 -46.45 2.30
N SER A 91 -3.95 -45.86 2.31
CA SER A 91 -5.17 -46.59 2.64
C SER A 91 -5.51 -47.61 1.56
N TYR A 92 -5.38 -47.19 0.30
CA TYR A 92 -5.67 -48.07 -0.82
C TYR A 92 -4.83 -49.34 -0.77
N GLU A 93 -3.51 -49.16 -0.66
CA GLU A 93 -2.60 -50.29 -0.60
C GLU A 93 -2.90 -51.17 0.62
N ALA A 94 -3.10 -50.53 1.77
CA ALA A 94 -3.40 -51.25 3.00
C ALA A 94 -4.40 -52.37 2.76
N ALA A 95 -5.55 -52.01 2.19
CA ALA A 95 -6.59 -53.00 1.89
C ALA A 95 -6.15 -53.97 0.81
N LYS A 96 -5.59 -53.43 -0.27
CA LYS A 96 -5.11 -54.25 -1.38
C LYS A 96 -4.43 -55.52 -0.86
N ALA A 97 -4.33 -56.52 -1.72
CA ALA A 97 -3.71 -57.79 -1.36
C ALA A 97 -2.23 -57.79 -1.73
N GLU A 98 -1.44 -57.00 -1.01
CA GLU A 98 0.00 -56.91 -1.26
C GLU A 98 0.71 -58.18 -0.80
N GLN A 99 0.41 -58.60 0.42
CA GLN A 99 1.02 -59.80 0.99
C GLN A 99 0.00 -60.93 1.13
N ASN A 100 -0.84 -61.08 0.11
CA ASN A 100 -1.86 -62.12 0.13
C ASN A 100 -1.29 -63.44 -0.37
N THR A 101 -0.10 -63.78 0.08
CA THR A 101 0.56 -65.01 -0.31
C THR A 101 0.50 -66.05 0.81
N THR A 102 0.39 -67.32 0.42
CA THR A 102 0.31 -68.40 1.40
C THR A 102 1.45 -68.32 2.41
N GLU A 103 1.34 -69.09 3.49
CA GLU A 103 2.35 -69.09 4.53
C GLU A 103 3.45 -70.10 4.22
N ALA A 104 4.50 -70.10 5.03
CA ALA A 104 5.62 -71.02 4.84
C ALA A 104 5.29 -72.41 5.39
N SER A 105 6.19 -73.36 5.17
CA SER A 105 6.00 -74.72 5.64
C SER A 105 7.07 -75.11 6.65
N GLY A 106 6.72 -75.03 7.93
CA GLY A 106 7.67 -75.37 8.97
C GLY A 106 7.73 -76.86 9.23
N PRO A 107 8.87 -77.48 8.88
CA PRO A 107 9.07 -78.92 9.06
C PRO A 107 9.21 -79.31 10.54
N SER A 108 9.30 -80.61 10.81
CA SER A 108 9.44 -81.10 12.17
C SER A 108 10.52 -80.34 12.92
N SER A 109 10.11 -79.53 13.88
CA SER A 109 11.05 -78.75 14.68
C SER A 109 11.97 -79.65 15.49
N GLY A 110 13.00 -79.07 16.07
CA GLY A 110 13.94 -79.84 16.88
C GLY A 110 14.81 -78.96 17.75
N GLY A 1 44.81 -15.37 23.48
CA GLY A 1 44.18 -15.14 22.20
C GLY A 1 42.66 -15.15 22.29
N SER A 2 42.00 -14.56 21.30
CA SER A 2 40.55 -14.50 21.28
C SER A 2 40.04 -14.02 19.93
N SER A 3 38.73 -14.07 19.75
CA SER A 3 38.11 -13.64 18.49
C SER A 3 36.59 -13.67 18.58
N GLY A 4 35.92 -13.11 17.59
CA GLY A 4 34.48 -13.08 17.58
C GLY A 4 33.92 -12.41 16.33
N SER A 5 32.59 -12.41 16.22
CA SER A 5 31.93 -11.80 15.07
C SER A 5 30.45 -11.57 15.35
N SER A 6 29.76 -10.93 14.41
CA SER A 6 28.34 -10.65 14.56
C SER A 6 27.74 -10.16 13.24
N GLY A 7 26.43 -9.97 13.23
CA GLY A 7 25.75 -9.51 12.03
C GLY A 7 24.35 -9.01 12.31
N ASP A 8 23.60 -8.75 11.24
CA ASP A 8 22.23 -8.28 11.37
C ASP A 8 21.27 -9.13 10.55
N LYS A 9 19.98 -9.02 10.85
CA LYS A 9 18.96 -9.78 10.15
C LYS A 9 17.64 -9.02 10.10
N LEU A 10 16.80 -9.35 9.12
CA LEU A 10 15.51 -8.69 8.97
C LEU A 10 14.45 -9.68 8.50
N TYR A 11 13.19 -9.25 8.50
CA TYR A 11 12.09 -10.09 8.09
C TYR A 11 11.50 -9.60 6.77
N PRO A 12 11.66 -10.42 5.71
CA PRO A 12 11.14 -10.10 4.39
C PRO A 12 9.62 -10.15 4.32
N CYS A 13 9.02 -9.02 3.96
CA CYS A 13 7.56 -8.94 3.86
C CYS A 13 7.09 -9.39 2.47
N GLN A 14 5.82 -9.75 2.39
CA GLN A 14 5.23 -10.20 1.12
C GLN A 14 5.41 -9.14 0.04
N CYS A 15 5.21 -7.87 0.41
CA CYS A 15 5.35 -6.77 -0.53
C CYS A 15 6.79 -6.62 -0.99
N GLY A 16 7.73 -6.97 -0.12
CA GLY A 16 9.13 -6.88 -0.46
C GLY A 16 9.94 -6.17 0.62
N LYS A 17 9.27 -5.31 1.39
CA LYS A 17 9.93 -4.57 2.46
C LYS A 17 10.58 -5.51 3.45
N SER A 18 11.30 -4.95 4.43
CA SER A 18 11.98 -5.74 5.44
C SER A 18 12.03 -5.01 6.77
N PHE A 19 11.37 -5.57 7.78
CA PHE A 19 11.33 -4.96 9.11
C PHE A 19 12.38 -5.60 10.01
N THR A 20 12.55 -5.01 11.20
CA THR A 20 13.53 -5.51 12.17
C THR A 20 12.90 -6.53 13.10
N HIS A 21 11.59 -6.43 13.29
CA HIS A 21 10.87 -7.35 14.16
C HIS A 21 9.79 -8.10 13.39
N LYS A 22 9.42 -9.28 13.89
CA LYS A 22 8.40 -10.08 13.25
C LYS A 22 7.03 -9.43 13.34
N SER A 23 6.76 -8.79 14.47
CA SER A 23 5.48 -8.11 14.69
C SER A 23 5.31 -6.96 13.70
N GLN A 24 6.37 -6.19 13.51
CA GLN A 24 6.34 -5.05 12.59
C GLN A 24 6.05 -5.52 11.16
N ARG A 25 6.55 -6.70 10.82
CA ARG A 25 6.35 -7.25 9.49
C ARG A 25 4.98 -7.92 9.38
N ASP A 26 4.53 -8.51 10.48
CA ASP A 26 3.24 -9.19 10.50
C ASP A 26 2.11 -8.21 10.19
N ARG A 27 2.05 -7.12 10.96
CA ARG A 27 1.02 -6.12 10.76
C ARG A 27 0.95 -5.67 9.31
N HIS A 28 2.10 -5.67 8.64
CA HIS A 28 2.18 -5.27 7.24
C HIS A 28 1.79 -6.41 6.32
N MET A 29 1.84 -7.63 6.85
CA MET A 29 1.49 -8.82 6.08
C MET A 29 -0.01 -9.08 6.15
N SER A 30 -0.62 -8.72 7.27
CA SER A 30 -2.05 -8.93 7.46
C SER A 30 -2.86 -7.97 6.59
N MET A 31 -2.33 -6.76 6.40
CA MET A 31 -3.00 -5.76 5.58
C MET A 31 -3.03 -6.18 4.11
N HIS A 32 -2.01 -6.92 3.69
CA HIS A 32 -1.93 -7.38 2.31
C HIS A 32 -3.11 -8.29 1.97
N LEU A 33 -3.43 -9.20 2.88
CA LEU A 33 -4.53 -10.13 2.67
C LEU A 33 -5.80 -9.38 2.27
N GLY A 34 -6.89 -10.13 2.07
CA GLY A 34 -8.15 -9.52 1.68
C GLY A 34 -8.63 -8.50 2.70
N LEU A 35 -9.82 -8.74 3.25
CA LEU A 35 -10.39 -7.85 4.24
C LEU A 35 -10.90 -8.62 5.45
N ARG A 36 -11.06 -7.92 6.57
CA ARG A 36 -11.53 -8.54 7.80
C ARG A 36 -13.03 -8.33 7.96
N PRO A 37 -13.67 -9.23 8.72
CA PRO A 37 -15.12 -9.17 8.98
C PRO A 37 -15.50 -8.00 9.88
N TYR A 38 -14.49 -7.35 10.45
CA TYR A 38 -14.72 -6.22 11.33
C TYR A 38 -14.35 -4.90 10.65
N GLY A 39 -14.63 -4.82 9.35
CA GLY A 39 -14.32 -3.62 8.60
C GLY A 39 -15.13 -2.42 9.06
N CYS A 40 -14.43 -1.38 9.52
CA CYS A 40 -15.10 -0.16 9.98
C CYS A 40 -15.76 0.58 8.83
N GLY A 41 -17.09 0.51 8.78
CA GLY A 41 -17.83 1.19 7.72
C GLY A 41 -18.01 2.66 7.99
N VAL A 42 -17.11 3.24 8.78
CA VAL A 42 -17.18 4.65 9.11
C VAL A 42 -15.99 5.42 8.55
N CYS A 43 -14.80 4.82 8.67
CA CYS A 43 -13.58 5.44 8.17
C CYS A 43 -12.94 4.58 7.07
N GLY A 44 -13.01 3.26 7.26
CA GLY A 44 -12.43 2.36 6.28
C GLY A 44 -11.33 1.49 6.86
N LYS A 45 -11.38 1.29 8.17
CA LYS A 45 -10.38 0.47 8.86
C LYS A 45 -10.81 -0.99 8.91
N LYS A 46 -9.98 -1.83 9.50
CA LYS A 46 -10.26 -3.25 9.62
C LYS A 46 -9.56 -3.85 10.83
N PHE A 47 -10.03 -5.02 11.26
CA PHE A 47 -9.45 -5.70 12.41
C PHE A 47 -9.77 -7.19 12.38
N LYS A 48 -8.81 -8.00 12.82
CA LYS A 48 -9.00 -9.45 12.85
C LYS A 48 -9.90 -9.87 14.01
N MET A 49 -9.74 -9.20 15.15
CA MET A 49 -10.54 -9.50 16.33
C MET A 49 -11.63 -8.44 16.52
N LYS A 50 -12.57 -8.73 17.42
CA LYS A 50 -13.66 -7.81 17.71
C LYS A 50 -13.19 -6.67 18.59
N HIS A 51 -12.54 -7.00 19.71
CA HIS A 51 -12.03 -6.00 20.64
C HIS A 51 -11.12 -5.01 19.93
N HIS A 52 -10.30 -5.52 19.01
CA HIS A 52 -9.38 -4.68 18.26
C HIS A 52 -10.13 -3.56 17.54
N LEU A 53 -11.30 -3.87 17.02
CA LEU A 53 -12.13 -2.88 16.31
C LEU A 53 -12.77 -1.91 17.30
N VAL A 54 -13.35 -2.45 18.36
CA VAL A 54 -14.00 -1.63 19.37
C VAL A 54 -13.08 -0.51 19.85
N GLY A 55 -11.89 -0.88 20.32
CA GLY A 55 -10.94 0.11 20.79
C GLY A 55 -10.76 1.25 19.82
N HIS A 56 -11.11 1.02 18.55
CA HIS A 56 -10.99 2.04 17.53
C HIS A 56 -12.31 2.75 17.30
N MET A 57 -13.39 1.98 17.18
CA MET A 57 -14.72 2.53 16.97
C MET A 57 -14.99 3.68 17.94
N LYS A 58 -14.47 3.55 19.15
CA LYS A 58 -14.65 4.57 20.17
C LYS A 58 -14.36 5.97 19.62
N ILE A 59 -13.48 6.02 18.63
CA ILE A 59 -13.11 7.29 18.01
C ILE A 59 -14.29 7.90 17.26
N HIS A 60 -15.11 7.04 16.67
CA HIS A 60 -16.28 7.48 15.92
C HIS A 60 -17.47 7.72 16.85
N THR A 61 -17.97 6.63 17.43
CA THR A 61 -19.11 6.71 18.34
C THR A 61 -18.90 7.80 19.39
N GLY A 62 -19.85 8.73 19.46
CA GLY A 62 -19.76 9.81 20.42
C GLY A 62 -18.51 10.66 20.22
N ILE A 63 -18.62 11.94 20.53
CA ILE A 63 -17.50 12.86 20.38
C ILE A 63 -16.62 12.88 21.62
N LYS A 64 -15.34 13.14 21.43
CA LYS A 64 -14.39 13.18 22.54
C LYS A 64 -14.17 14.62 23.01
N PRO A 65 -14.71 14.95 24.19
CA PRO A 65 -14.58 16.30 24.77
C PRO A 65 -13.16 16.59 25.24
N TYR A 66 -12.59 15.66 26.00
CA TYR A 66 -11.23 15.83 26.51
C TYR A 66 -10.21 15.30 25.51
N GLU A 67 -9.00 15.87 25.54
CA GLU A 67 -7.93 15.48 24.64
C GLU A 67 -6.60 16.02 25.10
N CYS A 68 -5.56 15.19 25.02
CA CYS A 68 -4.22 15.59 25.44
C CYS A 68 -3.64 16.62 24.47
N ASN A 69 -2.46 17.12 24.80
CA ASN A 69 -1.79 18.12 23.97
C ASN A 69 -0.52 17.55 23.34
N ILE A 70 0.22 16.77 24.12
CA ILE A 70 1.46 16.16 23.64
C ILE A 70 1.17 15.07 22.62
N CYS A 71 0.47 14.03 23.06
CA CYS A 71 0.12 12.92 22.19
C CYS A 71 -1.20 13.17 21.46
N ALA A 72 -1.89 14.24 21.86
CA ALA A 72 -3.16 14.61 21.25
C ALA A 72 -4.17 13.48 21.39
N LYS A 73 -4.01 12.67 22.44
CA LYS A 73 -4.92 11.56 22.68
C LYS A 73 -6.31 12.05 23.07
N ARG A 74 -7.29 11.16 23.02
CA ARG A 74 -8.66 11.51 23.37
C ARG A 74 -9.19 10.60 24.48
N PHE A 75 -9.82 11.21 25.48
CA PHE A 75 -10.37 10.45 26.60
C PHE A 75 -11.78 10.91 26.92
N MET A 76 -12.71 9.96 26.99
CA MET A 76 -14.11 10.27 27.29
C MET A 76 -14.29 10.60 28.77
N TRP A 77 -13.47 9.98 29.61
CA TRP A 77 -13.54 10.21 31.05
C TRP A 77 -12.67 11.39 31.45
N ARG A 78 -13.08 12.10 32.50
CA ARG A 78 -12.34 13.25 32.98
C ARG A 78 -11.15 12.82 33.84
N ASP A 79 -11.44 12.32 35.03
CA ASP A 79 -10.39 11.86 35.93
C ASP A 79 -9.25 11.22 35.16
N SER A 80 -9.58 10.29 34.29
CA SER A 80 -8.58 9.59 33.48
C SER A 80 -7.84 10.57 32.57
N PHE A 81 -8.58 11.50 31.99
CA PHE A 81 -8.01 12.50 31.09
C PHE A 81 -6.92 13.30 31.80
N HIS A 82 -7.33 14.07 32.80
CA HIS A 82 -6.39 14.89 33.57
C HIS A 82 -5.28 14.04 34.15
N ARG A 83 -5.65 12.93 34.77
CA ARG A 83 -4.68 12.02 35.37
C ARG A 83 -3.56 11.70 34.40
N HIS A 84 -3.92 11.42 33.15
CA HIS A 84 -2.95 11.09 32.11
C HIS A 84 -2.19 12.33 31.67
N VAL A 85 -2.93 13.33 31.16
CA VAL A 85 -2.32 14.56 30.70
C VAL A 85 -1.23 15.04 31.65
N THR A 86 -1.52 14.98 32.95
CA THR A 86 -0.56 15.40 33.96
C THR A 86 0.78 14.72 33.76
N SER A 87 0.77 13.39 33.71
CA SER A 87 2.00 12.62 33.52
C SER A 87 2.57 12.85 32.12
N CYS A 88 1.72 12.73 31.11
CA CYS A 88 2.14 12.91 29.72
C CYS A 88 3.10 14.08 29.60
N THR A 89 2.81 15.15 30.32
CA THR A 89 3.65 16.35 30.30
C THR A 89 4.93 16.13 31.09
N LYS A 90 4.79 15.63 32.32
CA LYS A 90 5.95 15.37 33.18
C LYS A 90 7.14 14.88 32.36
N SER A 91 6.87 13.95 31.44
CA SER A 91 7.93 13.39 30.60
C SER A 91 8.39 14.40 29.56
N TYR A 92 7.42 15.07 28.93
CA TYR A 92 7.72 16.07 27.91
C TYR A 92 8.66 17.14 28.45
N GLU A 93 8.27 17.74 29.57
CA GLU A 93 9.08 18.79 30.20
C GLU A 93 10.53 18.35 30.31
N ALA A 94 10.74 17.09 30.69
CA ALA A 94 12.09 16.56 30.84
C ALA A 94 12.95 16.87 29.62
N ALA A 95 12.41 16.60 28.43
CA ALA A 95 13.11 16.86 27.19
C ALA A 95 13.63 18.29 27.14
N LYS A 96 12.72 19.25 27.23
CA LYS A 96 13.08 20.67 27.19
C LYS A 96 14.35 20.92 27.98
N ALA A 97 15.22 21.77 27.44
CA ALA A 97 16.49 22.09 28.11
C ALA A 97 16.35 23.36 28.93
N GLU A 98 15.23 23.50 29.63
CA GLU A 98 14.97 24.67 30.46
C GLU A 98 16.18 24.99 31.33
N GLN A 99 16.76 23.96 31.94
CA GLN A 99 17.92 24.12 32.80
C GLN A 99 19.04 24.87 32.07
N ASN A 100 19.33 24.43 30.84
CA ASN A 100 20.37 25.05 30.04
C ASN A 100 20.24 26.57 30.05
N THR A 101 21.03 27.22 30.91
CA THR A 101 21.00 28.68 31.01
C THR A 101 22.41 29.25 31.14
N THR A 102 22.66 30.36 30.47
CA THR A 102 23.96 31.01 30.51
C THR A 102 24.59 30.89 31.89
N GLU A 103 25.55 29.98 32.02
CA GLU A 103 26.23 29.77 33.30
C GLU A 103 27.74 29.90 33.13
N ALA A 104 28.43 30.08 34.25
CA ALA A 104 29.89 30.23 34.23
C ALA A 104 30.54 29.12 33.42
N SER A 105 31.70 29.42 32.83
CA SER A 105 32.42 28.46 32.02
C SER A 105 32.46 27.10 32.69
N GLY A 106 32.84 27.09 33.97
CA GLY A 106 32.91 25.84 34.72
C GLY A 106 34.30 25.56 35.25
N PRO A 107 34.37 25.08 36.50
CA PRO A 107 35.65 24.76 37.14
C PRO A 107 36.32 23.54 36.53
N SER A 108 37.60 23.35 36.87
CA SER A 108 38.35 22.21 36.35
C SER A 108 38.22 21.00 37.27
N SER A 109 38.64 19.84 36.78
CA SER A 109 38.57 18.61 37.56
C SER A 109 39.93 18.24 38.13
N GLY A 110 39.94 17.32 39.08
CA GLY A 110 41.19 16.89 39.69
C GLY A 110 40.99 15.80 40.72
N GLY A 1 48.09 -15.61 5.92
CA GLY A 1 46.79 -15.40 5.29
C GLY A 1 45.79 -14.78 6.23
N SER A 2 44.62 -14.42 5.70
CA SER A 2 43.57 -13.80 6.50
C SER A 2 42.28 -13.67 5.70
N SER A 3 41.21 -13.27 6.37
CA SER A 3 39.91 -13.11 5.73
C SER A 3 38.90 -12.47 6.68
N GLY A 4 37.70 -12.21 6.18
CA GLY A 4 36.68 -11.60 6.98
C GLY A 4 35.37 -11.42 6.24
N SER A 5 34.30 -11.14 6.96
CA SER A 5 32.98 -10.93 6.36
C SER A 5 31.96 -10.50 7.40
N SER A 6 30.74 -10.23 6.95
CA SER A 6 29.67 -9.80 7.84
C SER A 6 28.32 -9.87 7.14
N GLY A 7 27.25 -9.67 7.91
CA GLY A 7 25.92 -9.71 7.34
C GLY A 7 24.87 -9.15 8.29
N ASP A 8 23.62 -9.13 7.84
CA ASP A 8 22.53 -8.61 8.66
C ASP A 8 21.23 -9.39 8.38
N LYS A 9 20.56 -9.80 9.45
CA LYS A 9 19.32 -10.55 9.32
C LYS A 9 18.11 -9.62 9.44
N LEU A 10 17.08 -9.89 8.66
CA LEU A 10 15.86 -9.08 8.67
C LEU A 10 14.64 -9.94 8.33
N TYR A 11 13.46 -9.34 8.50
CA TYR A 11 12.21 -10.04 8.21
C TYR A 11 11.50 -9.41 7.02
N PRO A 12 11.67 -10.02 5.83
CA PRO A 12 11.05 -9.54 4.59
C PRO A 12 9.54 -9.74 4.59
N CYS A 13 8.82 -8.73 4.11
CA CYS A 13 7.36 -8.80 4.04
C CYS A 13 6.90 -9.22 2.65
N GLN A 14 5.66 -9.72 2.57
CA GLN A 14 5.11 -10.16 1.30
C GLN A 14 5.27 -9.10 0.22
N CYS A 15 5.03 -7.84 0.59
CA CYS A 15 5.16 -6.73 -0.34
C CYS A 15 6.59 -6.64 -0.89
N GLY A 16 7.56 -6.96 -0.04
CA GLY A 16 8.94 -6.91 -0.45
C GLY A 16 9.82 -6.19 0.55
N LYS A 17 9.20 -5.38 1.41
CA LYS A 17 9.93 -4.63 2.43
C LYS A 17 10.61 -5.57 3.41
N SER A 18 11.24 -4.99 4.43
CA SER A 18 11.93 -5.78 5.44
C SER A 18 11.96 -5.04 6.78
N PHE A 19 11.50 -5.72 7.84
CA PHE A 19 11.46 -5.13 9.17
C PHE A 19 12.40 -5.89 10.12
N THR A 20 12.82 -5.21 11.18
CA THR A 20 13.71 -5.80 12.17
C THR A 20 12.93 -6.63 13.18
N HIS A 21 11.63 -6.37 13.29
CA HIS A 21 10.78 -7.10 14.22
C HIS A 21 9.62 -7.77 13.49
N LYS A 22 9.38 -9.04 13.82
CA LYS A 22 8.31 -9.80 13.20
C LYS A 22 6.95 -9.16 13.47
N SER A 23 6.83 -8.54 14.63
CA SER A 23 5.59 -7.88 15.02
C SER A 23 5.25 -6.75 14.06
N GLN A 24 6.28 -6.19 13.43
CA GLN A 24 6.09 -5.09 12.49
C GLN A 24 5.92 -5.62 11.07
N ARG A 25 6.60 -6.71 10.75
CA ARG A 25 6.52 -7.32 9.43
C ARG A 25 5.21 -8.07 9.26
N ASP A 26 4.72 -8.66 10.35
CA ASP A 26 3.47 -9.41 10.32
C ASP A 26 2.27 -8.49 10.14
N ARG A 27 2.20 -7.45 10.98
CA ARG A 27 1.11 -6.49 10.90
C ARG A 27 0.98 -5.92 9.49
N HIS A 28 2.11 -5.76 8.82
CA HIS A 28 2.13 -5.22 7.47
C HIS A 28 1.66 -6.26 6.45
N MET A 29 1.84 -7.54 6.81
CA MET A 29 1.44 -8.63 5.93
C MET A 29 -0.08 -8.74 5.87
N SER A 30 -0.72 -8.82 7.03
CA SER A 30 -2.17 -8.93 7.10
C SER A 30 -2.84 -7.93 6.16
N MET A 31 -2.32 -6.71 6.15
CA MET A 31 -2.87 -5.65 5.30
C MET A 31 -3.05 -6.16 3.86
N HIS A 32 -2.02 -6.80 3.33
CA HIS A 32 -2.07 -7.33 1.97
C HIS A 32 -3.20 -8.35 1.83
N LEU A 33 -3.25 -9.30 2.76
CA LEU A 33 -4.28 -10.34 2.75
C LEU A 33 -5.67 -9.74 2.58
N GLY A 34 -6.67 -10.60 2.46
CA GLY A 34 -8.03 -10.12 2.30
C GLY A 34 -8.40 -9.89 0.84
N LEU A 35 -8.82 -10.95 0.17
CA LEU A 35 -9.20 -10.86 -1.25
C LEU A 35 -10.24 -11.91 -1.60
N ARG A 36 -10.71 -11.88 -2.84
CA ARG A 36 -11.71 -12.83 -3.31
C ARG A 36 -11.04 -14.04 -3.97
N PRO A 37 -11.64 -15.23 -3.79
CA PRO A 37 -11.12 -16.47 -4.37
C PRO A 37 -11.27 -16.52 -5.89
N TYR A 38 -12.24 -15.77 -6.40
CA TYR A 38 -12.49 -15.73 -7.83
C TYR A 38 -11.81 -14.52 -8.47
N GLY A 39 -10.88 -14.78 -9.37
CA GLY A 39 -10.17 -13.71 -10.04
C GLY A 39 -10.06 -13.93 -11.55
N CYS A 40 -10.40 -12.89 -12.31
CA CYS A 40 -10.34 -12.97 -13.77
C CYS A 40 -8.91 -12.87 -14.26
N GLY A 41 -8.35 -14.01 -14.67
CA GLY A 41 -6.98 -14.03 -15.16
C GLY A 41 -6.88 -13.57 -16.60
N VAL A 42 -7.72 -12.60 -16.98
CA VAL A 42 -7.71 -12.07 -18.33
C VAL A 42 -7.54 -10.56 -18.34
N CYS A 43 -8.25 -9.89 -17.44
CA CYS A 43 -8.19 -8.44 -17.33
C CYS A 43 -7.62 -8.01 -15.99
N GLY A 44 -7.98 -8.75 -14.94
CA GLY A 44 -7.50 -8.43 -13.61
C GLY A 44 -8.63 -8.08 -12.65
N LYS A 45 -9.79 -8.68 -12.88
CA LYS A 45 -10.95 -8.42 -12.02
C LYS A 45 -11.10 -9.52 -10.97
N LYS A 46 -12.13 -9.39 -10.13
CA LYS A 46 -12.39 -10.36 -9.08
C LYS A 46 -13.86 -10.35 -8.67
N PHE A 47 -14.30 -11.43 -8.03
CA PHE A 47 -15.68 -11.55 -7.59
C PHE A 47 -15.79 -12.45 -6.37
N LYS A 48 -16.84 -12.25 -5.57
CA LYS A 48 -17.06 -13.05 -4.37
C LYS A 48 -17.53 -14.45 -4.74
N MET A 49 -18.48 -14.53 -5.66
CA MET A 49 -19.02 -15.82 -6.10
C MET A 49 -18.58 -16.14 -7.52
N LYS A 50 -18.89 -17.35 -7.97
CA LYS A 50 -18.51 -17.78 -9.31
C LYS A 50 -19.50 -17.25 -10.34
N HIS A 51 -20.74 -17.05 -9.93
CA HIS A 51 -21.78 -16.53 -10.82
C HIS A 51 -21.57 -15.04 -11.09
N HIS A 52 -20.91 -14.36 -10.15
CA HIS A 52 -20.66 -12.93 -10.29
C HIS A 52 -19.53 -12.68 -11.29
N LEU A 53 -18.59 -13.62 -11.37
CA LEU A 53 -17.46 -13.50 -12.28
C LEU A 53 -17.85 -13.96 -13.69
N VAL A 54 -18.71 -14.96 -13.76
CA VAL A 54 -19.16 -15.48 -15.05
C VAL A 54 -19.74 -14.38 -15.93
N GLY A 55 -20.80 -13.74 -15.44
CA GLY A 55 -21.43 -12.67 -16.18
C GLY A 55 -20.42 -11.70 -16.76
N HIS A 56 -19.24 -11.65 -16.16
CA HIS A 56 -18.18 -10.75 -16.62
C HIS A 56 -17.23 -11.47 -17.57
N MET A 57 -16.92 -12.73 -17.25
CA MET A 57 -16.02 -13.53 -18.08
C MET A 57 -16.51 -13.57 -19.53
N LYS A 58 -17.82 -13.44 -19.71
CA LYS A 58 -18.41 -13.47 -21.04
C LYS A 58 -17.77 -12.42 -21.94
N ILE A 59 -17.26 -11.36 -21.33
CA ILE A 59 -16.62 -10.28 -22.08
C ILE A 59 -15.28 -10.74 -22.66
N HIS A 60 -14.74 -11.83 -22.12
CA HIS A 60 -13.48 -12.36 -22.59
C HIS A 60 -13.68 -13.66 -23.36
N THR A 61 -14.93 -13.94 -23.71
CA THR A 61 -15.27 -15.15 -24.46
C THR A 61 -15.92 -14.82 -25.79
N GLY A 62 -15.22 -15.12 -26.88
CA GLY A 62 -15.77 -14.84 -28.20
C GLY A 62 -16.08 -16.11 -28.98
N ILE A 63 -15.73 -16.11 -30.26
CA ILE A 63 -15.98 -17.27 -31.11
C ILE A 63 -14.82 -18.26 -31.06
N LYS A 64 -15.16 -19.54 -30.96
CA LYS A 64 -14.14 -20.59 -30.90
C LYS A 64 -14.24 -21.51 -32.11
N PRO A 65 -13.53 -21.14 -33.20
CA PRO A 65 -13.52 -21.92 -34.43
C PRO A 65 -12.78 -23.24 -34.28
N TYR A 66 -11.63 -23.19 -33.62
CA TYR A 66 -10.82 -24.38 -33.41
C TYR A 66 -10.55 -24.60 -31.91
N GLU A 67 -10.42 -25.87 -31.53
CA GLU A 67 -10.15 -26.20 -30.12
C GLU A 67 -9.30 -27.46 -30.03
N CYS A 68 -8.48 -27.53 -28.98
CA CYS A 68 -7.61 -28.68 -28.76
C CYS A 68 -8.41 -29.91 -28.36
N ASN A 69 -7.74 -31.05 -28.25
CA ASN A 69 -8.40 -32.29 -27.88
C ASN A 69 -7.97 -32.72 -26.47
N ILE A 70 -6.71 -32.44 -26.13
CA ILE A 70 -6.19 -32.80 -24.81
C ILE A 70 -6.65 -31.81 -23.75
N CYS A 71 -6.22 -30.56 -23.90
CA CYS A 71 -6.60 -29.51 -22.95
C CYS A 71 -7.89 -28.82 -23.37
N ALA A 72 -8.30 -29.06 -24.62
CA ALA A 72 -9.53 -28.48 -25.14
C ALA A 72 -9.43 -26.96 -25.21
N LYS A 73 -8.20 -26.46 -25.34
CA LYS A 73 -7.97 -25.02 -25.41
C LYS A 73 -8.64 -24.42 -26.65
N ARG A 74 -8.83 -23.11 -26.63
CA ARG A 74 -9.47 -22.41 -27.75
C ARG A 74 -8.46 -21.50 -28.45
N PHE A 75 -8.46 -21.56 -29.78
CA PHE A 75 -7.55 -20.74 -30.58
C PHE A 75 -8.29 -20.07 -31.73
N MET A 76 -7.99 -18.80 -31.97
CA MET A 76 -8.63 -18.05 -33.05
C MET A 76 -7.96 -18.34 -34.38
N TRP A 77 -6.63 -18.38 -34.38
CA TRP A 77 -5.86 -18.65 -35.59
C TRP A 77 -5.88 -20.13 -35.92
N ARG A 78 -5.41 -20.48 -37.11
CA ARG A 78 -5.36 -21.87 -37.56
C ARG A 78 -3.96 -22.46 -37.36
N ASP A 79 -2.95 -21.73 -37.81
CA ASP A 79 -1.57 -22.18 -37.70
C ASP A 79 -1.22 -22.47 -36.25
N SER A 80 -1.54 -21.53 -35.36
CA SER A 80 -1.25 -21.70 -33.94
C SER A 80 -1.99 -22.89 -33.37
N PHE A 81 -3.25 -23.07 -33.78
CA PHE A 81 -4.05 -24.18 -33.31
C PHE A 81 -3.37 -25.52 -33.59
N HIS A 82 -3.16 -25.80 -34.86
CA HIS A 82 -2.51 -27.05 -35.27
C HIS A 82 -1.13 -27.17 -34.62
N ARG A 83 -0.34 -26.10 -34.71
CA ARG A 83 1.00 -26.09 -34.14
C ARG A 83 0.98 -26.53 -32.68
N HIS A 84 0.13 -25.88 -31.88
CA HIS A 84 0.01 -26.21 -30.47
C HIS A 84 -0.51 -27.63 -30.28
N VAL A 85 -1.69 -27.90 -30.82
CA VAL A 85 -2.31 -29.22 -30.72
C VAL A 85 -1.29 -30.32 -31.01
N THR A 86 -0.42 -30.06 -31.99
CA THR A 86 0.59 -31.04 -32.37
C THR A 86 1.50 -31.39 -31.20
N SER A 87 2.08 -30.36 -30.59
CA SER A 87 2.97 -30.56 -29.45
C SER A 87 2.18 -30.93 -28.20
N CYS A 88 0.90 -30.60 -28.20
CA CYS A 88 0.03 -30.89 -27.07
C CYS A 88 -0.30 -32.38 -27.01
N THR A 89 -0.01 -33.08 -28.09
CA THR A 89 -0.27 -34.52 -28.17
C THR A 89 0.92 -35.33 -27.65
N LYS A 90 2.11 -34.95 -28.08
CA LYS A 90 3.33 -35.63 -27.65
C LYS A 90 3.27 -35.97 -26.15
N SER A 91 2.80 -35.01 -25.36
CA SER A 91 2.71 -35.19 -23.92
C SER A 91 1.63 -36.22 -23.58
N TYR A 92 0.52 -36.18 -24.31
CA TYR A 92 -0.57 -37.11 -24.08
C TYR A 92 -0.14 -38.54 -24.37
N GLU A 93 0.49 -38.76 -25.52
CA GLU A 93 0.95 -40.08 -25.91
C GLU A 93 1.82 -40.69 -24.82
N ALA A 94 2.60 -39.86 -24.14
CA ALA A 94 3.47 -40.32 -23.07
C ALA A 94 2.66 -40.77 -21.86
N ALA A 95 1.50 -40.15 -21.66
CA ALA A 95 0.63 -40.49 -20.54
C ALA A 95 -0.10 -41.80 -20.79
N LYS A 96 -0.87 -41.86 -21.88
CA LYS A 96 -1.62 -43.05 -22.23
C LYS A 96 -0.71 -44.27 -22.27
N ALA A 97 -1.27 -45.41 -22.67
CA ALA A 97 -0.50 -46.65 -22.76
C ALA A 97 -0.49 -47.18 -24.18
N GLU A 98 0.40 -46.64 -25.01
CA GLU A 98 0.52 -47.07 -26.39
C GLU A 98 0.40 -48.59 -26.51
N GLN A 99 0.98 -49.30 -25.55
CA GLN A 99 0.94 -50.75 -25.54
C GLN A 99 0.13 -51.27 -24.36
N ASN A 100 -1.18 -51.36 -24.55
CA ASN A 100 -2.06 -51.84 -23.49
C ASN A 100 -3.44 -52.20 -24.06
N THR A 101 -4.02 -53.29 -23.55
CA THR A 101 -5.32 -53.74 -24.01
C THR A 101 -6.33 -52.59 -24.03
N THR A 102 -7.11 -52.53 -25.09
CA THR A 102 -8.12 -51.48 -25.23
C THR A 102 -9.45 -51.91 -24.64
N GLU A 103 -10.19 -50.96 -24.07
CA GLU A 103 -11.49 -51.24 -23.47
C GLU A 103 -12.36 -50.00 -23.46
N ALA A 104 -13.65 -50.18 -23.69
CA ALA A 104 -14.60 -49.07 -23.69
C ALA A 104 -16.02 -49.56 -23.45
N SER A 105 -16.95 -48.62 -23.36
CA SER A 105 -18.36 -48.96 -23.12
C SER A 105 -19.27 -47.89 -23.70
N GLY A 106 -20.37 -48.33 -24.32
CA GLY A 106 -21.32 -47.39 -24.91
C GLY A 106 -22.57 -47.21 -24.06
N PRO A 107 -22.97 -45.95 -23.86
CA PRO A 107 -24.16 -45.62 -23.06
C PRO A 107 -25.46 -46.04 -23.74
N SER A 108 -26.58 -45.82 -23.07
CA SER A 108 -27.88 -46.18 -23.62
C SER A 108 -28.86 -45.01 -23.48
N SER A 109 -29.85 -44.96 -24.36
CA SER A 109 -30.85 -43.90 -24.33
C SER A 109 -32.26 -44.49 -24.42
N GLY A 110 -33.25 -43.64 -24.23
CA GLY A 110 -34.64 -44.08 -24.29
C GLY A 110 -35.51 -43.15 -25.10
N GLY A 1 42.39 5.22 19.95
CA GLY A 1 41.22 5.02 19.10
C GLY A 1 40.57 3.68 19.33
N SER A 2 39.44 3.45 18.66
CA SER A 2 38.71 2.19 18.81
C SER A 2 37.53 2.14 17.83
N SER A 3 36.86 0.99 17.78
CA SER A 3 35.72 0.81 16.90
C SER A 3 34.85 -0.36 17.36
N GLY A 4 33.76 -0.59 16.65
CA GLY A 4 32.87 -1.68 17.00
C GLY A 4 32.03 -2.15 15.83
N SER A 5 31.26 -3.21 16.04
CA SER A 5 30.41 -3.77 14.99
C SER A 5 29.35 -4.69 15.58
N SER A 6 28.40 -5.10 14.74
CA SER A 6 27.33 -5.98 15.17
C SER A 6 26.46 -6.40 14.00
N GLY A 7 26.06 -7.67 13.97
CA GLY A 7 25.23 -8.16 12.89
C GLY A 7 23.84 -7.55 12.91
N ASP A 8 23.01 -7.95 11.94
CA ASP A 8 21.66 -7.43 11.84
C ASP A 8 20.79 -8.33 10.96
N LYS A 9 19.56 -8.56 11.38
CA LYS A 9 18.62 -9.40 10.63
C LYS A 9 17.29 -8.70 10.44
N LEU A 10 16.57 -9.10 9.41
CA LEU A 10 15.27 -8.50 9.11
C LEU A 10 14.28 -9.57 8.65
N TYR A 11 13.01 -9.19 8.52
CA TYR A 11 11.97 -10.10 8.08
C TYR A 11 11.37 -9.66 6.75
N PRO A 12 11.48 -10.53 5.73
CA PRO A 12 10.96 -10.26 4.40
C PRO A 12 9.43 -10.25 4.35
N CYS A 13 8.87 -9.13 3.90
CA CYS A 13 7.42 -8.99 3.81
C CYS A 13 6.92 -9.33 2.41
N GLN A 14 5.67 -9.74 2.31
CA GLN A 14 5.07 -10.09 1.03
C GLN A 14 5.33 -8.99 -0.01
N CYS A 15 5.05 -7.75 0.39
CA CYS A 15 5.26 -6.61 -0.51
C CYS A 15 6.71 -6.53 -0.97
N GLY A 16 7.62 -6.95 -0.10
CA GLY A 16 9.03 -6.93 -0.43
C GLY A 16 9.86 -6.21 0.61
N LYS A 17 9.22 -5.36 1.40
CA LYS A 17 9.90 -4.62 2.45
C LYS A 17 10.45 -5.55 3.51
N SER A 18 11.40 -5.04 4.30
CA SER A 18 12.02 -5.85 5.36
C SER A 18 12.05 -5.08 6.67
N PHE A 19 11.43 -5.64 7.70
CA PHE A 19 11.38 -5.01 9.01
C PHE A 19 12.39 -5.66 9.97
N THR A 20 12.64 -4.99 11.09
CA THR A 20 13.59 -5.50 12.08
C THR A 20 12.88 -6.36 13.12
N HIS A 21 11.59 -6.09 13.31
CA HIS A 21 10.79 -6.85 14.28
C HIS A 21 9.76 -7.73 13.58
N LYS A 22 9.57 -8.93 14.09
CA LYS A 22 8.61 -9.87 13.51
C LYS A 22 7.21 -9.29 13.54
N SER A 23 6.87 -8.61 14.63
CA SER A 23 5.55 -8.01 14.79
C SER A 23 5.27 -7.01 13.67
N GLN A 24 6.23 -6.11 13.43
CA GLN A 24 6.09 -5.11 12.39
C GLN A 24 5.80 -5.76 11.03
N ARG A 25 6.51 -6.84 10.75
CA ARG A 25 6.34 -7.56 9.48
C ARG A 25 5.00 -8.30 9.46
N ASP A 26 4.64 -8.89 10.59
CA ASP A 26 3.38 -9.62 10.69
C ASP A 26 2.20 -8.72 10.39
N ARG A 27 2.18 -7.53 11.01
CA ARG A 27 1.10 -6.58 10.81
C ARG A 27 1.07 -6.09 9.35
N HIS A 28 2.24 -5.85 8.79
CA HIS A 28 2.35 -5.38 7.41
C HIS A 28 1.96 -6.49 6.43
N MET A 29 1.99 -7.74 6.91
CA MET A 29 1.63 -8.88 6.08
C MET A 29 0.14 -8.92 5.81
N SER A 30 -0.65 -9.00 6.89
CA SER A 30 -2.10 -9.05 6.77
C SER A 30 -2.61 -7.87 5.97
N MET A 31 -2.03 -6.70 6.20
CA MET A 31 -2.44 -5.48 5.51
C MET A 31 -2.61 -5.74 4.01
N HIS A 32 -1.92 -6.76 3.51
CA HIS A 32 -1.98 -7.12 2.10
C HIS A 32 -3.16 -8.05 1.83
N LEU A 33 -3.48 -8.90 2.81
CA LEU A 33 -4.58 -9.83 2.68
C LEU A 33 -5.72 -9.48 3.63
N GLY A 34 -5.77 -8.20 4.04
CA GLY A 34 -6.81 -7.76 4.94
C GLY A 34 -7.93 -7.03 4.23
N LEU A 35 -8.68 -6.23 4.97
CA LEU A 35 -9.80 -5.48 4.39
C LEU A 35 -9.51 -3.98 4.41
N ARG A 36 -10.16 -3.25 3.52
CA ARG A 36 -9.97 -1.81 3.44
C ARG A 36 -11.32 -1.08 3.42
N PRO A 37 -11.46 -0.08 4.29
CA PRO A 37 -12.70 0.71 4.39
C PRO A 37 -12.90 1.61 3.16
N TYR A 38 -11.85 1.82 2.40
CA TYR A 38 -11.92 2.66 1.20
C TYR A 38 -11.82 1.81 -0.06
N GLY A 39 -12.63 2.15 -1.06
CA GLY A 39 -12.61 1.41 -2.31
C GLY A 39 -12.87 2.30 -3.50
N CYS A 40 -12.09 2.11 -4.57
CA CYS A 40 -12.25 2.90 -5.78
C CYS A 40 -13.37 2.35 -6.65
N GLY A 41 -14.50 3.06 -6.67
CA GLY A 41 -15.63 2.61 -7.46
C GLY A 41 -15.50 2.99 -8.92
N VAL A 42 -14.28 2.88 -9.44
CA VAL A 42 -14.01 3.21 -10.84
C VAL A 42 -13.25 2.09 -11.53
N CYS A 43 -12.22 1.59 -10.87
CA CYS A 43 -11.40 0.51 -11.42
C CYS A 43 -11.56 -0.77 -10.59
N GLY A 44 -11.71 -0.60 -9.29
CA GLY A 44 -11.87 -1.74 -8.41
C GLY A 44 -10.72 -1.89 -7.43
N LYS A 45 -10.13 -0.77 -7.05
CA LYS A 45 -9.01 -0.77 -6.11
C LYS A 45 -9.49 -0.51 -4.69
N LYS A 46 -8.56 -0.46 -3.75
CA LYS A 46 -8.89 -0.21 -2.35
C LYS A 46 -7.69 0.38 -1.60
N PHE A 47 -7.95 0.94 -0.43
CA PHE A 47 -6.90 1.54 0.39
C PHE A 47 -7.31 1.58 1.85
N LYS A 48 -6.32 1.55 2.74
CA LYS A 48 -6.57 1.59 4.18
C LYS A 48 -6.89 3.01 4.62
N MET A 49 -6.12 3.97 4.14
CA MET A 49 -6.32 5.38 4.49
C MET A 49 -7.10 6.10 3.40
N LYS A 50 -7.84 7.14 3.80
CA LYS A 50 -8.63 7.92 2.86
C LYS A 50 -7.72 8.66 1.88
N HIS A 51 -6.55 9.08 2.35
CA HIS A 51 -5.60 9.80 1.52
C HIS A 51 -4.86 8.85 0.58
N HIS A 52 -4.75 7.59 0.99
CA HIS A 52 -4.08 6.58 0.19
C HIS A 52 -4.85 6.29 -1.09
N LEU A 53 -6.16 6.52 -1.04
CA LEU A 53 -7.02 6.28 -2.20
C LEU A 53 -7.00 7.48 -3.14
N VAL A 54 -7.00 8.68 -2.57
CA VAL A 54 -6.99 9.91 -3.36
C VAL A 54 -5.83 9.91 -4.36
N GLY A 55 -4.61 9.81 -3.84
CA GLY A 55 -3.45 9.80 -4.70
C GLY A 55 -3.62 8.91 -5.90
N HIS A 56 -4.50 7.92 -5.79
CA HIS A 56 -4.77 6.99 -6.88
C HIS A 56 -5.96 7.46 -7.72
N MET A 57 -7.02 7.88 -7.06
CA MET A 57 -8.21 8.35 -7.74
C MET A 57 -7.86 9.39 -8.80
N LYS A 58 -6.78 10.13 -8.56
CA LYS A 58 -6.33 11.16 -9.50
C LYS A 58 -6.14 10.57 -10.89
N ILE A 59 -5.82 9.28 -10.95
CA ILE A 59 -5.61 8.60 -12.23
C ILE A 59 -6.91 8.56 -13.04
N HIS A 60 -8.04 8.57 -12.34
CA HIS A 60 -9.34 8.54 -13.01
C HIS A 60 -9.89 9.95 -13.20
N THR A 61 -9.99 10.69 -12.11
CA THR A 61 -10.50 12.06 -12.17
C THR A 61 -9.55 12.97 -12.93
N GLY A 62 -10.11 13.94 -13.65
CA GLY A 62 -9.29 14.86 -14.42
C GLY A 62 -8.46 14.16 -15.48
N ILE A 63 -8.28 14.81 -16.61
CA ILE A 63 -7.49 14.25 -17.70
C ILE A 63 -6.06 14.78 -17.68
N LYS A 64 -5.10 13.86 -17.67
CA LYS A 64 -3.68 14.23 -17.66
C LYS A 64 -3.06 14.04 -19.03
N PRO A 65 -2.80 15.15 -19.73
CA PRO A 65 -2.20 15.12 -21.07
C PRO A 65 -0.73 14.70 -21.03
N TYR A 66 -0.12 14.80 -19.86
CA TYR A 66 1.28 14.41 -19.69
C TYR A 66 1.61 14.17 -18.22
N GLU A 67 2.46 13.18 -17.97
CA GLU A 67 2.86 12.84 -16.61
C GLU A 67 4.30 12.34 -16.57
N CYS A 68 5.12 12.99 -15.76
CA CYS A 68 6.52 12.60 -15.62
C CYS A 68 6.65 11.11 -15.34
N ASN A 69 7.88 10.60 -15.41
CA ASN A 69 8.15 9.19 -15.16
C ASN A 69 8.90 9.00 -13.86
N ILE A 70 9.74 9.97 -13.51
CA ILE A 70 10.53 9.91 -12.29
C ILE A 70 9.67 10.25 -11.07
N CYS A 71 9.23 11.51 -11.00
CA CYS A 71 8.40 11.97 -9.89
C CYS A 71 6.94 11.67 -10.15
N ALA A 72 6.62 11.32 -11.40
CA ALA A 72 5.25 11.01 -11.78
C ALA A 72 4.33 12.22 -11.60
N LYS A 73 4.89 13.40 -11.84
CA LYS A 73 4.13 14.64 -11.71
C LYS A 73 3.19 14.83 -12.90
N ARG A 74 2.18 15.66 -12.71
CA ARG A 74 1.20 15.92 -13.77
C ARG A 74 1.34 17.36 -14.30
N PHE A 75 1.19 17.51 -15.61
CA PHE A 75 1.30 18.82 -16.24
C PHE A 75 0.15 19.05 -17.22
N MET A 76 -0.18 20.31 -17.45
CA MET A 76 -1.26 20.67 -18.36
C MET A 76 -0.71 20.97 -19.75
N TRP A 77 0.33 21.79 -19.81
CA TRP A 77 0.94 22.16 -21.08
C TRP A 77 2.09 21.21 -21.43
N ARG A 78 2.18 20.85 -22.71
CA ARG A 78 3.22 19.94 -23.18
C ARG A 78 4.60 20.59 -23.05
N ASP A 79 4.71 21.83 -23.51
CA ASP A 79 5.97 22.56 -23.45
C ASP A 79 6.60 22.46 -22.06
N SER A 80 5.80 22.78 -21.04
CA SER A 80 6.27 22.72 -19.66
C SER A 80 6.61 21.29 -19.25
N PHE A 81 5.81 20.35 -19.74
CA PHE A 81 6.02 18.94 -19.42
C PHE A 81 7.42 18.49 -19.84
N HIS A 82 7.70 18.57 -21.14
CA HIS A 82 8.99 18.18 -21.67
C HIS A 82 10.12 18.98 -21.02
N ARG A 83 9.91 20.28 -20.90
CA ARG A 83 10.91 21.16 -20.29
C ARG A 83 11.33 20.64 -18.92
N HIS A 84 10.36 20.17 -18.15
CA HIS A 84 10.64 19.64 -16.81
C HIS A 84 11.20 18.22 -16.90
N VAL A 85 10.45 17.33 -17.53
CA VAL A 85 10.87 15.94 -17.69
C VAL A 85 12.33 15.86 -18.13
N THR A 86 12.70 16.72 -19.07
CA THR A 86 14.07 16.74 -19.58
C THR A 86 15.09 16.78 -18.45
N SER A 87 14.95 17.78 -17.58
CA SER A 87 15.86 17.94 -16.46
C SER A 87 15.60 16.88 -15.39
N CYS A 88 14.34 16.78 -14.96
CA CYS A 88 13.96 15.81 -13.94
C CYS A 88 14.70 14.49 -14.14
N THR A 89 14.96 14.15 -15.40
CA THR A 89 15.67 12.92 -15.72
C THR A 89 17.17 13.10 -15.62
N LYS A 90 17.66 14.25 -16.09
CA LYS A 90 19.08 14.55 -16.05
C LYS A 90 19.71 14.02 -14.76
N SER A 91 19.05 14.28 -13.63
CA SER A 91 19.55 13.84 -12.34
C SER A 91 19.29 12.35 -12.13
N TYR A 92 18.08 11.93 -12.47
CA TYR A 92 17.69 10.53 -12.33
C TYR A 92 18.72 9.61 -12.96
N GLU A 93 19.03 9.87 -14.23
CA GLU A 93 20.01 9.07 -14.97
C GLU A 93 21.17 8.67 -14.06
N ALA A 94 21.64 9.62 -13.26
CA ALA A 94 22.75 9.38 -12.35
C ALA A 94 22.38 8.34 -11.30
N ALA A 95 21.18 8.47 -10.75
CA ALA A 95 20.71 7.53 -9.73
C ALA A 95 20.47 6.15 -10.32
N LYS A 96 19.84 6.11 -11.48
CA LYS A 96 19.56 4.83 -12.16
C LYS A 96 20.69 3.84 -11.92
N ALA A 97 21.92 4.31 -12.05
CA ALA A 97 23.09 3.45 -11.85
C ALA A 97 23.21 2.41 -12.96
N GLU A 98 23.03 2.86 -14.20
CA GLU A 98 23.12 1.95 -15.35
C GLU A 98 22.36 0.66 -15.08
N GLN A 99 21.30 0.75 -14.29
CA GLN A 99 20.49 -0.41 -13.95
C GLN A 99 21.30 -1.41 -13.12
N ASN A 100 22.03 -0.90 -12.13
CA ASN A 100 22.85 -1.75 -11.27
C ASN A 100 22.05 -2.22 -10.05
N THR A 101 21.17 -3.19 -10.26
CA THR A 101 20.35 -3.72 -9.18
C THR A 101 19.66 -5.02 -9.60
N THR A 102 19.29 -5.83 -8.62
CA THR A 102 18.62 -7.10 -8.89
C THR A 102 17.54 -6.94 -9.96
N GLU A 103 17.84 -7.44 -11.16
CA GLU A 103 16.90 -7.35 -12.27
C GLU A 103 16.06 -8.62 -12.37
N ALA A 104 14.82 -8.47 -12.81
CA ALA A 104 13.91 -9.60 -12.96
C ALA A 104 13.73 -10.34 -11.63
N SER A 105 13.58 -9.57 -10.55
CA SER A 105 13.40 -10.15 -9.22
C SER A 105 11.96 -9.97 -8.74
N GLY A 106 11.14 -10.98 -9.00
CA GLY A 106 9.74 -10.92 -8.59
C GLY A 106 8.97 -12.16 -8.98
N PRO A 107 7.64 -12.12 -8.75
CA PRO A 107 6.75 -13.25 -9.09
C PRO A 107 6.60 -13.44 -10.59
N SER A 108 6.03 -14.58 -10.97
CA SER A 108 5.83 -14.88 -12.39
C SER A 108 4.85 -16.04 -12.55
N SER A 109 4.62 -16.44 -13.80
CA SER A 109 3.70 -17.53 -14.10
C SER A 109 2.30 -17.22 -13.57
N GLY A 110 1.85 -15.99 -13.79
CA GLY A 110 0.53 -15.59 -13.34
C GLY A 110 -0.58 -16.08 -14.25
N GLY A 1 37.42 7.06 26.32
CA GLY A 1 37.12 6.48 25.03
C GLY A 1 35.80 5.75 25.02
N SER A 2 35.46 5.16 23.87
CA SER A 2 34.21 4.43 23.73
C SER A 2 34.13 3.74 22.37
N SER A 3 33.16 2.85 22.22
CA SER A 3 32.97 2.12 20.98
C SER A 3 31.63 1.41 20.95
N GLY A 4 31.33 0.73 19.84
CA GLY A 4 30.08 0.02 19.71
C GLY A 4 29.98 -0.74 18.40
N SER A 5 29.38 -1.93 18.45
CA SER A 5 29.23 -2.75 17.27
C SER A 5 28.34 -3.96 17.54
N SER A 6 27.57 -4.38 16.54
CA SER A 6 26.68 -5.51 16.69
C SER A 6 26.00 -5.86 15.36
N GLY A 7 25.52 -7.09 15.25
CA GLY A 7 24.87 -7.52 14.03
C GLY A 7 23.48 -6.93 13.88
N ASP A 8 22.75 -7.40 12.86
CA ASP A 8 21.40 -6.91 12.61
C ASP A 8 20.64 -7.88 11.70
N LYS A 9 19.38 -8.11 12.03
CA LYS A 9 18.55 -9.01 11.24
C LYS A 9 17.20 -8.37 10.92
N LEU A 10 16.58 -8.82 9.83
CA LEU A 10 15.29 -8.28 9.41
C LEU A 10 14.36 -9.38 8.94
N TYR A 11 13.12 -9.03 8.65
CA TYR A 11 12.13 -10.00 8.19
C TYR A 11 11.56 -9.60 6.84
N PRO A 12 11.70 -10.47 5.84
CA PRO A 12 11.21 -10.23 4.49
C PRO A 12 9.68 -10.27 4.42
N CYS A 13 9.09 -9.18 3.94
CA CYS A 13 7.64 -9.09 3.82
C CYS A 13 7.19 -9.48 2.42
N GLN A 14 5.92 -9.88 2.29
CA GLN A 14 5.36 -10.28 1.01
C GLN A 14 5.54 -9.18 -0.03
N CYS A 15 5.31 -7.94 0.39
CA CYS A 15 5.45 -6.80 -0.51
C CYS A 15 6.89 -6.65 -0.98
N GLY A 16 7.83 -7.13 -0.18
CA GLY A 16 9.23 -7.04 -0.53
C GLY A 16 10.05 -6.27 0.50
N LYS A 17 9.37 -5.50 1.34
CA LYS A 17 10.03 -4.72 2.37
C LYS A 17 10.67 -5.62 3.42
N SER A 18 11.35 -5.02 4.39
CA SER A 18 12.01 -5.77 5.44
C SER A 18 11.93 -5.03 6.77
N PHE A 19 11.32 -5.67 7.77
CA PHE A 19 11.18 -5.06 9.08
C PHE A 19 12.17 -5.68 10.07
N THR A 20 12.70 -4.85 10.97
CA THR A 20 13.66 -5.30 11.96
C THR A 20 13.01 -6.25 12.96
N HIS A 21 11.69 -6.14 13.10
CA HIS A 21 10.94 -6.98 14.03
C HIS A 21 9.92 -7.83 13.28
N LYS A 22 9.64 -9.02 13.81
CA LYS A 22 8.68 -9.92 13.20
C LYS A 22 7.27 -9.34 13.24
N SER A 23 6.92 -8.76 14.39
CA SER A 23 5.60 -8.16 14.56
C SER A 23 5.33 -7.11 13.48
N GLN A 24 6.26 -6.15 13.37
CA GLN A 24 6.12 -5.08 12.39
C GLN A 24 5.89 -5.65 10.99
N ARG A 25 6.52 -6.78 10.70
CA ARG A 25 6.38 -7.43 9.40
C ARG A 25 5.05 -8.19 9.31
N ASP A 26 4.64 -8.77 10.42
CA ASP A 26 3.39 -9.52 10.46
C ASP A 26 2.19 -8.61 10.20
N ARG A 27 2.11 -7.52 10.95
CA ARG A 27 1.01 -6.57 10.80
C ARG A 27 0.92 -6.08 9.36
N HIS A 28 2.07 -6.02 8.67
CA HIS A 28 2.11 -5.56 7.29
C HIS A 28 1.65 -6.67 6.34
N MET A 29 1.67 -7.91 6.83
CA MET A 29 1.26 -9.05 6.02
C MET A 29 -0.26 -9.25 6.10
N SER A 30 -0.82 -9.00 7.27
CA SER A 30 -2.26 -9.15 7.47
C SER A 30 -3.03 -8.06 6.74
N MET A 31 -2.39 -6.89 6.60
CA MET A 31 -3.02 -5.76 5.92
C MET A 31 -3.03 -5.97 4.41
N HIS A 32 -2.00 -6.67 3.91
CA HIS A 32 -1.88 -6.94 2.48
C HIS A 32 -3.15 -7.60 1.95
N LEU A 33 -3.67 -8.57 2.70
CA LEU A 33 -4.87 -9.28 2.30
C LEU A 33 -6.11 -8.41 2.49
N GLY A 34 -6.24 -7.39 1.63
CA GLY A 34 -7.38 -6.50 1.71
C GLY A 34 -6.97 -5.05 1.91
N LEU A 35 -7.93 -4.21 2.24
CA LEU A 35 -7.67 -2.79 2.47
C LEU A 35 -6.77 -2.22 1.37
N ARG A 36 -7.17 -2.41 0.12
CA ARG A 36 -6.41 -1.93 -1.02
C ARG A 36 -5.92 -0.50 -0.77
N PRO A 37 -4.60 -0.34 -0.65
CA PRO A 37 -3.98 0.98 -0.41
C PRO A 37 -4.08 1.89 -1.63
N TYR A 38 -4.29 1.29 -2.80
CA TYR A 38 -4.41 2.05 -4.03
C TYR A 38 -5.87 2.36 -4.36
N GLY A 39 -6.23 3.64 -4.25
CA GLY A 39 -7.59 4.05 -4.53
C GLY A 39 -7.67 5.19 -5.52
N CYS A 40 -8.61 5.10 -6.45
CA CYS A 40 -8.78 6.14 -7.46
C CYS A 40 -9.57 7.32 -6.91
N GLY A 41 -8.87 8.41 -6.62
CA GLY A 41 -9.52 9.59 -6.09
C GLY A 41 -10.17 10.43 -7.17
N VAL A 42 -10.69 9.77 -8.19
CA VAL A 42 -11.35 10.46 -9.29
C VAL A 42 -12.77 9.95 -9.51
N CYS A 43 -12.93 8.63 -9.45
CA CYS A 43 -14.23 8.01 -9.64
C CYS A 43 -14.67 7.28 -8.36
N GLY A 44 -13.71 6.65 -7.69
CA GLY A 44 -14.02 5.94 -6.47
C GLY A 44 -13.68 4.45 -6.57
N LYS A 45 -12.66 4.14 -7.35
CA LYS A 45 -12.24 2.75 -7.54
C LYS A 45 -11.08 2.41 -6.61
N LYS A 46 -10.62 1.16 -6.68
CA LYS A 46 -9.52 0.71 -5.84
C LYS A 46 -8.86 -0.53 -6.44
N PHE A 47 -7.61 -0.78 -6.05
CA PHE A 47 -6.86 -1.92 -6.55
C PHE A 47 -5.79 -2.35 -5.56
N LYS A 48 -5.46 -3.63 -5.56
CA LYS A 48 -4.44 -4.17 -4.66
C LYS A 48 -3.05 -3.87 -5.20
N MET A 49 -2.86 -4.03 -6.50
CA MET A 49 -1.57 -3.77 -7.12
C MET A 49 -1.50 -2.35 -7.67
N LYS A 50 -0.30 -1.77 -7.66
CA LYS A 50 -0.09 -0.42 -8.15
C LYS A 50 -0.36 -0.33 -9.65
N HIS A 51 0.01 -1.39 -10.37
CA HIS A 51 -0.20 -1.43 -11.81
C HIS A 51 -1.67 -1.64 -12.15
N HIS A 52 -2.36 -2.41 -11.31
CA HIS A 52 -3.77 -2.69 -11.52
C HIS A 52 -4.59 -1.41 -11.50
N LEU A 53 -4.09 -0.40 -10.80
CA LEU A 53 -4.79 0.88 -10.70
C LEU A 53 -4.46 1.77 -11.91
N VAL A 54 -3.20 1.74 -12.33
CA VAL A 54 -2.76 2.53 -13.47
C VAL A 54 -3.63 2.27 -14.69
N GLY A 55 -3.63 1.02 -15.16
CA GLY A 55 -4.43 0.66 -16.31
C GLY A 55 -5.81 1.27 -16.27
N HIS A 56 -6.28 1.62 -15.08
CA HIS A 56 -7.60 2.21 -14.91
C HIS A 56 -7.51 3.74 -14.88
N MET A 57 -6.55 4.25 -14.12
CA MET A 57 -6.35 5.70 -14.01
C MET A 57 -6.22 6.33 -15.38
N LYS A 58 -5.77 5.54 -16.36
CA LYS A 58 -5.60 6.03 -17.72
C LYS A 58 -6.91 6.56 -18.29
N ILE A 59 -8.01 6.22 -17.61
CA ILE A 59 -9.34 6.66 -18.05
C ILE A 59 -9.63 8.08 -17.55
N HIS A 60 -8.87 8.53 -16.56
CA HIS A 60 -9.05 9.85 -16.00
C HIS A 60 -7.89 10.77 -16.40
N THR A 61 -6.67 10.26 -16.27
CA THR A 61 -5.48 11.03 -16.61
C THR A 61 -5.70 11.85 -17.88
N GLY A 62 -5.00 12.97 -17.98
CA GLY A 62 -5.14 13.84 -19.14
C GLY A 62 -3.83 14.00 -19.89
N ILE A 63 -3.93 14.17 -21.20
CA ILE A 63 -2.75 14.33 -22.05
C ILE A 63 -1.68 15.15 -21.33
N LYS A 64 -0.44 14.66 -21.38
CA LYS A 64 0.68 15.34 -20.74
C LYS A 64 1.49 16.13 -21.75
N PRO A 65 1.24 17.45 -21.79
CA PRO A 65 1.93 18.36 -22.71
C PRO A 65 3.41 18.54 -22.35
N TYR A 66 3.78 18.03 -21.18
CA TYR A 66 5.16 18.15 -20.71
C TYR A 66 5.81 16.77 -20.61
N GLU A 67 7.11 16.71 -20.91
CA GLU A 67 7.85 15.46 -20.86
C GLU A 67 9.34 15.71 -20.70
N CYS A 68 9.98 14.92 -19.84
CA CYS A 68 11.41 15.07 -19.59
C CYS A 68 12.22 14.78 -20.86
N ASN A 69 13.52 15.00 -20.80
CA ASN A 69 14.40 14.76 -21.93
C ASN A 69 15.31 13.56 -21.68
N ILE A 70 15.72 13.39 -20.43
CA ILE A 70 16.58 12.29 -20.06
C ILE A 70 15.80 10.99 -19.91
N CYS A 71 14.82 10.99 -19.01
CA CYS A 71 13.99 9.82 -18.78
C CYS A 71 12.73 9.86 -19.64
N ALA A 72 12.49 11.01 -20.27
CA ALA A 72 11.33 11.18 -21.12
C ALA A 72 10.03 11.01 -20.34
N LYS A 73 10.09 11.31 -19.04
CA LYS A 73 8.92 11.18 -18.18
C LYS A 73 7.76 12.01 -18.72
N ARG A 74 6.58 11.81 -18.13
CA ARG A 74 5.39 12.54 -18.55
C ARG A 74 4.74 13.25 -17.37
N PHE A 75 4.41 14.52 -17.56
CA PHE A 75 3.79 15.32 -16.50
C PHE A 75 2.65 16.17 -17.07
N MET A 76 1.67 16.46 -16.23
CA MET A 76 0.53 17.26 -16.64
C MET A 76 0.69 18.72 -16.21
N TRP A 77 1.39 18.92 -15.09
CA TRP A 77 1.62 20.26 -14.57
C TRP A 77 2.93 20.83 -15.10
N ARG A 78 2.99 22.15 -15.23
CA ARG A 78 4.19 22.81 -15.73
C ARG A 78 5.26 22.89 -14.64
N ASP A 79 4.89 23.41 -13.48
CA ASP A 79 5.81 23.54 -12.36
C ASP A 79 6.52 22.22 -12.09
N SER A 80 5.74 21.15 -12.03
CA SER A 80 6.28 19.82 -11.76
C SER A 80 7.23 19.40 -12.87
N PHE A 81 6.78 19.56 -14.12
CA PHE A 81 7.60 19.19 -15.27
C PHE A 81 9.01 19.75 -15.15
N HIS A 82 9.11 21.06 -14.93
CA HIS A 82 10.40 21.72 -14.79
C HIS A 82 11.04 21.37 -13.45
N ARG A 83 10.23 21.31 -12.40
CA ARG A 83 10.73 20.99 -11.07
C ARG A 83 11.48 19.66 -11.08
N HIS A 84 10.96 18.69 -11.81
CA HIS A 84 11.58 17.38 -11.89
C HIS A 84 12.77 17.40 -12.85
N VAL A 85 12.54 17.83 -14.08
CA VAL A 85 13.59 17.90 -15.09
C VAL A 85 14.82 18.62 -14.53
N THR A 86 14.59 19.80 -13.97
CA THR A 86 15.69 20.59 -13.40
C THR A 86 16.62 19.73 -12.57
N SER A 87 16.08 18.66 -11.99
CA SER A 87 16.86 17.76 -11.16
C SER A 87 17.28 16.53 -11.95
N CYS A 88 16.43 16.12 -12.90
CA CYS A 88 16.71 14.96 -13.73
C CYS A 88 17.93 15.20 -14.62
N THR A 89 18.37 16.45 -14.68
CA THR A 89 19.52 16.81 -15.49
C THR A 89 20.82 16.61 -14.73
N LYS A 90 20.89 17.16 -13.52
CA LYS A 90 22.07 17.04 -12.68
C LYS A 90 22.62 15.60 -12.71
N SER A 91 21.72 14.65 -12.54
CA SER A 91 22.10 13.23 -12.55
C SER A 91 22.76 12.86 -13.87
N TYR A 92 22.21 13.38 -14.96
CA TYR A 92 22.74 13.09 -16.29
C TYR A 92 24.14 13.69 -16.47
N GLU A 93 24.22 15.02 -16.36
CA GLU A 93 25.49 15.71 -16.51
C GLU A 93 26.60 14.97 -15.77
N ALA A 94 26.29 14.52 -14.56
CA ALA A 94 27.27 13.79 -13.75
C ALA A 94 28.03 12.77 -14.58
N ALA A 95 27.32 12.11 -15.49
CA ALA A 95 27.94 11.11 -16.35
C ALA A 95 28.78 11.76 -17.45
N LYS A 96 28.18 12.71 -18.15
CA LYS A 96 28.87 13.42 -19.22
C LYS A 96 30.35 13.60 -18.89
N ALA A 97 30.63 14.00 -17.66
CA ALA A 97 32.01 14.20 -17.21
C ALA A 97 32.80 15.01 -18.23
N GLU A 98 32.16 16.02 -18.81
CA GLU A 98 32.80 16.87 -19.80
C GLU A 98 33.94 17.67 -19.17
N GLN A 99 33.68 18.25 -18.01
CA GLN A 99 34.67 19.05 -17.30
C GLN A 99 35.63 18.15 -16.52
N ASN A 100 36.57 17.55 -17.24
CA ASN A 100 37.56 16.66 -16.62
C ASN A 100 38.77 16.49 -17.51
N THR A 101 39.95 16.84 -16.98
CA THR A 101 41.18 16.73 -17.73
C THR A 101 42.18 15.82 -17.02
N THR A 102 42.26 14.57 -17.46
CA THR A 102 43.16 13.60 -16.85
C THR A 102 44.62 14.02 -17.04
N GLU A 103 45.21 14.58 -15.99
CA GLU A 103 46.59 15.02 -16.04
C GLU A 103 47.49 14.13 -15.17
N ALA A 104 48.80 14.33 -15.27
CA ALA A 104 49.75 13.56 -14.50
C ALA A 104 50.49 14.44 -13.48
N SER A 105 50.33 14.12 -12.20
CA SER A 105 50.97 14.88 -11.14
C SER A 105 51.08 14.05 -9.87
N GLY A 106 52.01 14.43 -9.00
CA GLY A 106 52.19 13.71 -7.74
C GLY A 106 52.98 14.52 -6.73
N PRO A 107 52.83 14.15 -5.45
CA PRO A 107 53.52 14.83 -4.34
C PRO A 107 55.02 14.59 -4.35
N SER A 108 55.80 15.65 -4.18
CA SER A 108 57.25 15.55 -4.17
C SER A 108 57.87 16.69 -3.38
N SER A 109 58.77 16.35 -2.46
CA SER A 109 59.44 17.34 -1.63
C SER A 109 60.93 17.05 -1.52
N GLY A 110 61.67 18.01 -0.98
CA GLY A 110 63.10 17.83 -0.83
C GLY A 110 63.48 17.32 0.55
N GLY A 1 36.20 2.03 28.89
CA GLY A 1 35.10 1.39 28.18
C GLY A 1 35.55 0.20 27.38
N SER A 2 34.75 -0.87 27.42
CA SER A 2 35.08 -2.09 26.69
C SER A 2 33.93 -3.10 26.80
N SER A 3 34.13 -4.27 26.20
CA SER A 3 33.13 -5.32 26.23
C SER A 3 31.85 -4.87 25.51
N GLY A 4 32.01 -4.39 24.29
CA GLY A 4 30.87 -3.94 23.52
C GLY A 4 30.42 -4.95 22.49
N SER A 5 29.29 -4.67 21.83
CA SER A 5 28.75 -5.57 20.83
C SER A 5 27.68 -4.88 19.99
N SER A 6 27.19 -5.56 18.97
CA SER A 6 26.16 -5.01 18.09
C SER A 6 25.42 -6.11 17.37
N GLY A 7 24.44 -5.73 16.54
CA GLY A 7 23.66 -6.70 15.80
C GLY A 7 22.36 -6.13 15.28
N ASP A 8 21.96 -6.53 14.08
CA ASP A 8 20.73 -6.06 13.48
C ASP A 8 20.17 -7.08 12.50
N LYS A 9 18.91 -7.45 12.67
CA LYS A 9 18.26 -8.41 11.79
C LYS A 9 17.09 -7.77 11.05
N LEU A 10 16.49 -8.53 10.14
CA LEU A 10 15.36 -8.05 9.36
C LEU A 10 14.45 -9.20 8.93
N TYR A 11 13.19 -8.88 8.65
CA TYR A 11 12.23 -9.89 8.22
C TYR A 11 11.57 -9.49 6.91
N PRO A 12 11.68 -10.37 5.91
CA PRO A 12 11.11 -10.14 4.58
C PRO A 12 9.58 -10.20 4.60
N CYS A 13 8.95 -9.14 4.11
CA CYS A 13 7.49 -9.07 4.06
C CYS A 13 6.96 -9.58 2.72
N GLN A 14 5.66 -9.88 2.68
CA GLN A 14 5.04 -10.37 1.45
C GLN A 14 5.19 -9.37 0.32
N CYS A 15 5.05 -8.09 0.66
CA CYS A 15 5.17 -7.02 -0.33
C CYS A 15 6.61 -6.90 -0.84
N GLY A 16 7.56 -7.24 0.02
CA GLY A 16 8.95 -7.16 -0.35
C GLY A 16 9.79 -6.39 0.67
N LYS A 17 9.13 -5.49 1.40
CA LYS A 17 9.81 -4.69 2.40
C LYS A 17 10.44 -5.58 3.47
N SER A 18 11.19 -4.95 4.39
CA SER A 18 11.86 -5.68 5.46
C SER A 18 11.76 -4.92 6.77
N PHE A 19 11.40 -5.63 7.84
CA PHE A 19 11.27 -5.03 9.16
C PHE A 19 12.25 -5.64 10.14
N THR A 20 12.81 -4.81 11.02
CA THR A 20 13.77 -5.28 12.01
C THR A 20 13.12 -6.27 12.98
N HIS A 21 11.81 -6.16 13.15
CA HIS A 21 11.08 -7.05 14.05
C HIS A 21 10.05 -7.86 13.27
N LYS A 22 9.69 -9.02 13.81
CA LYS A 22 8.72 -9.90 13.17
C LYS A 22 7.33 -9.26 13.17
N SER A 23 6.81 -8.98 14.36
CA SER A 23 5.49 -8.38 14.50
C SER A 23 5.30 -7.27 13.48
N GLN A 24 6.32 -6.44 13.30
CA GLN A 24 6.26 -5.34 12.34
C GLN A 24 6.01 -5.85 10.94
N ARG A 25 6.59 -7.00 10.62
CA ARG A 25 6.44 -7.61 9.30
C ARG A 25 5.09 -8.32 9.18
N ASP A 26 4.72 -9.04 10.23
CA ASP A 26 3.46 -9.77 10.25
C ASP A 26 2.28 -8.83 10.05
N ARG A 27 2.20 -7.80 10.88
CA ARG A 27 1.13 -6.82 10.78
C ARG A 27 1.06 -6.22 9.39
N HIS A 28 2.22 -5.98 8.79
CA HIS A 28 2.29 -5.40 7.45
C HIS A 28 1.75 -6.39 6.41
N MET A 29 1.94 -7.68 6.67
CA MET A 29 1.48 -8.71 5.76
C MET A 29 -0.05 -8.76 5.71
N SER A 30 -0.67 -8.79 6.89
CA SER A 30 -2.12 -8.84 6.98
C SER A 30 -2.75 -7.74 6.14
N MET A 31 -2.20 -6.54 6.21
CA MET A 31 -2.70 -5.40 5.45
C MET A 31 -2.98 -5.80 4.00
N HIS A 32 -1.99 -6.40 3.36
CA HIS A 32 -2.12 -6.84 1.97
C HIS A 32 -3.35 -7.72 1.79
N LEU A 33 -3.59 -8.59 2.77
CA LEU A 33 -4.73 -9.49 2.71
C LEU A 33 -5.94 -8.89 3.42
N GLY A 34 -6.85 -8.32 2.64
CA GLY A 34 -8.04 -7.70 3.21
C GLY A 34 -8.56 -6.55 2.38
N LEU A 35 -7.71 -5.54 2.18
CA LEU A 35 -8.10 -4.37 1.39
C LEU A 35 -7.24 -4.26 0.13
N ARG A 36 -7.60 -3.32 -0.74
CA ARG A 36 -6.87 -3.10 -1.98
C ARG A 36 -6.10 -1.79 -1.93
N PRO A 37 -4.99 -1.73 -2.70
CA PRO A 37 -4.15 -0.54 -2.77
C PRO A 37 -4.83 0.62 -3.48
N TYR A 38 -5.85 0.30 -4.27
CA TYR A 38 -6.59 1.32 -5.02
C TYR A 38 -7.89 1.69 -4.30
N GLY A 39 -8.12 2.99 -4.13
CA GLY A 39 -9.31 3.46 -3.45
C GLY A 39 -9.80 4.79 -3.98
N CYS A 40 -11.11 4.92 -4.14
CA CYS A 40 -11.70 6.16 -4.65
C CYS A 40 -11.91 7.16 -3.51
N GLY A 41 -11.04 8.16 -3.45
CA GLY A 41 -11.15 9.18 -2.41
C GLY A 41 -12.20 10.22 -2.74
N VAL A 42 -13.31 9.79 -3.32
CA VAL A 42 -14.39 10.69 -3.68
C VAL A 42 -15.73 10.18 -3.17
N CYS A 43 -15.99 8.89 -3.40
CA CYS A 43 -17.24 8.27 -2.97
C CYS A 43 -16.99 7.28 -1.84
N GLY A 44 -15.86 6.57 -1.92
CA GLY A 44 -15.53 5.60 -0.89
C GLY A 44 -15.47 4.18 -1.43
N LYS A 45 -15.07 4.04 -2.69
CA LYS A 45 -14.97 2.74 -3.33
C LYS A 45 -13.53 2.26 -3.35
N LYS A 46 -13.32 1.04 -3.86
CA LYS A 46 -11.98 0.47 -3.94
C LYS A 46 -11.92 -0.61 -5.02
N PHE A 47 -10.72 -0.87 -5.53
CA PHE A 47 -10.53 -1.87 -6.56
C PHE A 47 -9.19 -2.59 -6.40
N LYS A 48 -9.12 -3.83 -6.86
CA LYS A 48 -7.89 -4.61 -6.76
C LYS A 48 -6.90 -4.22 -7.86
N MET A 49 -7.41 -4.04 -9.07
CA MET A 49 -6.57 -3.66 -10.20
C MET A 49 -6.53 -2.15 -10.36
N LYS A 50 -5.64 -1.67 -11.23
CA LYS A 50 -5.50 -0.24 -11.48
C LYS A 50 -6.53 0.24 -12.50
N HIS A 51 -6.65 -0.50 -13.61
CA HIS A 51 -7.59 -0.15 -14.65
C HIS A 51 -9.03 -0.41 -14.21
N HIS A 52 -9.17 -1.10 -13.08
CA HIS A 52 -10.50 -1.41 -12.54
C HIS A 52 -11.07 -0.21 -11.79
N LEU A 53 -10.20 0.66 -11.30
CA LEU A 53 -10.63 1.84 -10.57
C LEU A 53 -10.94 2.99 -11.52
N VAL A 54 -10.11 3.14 -12.55
CA VAL A 54 -10.30 4.21 -13.52
C VAL A 54 -11.72 4.20 -14.09
N GLY A 55 -12.10 3.09 -14.73
CA GLY A 55 -13.43 2.97 -15.29
C GLY A 55 -14.50 3.52 -14.38
N HIS A 56 -14.19 3.59 -13.08
CA HIS A 56 -15.13 4.11 -12.11
C HIS A 56 -14.85 5.57 -11.78
N MET A 57 -13.57 5.91 -11.66
CA MET A 57 -13.16 7.28 -11.35
C MET A 57 -13.73 8.25 -12.38
N LYS A 58 -13.96 7.76 -13.60
CA LYS A 58 -14.50 8.58 -14.67
C LYS A 58 -15.86 9.14 -14.29
N ILE A 59 -16.42 8.64 -13.19
CA ILE A 59 -17.72 9.09 -12.72
C ILE A 59 -17.59 10.33 -11.84
N HIS A 60 -16.39 10.55 -11.32
CA HIS A 60 -16.13 11.70 -10.46
C HIS A 60 -15.23 12.71 -11.16
N THR A 61 -14.22 12.21 -11.86
CA THR A 61 -13.30 13.08 -12.58
C THR A 61 -13.96 13.72 -13.79
N GLY A 62 -14.61 14.86 -13.57
CA GLY A 62 -15.28 15.56 -14.65
C GLY A 62 -14.33 16.43 -15.46
N ILE A 63 -14.53 17.73 -15.38
CA ILE A 63 -13.68 18.67 -16.12
C ILE A 63 -12.47 19.09 -15.29
N LYS A 64 -11.39 19.45 -15.97
CA LYS A 64 -10.17 19.88 -15.29
C LYS A 64 -9.94 21.37 -15.47
N PRO A 65 -10.48 22.18 -14.53
CA PRO A 65 -10.35 23.63 -14.58
C PRO A 65 -8.92 24.09 -14.29
N TYR A 66 -8.31 23.50 -13.26
CA TYR A 66 -6.94 23.86 -12.89
C TYR A 66 -6.15 22.62 -12.50
N GLU A 67 -4.90 22.56 -12.94
CA GLU A 67 -4.03 21.43 -12.65
C GLU A 67 -2.59 21.88 -12.42
N CYS A 68 -1.89 21.19 -11.54
CA CYS A 68 -0.50 21.52 -11.22
C CYS A 68 0.41 21.22 -12.42
N ASN A 69 1.68 21.63 -12.30
CA ASN A 69 2.65 21.40 -13.36
C ASN A 69 3.67 20.35 -12.95
N ILE A 70 3.99 20.33 -11.66
CA ILE A 70 4.97 19.37 -11.14
C ILE A 70 4.33 18.00 -10.94
N CYS A 71 3.34 17.93 -10.06
CA CYS A 71 2.65 16.68 -9.78
C CYS A 71 1.43 16.51 -10.69
N ALA A 72 1.08 17.57 -11.40
CA ALA A 72 -0.06 17.54 -12.31
C ALA A 72 -1.35 17.25 -11.55
N LYS A 73 -1.40 17.64 -10.29
CA LYS A 73 -2.57 17.41 -9.46
C LYS A 73 -3.77 18.19 -9.99
N ARG A 74 -4.97 17.73 -9.66
CA ARG A 74 -6.19 18.38 -10.11
C ARG A 74 -6.90 19.06 -8.95
N PHE A 75 -7.30 20.31 -9.15
CA PHE A 75 -7.99 21.07 -8.11
C PHE A 75 -9.22 21.76 -8.68
N MET A 76 -10.40 21.31 -8.25
CA MET A 76 -11.65 21.88 -8.72
C MET A 76 -11.76 23.35 -8.31
N TRP A 77 -11.30 23.66 -7.10
CA TRP A 77 -11.35 25.02 -6.59
C TRP A 77 -10.28 25.89 -7.24
N ARG A 78 -10.30 27.18 -6.94
CA ARG A 78 -9.33 28.11 -7.49
C ARG A 78 -8.26 28.47 -6.46
N ASP A 79 -8.71 29.06 -5.35
CA ASP A 79 -7.79 29.46 -4.28
C ASP A 79 -6.89 28.30 -3.88
N SER A 80 -7.49 27.14 -3.64
CA SER A 80 -6.76 25.95 -3.24
C SER A 80 -5.77 25.55 -4.32
N PHE A 81 -6.17 25.67 -5.58
CA PHE A 81 -5.32 25.31 -6.70
C PHE A 81 -4.01 26.09 -6.67
N HIS A 82 -4.12 27.40 -6.84
CA HIS A 82 -2.94 28.28 -6.83
C HIS A 82 -2.22 28.18 -5.49
N ARG A 83 -2.99 28.06 -4.42
CA ARG A 83 -2.42 27.97 -3.07
C ARG A 83 -1.42 26.82 -2.98
N HIS A 84 -1.74 25.70 -3.61
CA HIS A 84 -0.87 24.54 -3.60
C HIS A 84 0.29 24.72 -4.59
N VAL A 85 -0.03 24.79 -5.87
CA VAL A 85 0.97 24.97 -6.90
C VAL A 85 2.08 25.91 -6.43
N THR A 86 1.68 27.01 -5.82
CA THR A 86 2.64 28.00 -5.33
C THR A 86 3.76 27.33 -4.53
N SER A 87 3.38 26.44 -3.62
CA SER A 87 4.35 25.73 -2.79
C SER A 87 4.95 24.55 -3.54
N CYS A 88 4.08 23.71 -4.11
CA CYS A 88 4.53 22.55 -4.86
C CYS A 88 5.71 22.90 -5.77
N THR A 89 5.82 24.18 -6.11
CA THR A 89 6.91 24.65 -6.97
C THR A 89 8.12 25.05 -6.14
N LYS A 90 7.90 25.86 -5.12
CA LYS A 90 8.97 26.32 -4.25
C LYS A 90 10.04 25.25 -4.08
N SER A 91 9.60 24.01 -3.81
CA SER A 91 10.51 22.89 -3.62
C SER A 91 11.10 22.45 -4.96
N TYR A 92 10.23 22.28 -5.95
CA TYR A 92 10.67 21.85 -7.28
C TYR A 92 11.81 22.72 -7.79
N GLU A 93 11.62 24.04 -7.72
CA GLU A 93 12.63 24.99 -8.16
C GLU A 93 14.00 24.59 -7.64
N ALA A 94 14.06 24.19 -6.37
CA ALA A 94 15.32 23.79 -5.75
C ALA A 94 15.90 22.56 -6.43
N ALA A 95 15.03 21.63 -6.81
CA ALA A 95 15.46 20.41 -7.47
C ALA A 95 16.26 20.71 -8.73
N LYS A 96 15.67 21.51 -9.62
CA LYS A 96 16.33 21.88 -10.87
C LYS A 96 17.82 22.13 -10.64
N ALA A 97 18.14 22.80 -9.54
CA ALA A 97 19.53 23.09 -9.21
C ALA A 97 20.17 24.00 -10.26
N GLU A 98 19.40 24.99 -10.72
CA GLU A 98 19.89 25.93 -11.72
C GLU A 98 20.90 25.26 -12.64
N GLN A 99 20.56 24.07 -13.13
CA GLN A 99 21.44 23.33 -14.02
C GLN A 99 22.75 22.98 -13.31
N ASN A 100 22.65 22.41 -12.12
CA ASN A 100 23.82 22.03 -11.35
C ASN A 100 24.02 20.51 -11.37
N THR A 101 22.91 19.77 -11.31
CA THR A 101 22.97 18.32 -11.32
C THR A 101 23.14 17.79 -12.74
N THR A 102 23.92 16.73 -12.88
CA THR A 102 24.17 16.12 -14.18
C THR A 102 22.92 15.45 -14.72
N GLU A 103 22.33 16.04 -15.75
CA GLU A 103 21.12 15.50 -16.36
C GLU A 103 21.31 15.30 -17.86
N ALA A 104 20.37 14.60 -18.48
CA ALA A 104 20.43 14.34 -19.91
C ALA A 104 19.06 13.97 -20.46
N SER A 105 18.88 14.16 -21.77
CA SER A 105 17.61 13.85 -22.42
C SER A 105 17.81 13.56 -23.91
N GLY A 106 17.21 12.48 -24.38
CA GLY A 106 17.34 12.12 -25.78
C GLY A 106 16.03 12.22 -26.53
N PRO A 107 16.12 12.31 -27.86
CA PRO A 107 14.93 12.43 -28.73
C PRO A 107 14.11 11.13 -28.76
N SER A 108 13.07 11.12 -29.59
CA SER A 108 12.20 9.95 -29.71
C SER A 108 12.20 9.43 -31.14
N SER A 109 11.71 10.25 -32.07
CA SER A 109 11.64 9.86 -33.47
C SER A 109 11.58 11.09 -34.37
N GLY A 110 11.63 10.87 -35.68
CA GLY A 110 11.58 11.97 -36.62
C GLY A 110 11.93 11.54 -38.03
N GLY A 1 38.90 -8.57 31.47
CA GLY A 1 38.41 -7.74 30.39
C GLY A 1 37.64 -8.53 29.36
N SER A 2 36.89 -7.83 28.51
CA SER A 2 36.09 -8.47 27.48
C SER A 2 35.67 -7.47 26.41
N SER A 3 35.04 -7.97 25.36
CA SER A 3 34.58 -7.11 24.26
C SER A 3 33.50 -7.82 23.44
N GLY A 4 32.98 -7.11 22.43
CA GLY A 4 31.95 -7.67 21.59
C GLY A 4 31.46 -6.70 20.53
N SER A 5 30.53 -7.15 19.70
CA SER A 5 29.99 -6.31 18.63
C SER A 5 28.51 -6.60 18.42
N SER A 6 27.90 -5.85 17.51
CA SER A 6 26.48 -6.02 17.21
C SER A 6 26.26 -6.25 15.71
N GLY A 7 25.05 -6.65 15.36
CA GLY A 7 24.73 -6.90 13.96
C GLY A 7 23.48 -6.17 13.51
N ASP A 8 22.83 -6.70 12.49
CA ASP A 8 21.61 -6.09 11.95
C ASP A 8 20.70 -7.15 11.33
N LYS A 9 19.62 -7.49 12.03
CA LYS A 9 18.68 -8.48 11.54
C LYS A 9 17.47 -7.81 10.91
N LEU A 10 16.81 -8.52 10.00
CA LEU A 10 15.62 -8.00 9.32
C LEU A 10 14.63 -9.12 9.02
N TYR A 11 13.42 -8.74 8.64
CA TYR A 11 12.37 -9.70 8.32
C TYR A 11 11.67 -9.33 7.03
N PRO A 12 11.74 -10.23 6.03
CA PRO A 12 11.11 -10.02 4.73
C PRO A 12 9.58 -10.08 4.80
N CYS A 13 8.92 -9.15 4.12
CA CYS A 13 7.46 -9.11 4.11
C CYS A 13 6.91 -9.57 2.76
N GLN A 14 5.63 -9.91 2.73
CA GLN A 14 4.99 -10.37 1.51
C GLN A 14 5.22 -9.38 0.37
N CYS A 15 5.10 -8.09 0.67
CA CYS A 15 5.29 -7.05 -0.32
C CYS A 15 6.74 -7.03 -0.81
N GLY A 16 7.66 -7.40 0.08
CA GLY A 16 9.07 -7.41 -0.27
C GLY A 16 9.90 -6.58 0.70
N LYS A 17 9.26 -5.68 1.42
CA LYS A 17 9.94 -4.83 2.38
C LYS A 17 10.61 -5.66 3.47
N SER A 18 11.40 -5.00 4.32
CA SER A 18 12.09 -5.68 5.41
C SER A 18 11.95 -4.90 6.71
N PHE A 19 11.49 -5.58 7.75
CA PHE A 19 11.31 -4.96 9.06
C PHE A 19 12.34 -5.47 10.06
N THR A 20 12.65 -4.65 11.05
CA THR A 20 13.63 -5.02 12.06
C THR A 20 13.07 -6.10 13.00
N HIS A 21 11.75 -6.17 13.07
CA HIS A 21 11.08 -7.15 13.92
C HIS A 21 10.08 -7.98 13.12
N LYS A 22 9.68 -9.12 13.68
CA LYS A 22 8.73 -10.00 13.03
C LYS A 22 7.31 -9.48 13.18
N SER A 23 6.99 -8.98 14.36
CA SER A 23 5.66 -8.44 14.63
C SER A 23 5.33 -7.29 13.69
N GLN A 24 6.36 -6.55 13.29
CA GLN A 24 6.17 -5.42 12.38
C GLN A 24 5.93 -5.90 10.95
N ARG A 25 6.61 -6.99 10.58
CA ARG A 25 6.47 -7.55 9.24
C ARG A 25 5.15 -8.30 9.10
N ASP A 26 4.68 -8.87 10.20
CA ASP A 26 3.42 -9.62 10.21
C ASP A 26 2.24 -8.69 9.99
N ARG A 27 2.17 -7.63 10.78
CA ARG A 27 1.09 -6.66 10.68
C ARG A 27 0.98 -6.10 9.26
N HIS A 28 2.12 -6.03 8.58
CA HIS A 28 2.16 -5.53 7.20
C HIS A 28 1.74 -6.61 6.21
N MET A 29 1.72 -7.85 6.68
CA MET A 29 1.34 -8.97 5.84
C MET A 29 -0.17 -9.13 5.77
N SER A 30 -0.82 -9.03 6.93
CA SER A 30 -2.27 -9.17 7.02
C SER A 30 -2.96 -8.00 6.33
N MET A 31 -2.42 -6.80 6.53
CA MET A 31 -2.98 -5.59 5.93
C MET A 31 -3.07 -5.73 4.42
N HIS A 32 -2.12 -6.46 3.84
CA HIS A 32 -2.09 -6.66 2.40
C HIS A 32 -3.39 -7.29 1.91
N LEU A 33 -3.77 -8.40 2.53
CA LEU A 33 -5.00 -9.11 2.17
C LEU A 33 -6.23 -8.23 2.40
N GLY A 34 -6.26 -7.56 3.55
CA GLY A 34 -7.38 -6.70 3.88
C GLY A 34 -8.53 -7.46 4.52
N LEU A 35 -8.68 -7.31 5.83
CA LEU A 35 -9.74 -7.99 6.55
C LEU A 35 -10.28 -7.11 7.68
N ARG A 36 -11.56 -6.75 7.60
CA ARG A 36 -12.18 -5.91 8.61
C ARG A 36 -13.66 -6.28 8.77
N PRO A 37 -14.04 -6.63 10.01
CA PRO A 37 -15.42 -7.01 10.34
C PRO A 37 -16.38 -5.83 10.27
N TYR A 38 -15.82 -4.63 10.30
CA TYR A 38 -16.63 -3.41 10.24
C TYR A 38 -16.62 -2.82 8.83
N GLY A 39 -17.79 -2.78 8.21
CA GLY A 39 -17.90 -2.24 6.87
C GLY A 39 -18.98 -1.17 6.77
N CYS A 40 -18.61 -0.02 6.21
CA CYS A 40 -19.55 1.09 6.05
C CYS A 40 -20.46 0.85 4.85
N GLY A 41 -21.71 0.50 5.13
CA GLY A 41 -22.67 0.25 4.07
C GLY A 41 -23.26 1.53 3.52
N VAL A 42 -22.43 2.57 3.42
CA VAL A 42 -22.88 3.85 2.90
C VAL A 42 -21.95 4.35 1.79
N CYS A 43 -20.66 4.25 2.02
CA CYS A 43 -19.66 4.69 1.05
C CYS A 43 -18.85 3.51 0.53
N GLY A 44 -18.56 2.56 1.41
CA GLY A 44 -17.79 1.39 1.03
C GLY A 44 -16.46 1.30 1.75
N LYS A 45 -16.43 1.82 2.98
CA LYS A 45 -15.21 1.79 3.78
C LYS A 45 -15.22 0.61 4.75
N LYS A 46 -14.15 0.50 5.53
CA LYS A 46 -14.04 -0.59 6.50
C LYS A 46 -13.05 -0.23 7.61
N PHE A 47 -13.21 -0.86 8.77
CA PHE A 47 -12.33 -0.60 9.90
C PHE A 47 -12.13 -1.87 10.73
N LYS A 48 -10.97 -1.98 11.37
CA LYS A 48 -10.64 -3.13 12.19
C LYS A 48 -11.33 -3.04 13.55
N MET A 49 -11.33 -1.85 14.14
CA MET A 49 -11.94 -1.62 15.43
C MET A 49 -13.37 -1.08 15.27
N LYS A 50 -14.13 -1.14 16.36
CA LYS A 50 -15.51 -0.66 16.32
C LYS A 50 -15.56 0.86 16.42
N HIS A 51 -14.80 1.42 17.36
CA HIS A 51 -14.76 2.87 17.55
C HIS A 51 -13.98 3.54 16.43
N HIS A 52 -13.44 2.73 15.52
CA HIS A 52 -12.68 3.24 14.39
C HIS A 52 -13.60 3.56 13.21
N LEU A 53 -14.76 2.91 13.18
CA LEU A 53 -15.72 3.13 12.10
C LEU A 53 -16.66 4.28 12.44
N VAL A 54 -17.09 4.35 13.70
CA VAL A 54 -17.99 5.40 14.14
C VAL A 54 -17.45 6.78 13.77
N GLY A 55 -16.24 7.08 14.21
CA GLY A 55 -15.63 8.36 13.92
C GLY A 55 -15.78 8.74 12.45
N HIS A 56 -16.02 7.75 11.61
CA HIS A 56 -16.17 7.97 10.17
C HIS A 56 -17.65 8.07 9.80
N MET A 57 -18.45 7.15 10.34
CA MET A 57 -19.88 7.12 10.06
C MET A 57 -20.51 8.49 10.32
N LYS A 58 -19.90 9.25 11.23
CA LYS A 58 -20.41 10.58 11.58
C LYS A 58 -20.49 11.46 10.34
N ILE A 59 -19.71 11.13 9.31
CA ILE A 59 -19.70 11.89 8.08
C ILE A 59 -20.98 11.66 7.28
N HIS A 60 -21.53 10.45 7.40
CA HIS A 60 -22.75 10.09 6.70
C HIS A 60 -23.98 10.48 7.50
N THR A 61 -24.12 9.89 8.69
CA THR A 61 -25.26 10.18 9.56
C THR A 61 -25.06 11.50 10.31
N GLY A 62 -26.16 12.19 10.57
CA GLY A 62 -26.09 13.46 11.27
C GLY A 62 -26.28 14.65 10.36
N ILE A 63 -26.41 15.84 10.95
CA ILE A 63 -26.61 17.05 10.18
C ILE A 63 -25.31 17.84 10.06
N LYS A 64 -25.25 18.74 9.08
CA LYS A 64 -24.07 19.56 8.88
C LYS A 64 -24.44 21.04 8.74
N PRO A 65 -24.78 21.66 9.87
CA PRO A 65 -25.17 23.08 9.91
C PRO A 65 -24.00 24.00 9.64
N TYR A 66 -22.78 23.52 9.88
CA TYR A 66 -21.58 24.30 9.66
C TYR A 66 -20.56 23.52 8.85
N GLU A 67 -19.87 24.21 7.94
CA GLU A 67 -18.87 23.58 7.10
C GLU A 67 -17.75 24.56 6.76
N CYS A 68 -16.51 24.15 7.04
CA CYS A 68 -15.35 25.00 6.76
C CYS A 68 -15.33 25.45 5.30
N ASN A 69 -14.41 26.34 4.97
CA ASN A 69 -14.30 26.86 3.61
C ASN A 69 -13.02 26.34 2.95
N ILE A 70 -11.94 26.29 3.71
CA ILE A 70 -10.66 25.82 3.21
C ILE A 70 -10.69 24.31 2.97
N CYS A 71 -10.79 23.55 4.04
CA CYS A 71 -10.84 22.10 3.96
C CYS A 71 -12.26 21.61 3.68
N ALA A 72 -13.22 22.51 3.80
CA ALA A 72 -14.62 22.17 3.56
C ALA A 72 -15.10 21.11 4.54
N LYS A 73 -14.46 21.04 5.70
CA LYS A 73 -14.82 20.06 6.72
C LYS A 73 -16.22 20.34 7.27
N ARG A 74 -16.84 19.31 7.83
CA ARG A 74 -18.19 19.44 8.39
C ARG A 74 -18.16 19.25 9.91
N PHE A 75 -18.84 20.13 10.62
CA PHE A 75 -18.90 20.05 12.09
C PHE A 75 -20.35 20.06 12.57
N MET A 76 -20.56 19.54 13.78
CA MET A 76 -21.89 19.49 14.36
C MET A 76 -22.10 20.65 15.34
N TRP A 77 -21.06 20.97 16.09
CA TRP A 77 -21.13 22.06 17.06
C TRP A 77 -20.66 23.37 16.44
N ARG A 78 -21.30 24.47 16.84
CA ARG A 78 -20.94 25.78 16.33
C ARG A 78 -19.59 26.23 16.86
N ASP A 79 -19.35 25.99 18.14
CA ASP A 79 -18.09 26.36 18.78
C ASP A 79 -16.91 25.71 18.06
N SER A 80 -17.09 24.45 17.67
CA SER A 80 -16.04 23.71 16.98
C SER A 80 -15.79 24.28 15.59
N PHE A 81 -16.87 24.55 14.86
CA PHE A 81 -16.76 25.10 13.52
C PHE A 81 -15.91 26.36 13.51
N HIS A 82 -16.34 27.37 14.26
CA HIS A 82 -15.63 28.63 14.35
C HIS A 82 -14.25 28.44 14.98
N ARG A 83 -14.21 27.68 16.07
CA ARG A 83 -12.97 27.41 16.78
C ARG A 83 -11.91 26.84 15.82
N HIS A 84 -12.35 25.99 14.92
CA HIS A 84 -11.46 25.37 13.95
C HIS A 84 -11.20 26.31 12.77
N VAL A 85 -12.27 26.69 12.09
CA VAL A 85 -12.16 27.58 10.94
C VAL A 85 -11.27 28.78 11.26
N THR A 86 -11.56 29.44 12.37
CA THR A 86 -10.78 30.61 12.79
C THR A 86 -9.29 30.36 12.60
N SER A 87 -8.89 29.09 12.67
CA SER A 87 -7.49 28.72 12.51
C SER A 87 -7.21 28.19 11.11
N CYS A 88 -8.14 27.39 10.60
CA CYS A 88 -8.00 26.81 9.27
C CYS A 88 -7.75 27.89 8.23
N THR A 89 -8.13 29.12 8.56
CA THR A 89 -7.96 30.25 7.65
C THR A 89 -6.58 30.87 7.81
N LYS A 90 -6.22 31.18 9.05
CA LYS A 90 -4.92 31.78 9.35
C LYS A 90 -3.85 31.24 8.40
N SER A 91 -3.69 29.93 8.39
CA SER A 91 -2.70 29.29 7.53
C SER A 91 -2.99 29.56 6.06
N TYR A 92 -4.26 29.45 5.69
CA TYR A 92 -4.68 29.68 4.31
C TYR A 92 -4.26 31.07 3.84
N GLU A 93 -4.67 32.09 4.58
CA GLU A 93 -4.33 33.46 4.24
C GLU A 93 -2.82 33.64 4.06
N ALA A 94 -2.06 33.08 4.99
CA ALA A 94 -0.61 33.15 4.94
C ALA A 94 -0.09 32.89 3.53
N ALA A 95 -0.55 31.79 2.94
CA ALA A 95 -0.13 31.43 1.59
C ALA A 95 -0.87 32.26 0.55
N LYS A 96 -2.17 32.42 0.73
CA LYS A 96 -2.98 33.20 -0.20
C LYS A 96 -2.30 34.51 -0.54
N ALA A 97 -2.56 35.01 -1.75
CA ALA A 97 -1.98 36.27 -2.19
C ALA A 97 -0.46 36.20 -2.19
N GLU A 98 0.07 35.09 -2.65
CA GLU A 98 1.52 34.89 -2.70
C GLU A 98 2.13 35.63 -3.89
N GLN A 99 1.49 35.49 -5.05
CA GLN A 99 1.97 36.14 -6.27
C GLN A 99 1.50 37.59 -6.33
N ASN A 100 0.38 37.88 -5.67
CA ASN A 100 -0.17 39.23 -5.64
C ASN A 100 0.88 40.24 -5.19
N THR A 101 1.64 39.87 -4.16
CA THR A 101 2.68 40.75 -3.63
C THR A 101 3.94 40.69 -4.48
N THR A 102 4.59 41.83 -4.64
CA THR A 102 5.81 41.90 -5.43
C THR A 102 6.73 40.72 -5.14
N GLU A 103 7.11 40.00 -6.19
CA GLU A 103 7.99 38.84 -6.04
C GLU A 103 9.45 39.28 -5.86
N ALA A 104 10.13 38.64 -4.92
CA ALA A 104 11.53 38.96 -4.65
C ALA A 104 12.46 38.18 -5.58
N SER A 105 13.75 38.51 -5.52
CA SER A 105 14.73 37.85 -6.36
C SER A 105 14.91 36.39 -5.94
N GLY A 106 14.13 35.51 -6.55
CA GLY A 106 14.20 34.10 -6.23
C GLY A 106 15.25 33.37 -7.05
N PRO A 107 16.32 32.90 -6.38
CA PRO A 107 17.42 32.19 -7.02
C PRO A 107 17.00 30.81 -7.52
N SER A 108 17.61 30.37 -8.61
CA SER A 108 17.29 29.07 -9.19
C SER A 108 17.53 27.96 -8.17
N SER A 109 17.11 26.74 -8.54
CA SER A 109 17.26 25.59 -7.65
C SER A 109 17.24 24.30 -8.44
N GLY A 110 17.49 23.19 -7.75
CA GLY A 110 17.49 21.89 -8.41
C GLY A 110 18.83 21.54 -9.01
#